data_6X0R
#
_entry.id   6X0R
#
_cell.length_a   218.697
_cell.length_b   176.213
_cell.length_c   102.248
_cell.angle_alpha   90.000
_cell.angle_beta   99.155
_cell.angle_gamma   90.000
#
_symmetry.space_group_name_H-M   'C 1 2 1'
#
_entity_poly.entity_id   1
_entity_poly.type   'polypeptide(L)'
_entity_poly.pdbx_seq_one_letter_code
;GANPTTAETLDATRRVDDATVAIRSAINNLIVELIRGTGSYNRSSFESSSGLVWTSGPAGEGSYSITTPSQFVFLSSAWA
DPIELINLCTNALGNQFQTQHARTVVQRQFSEVWKPSPQVTVRFPDSDFKVYRYNAVLDPLVTALLGAFDTRNRIIEVEN
Q
;
_entity_poly.pdbx_strand_id   A,B,C,D,E,F,G,H,I,J,K,L,M,N,O,P,Q
#
# COMPACT_ATOMS: atom_id res chain seq x y z
N THR A 13 -24.79 -21.02 5.55
CA THR A 13 -26.23 -21.21 5.34
C THR A 13 -26.49 -22.41 4.43
N ARG A 14 -26.54 -23.60 5.02
CA ARG A 14 -26.77 -24.84 4.28
C ARG A 14 -28.27 -25.11 4.22
N ARG A 15 -28.94 -24.46 3.27
CA ARG A 15 -30.36 -24.73 3.04
C ARG A 15 -30.58 -26.08 2.39
N VAL A 16 -29.52 -26.70 1.86
CA VAL A 16 -29.65 -28.02 1.25
C VAL A 16 -29.81 -29.11 2.31
N ASP A 17 -29.34 -28.85 3.54
CA ASP A 17 -29.47 -29.83 4.60
C ASP A 17 -30.90 -29.95 5.10
N ASP A 18 -31.72 -28.91 4.91
CA ASP A 18 -33.13 -28.97 5.29
C ASP A 18 -34.02 -29.49 4.18
N ALA A 19 -33.65 -29.23 2.92
CA ALA A 19 -34.46 -29.72 1.80
C ALA A 19 -34.39 -31.25 1.69
N THR A 20 -33.25 -31.84 2.02
CA THR A 20 -33.13 -33.30 1.98
C THR A 20 -34.07 -33.95 2.98
N VAL A 21 -34.16 -33.39 4.19
CA VAL A 21 -35.06 -33.93 5.20
C VAL A 21 -36.50 -33.87 4.71
N ALA A 22 -36.89 -32.76 4.09
CA ALA A 22 -38.26 -32.63 3.59
C ALA A 22 -38.53 -33.62 2.46
N ILE A 23 -37.57 -33.78 1.55
CA ILE A 23 -37.74 -34.73 0.45
C ILE A 23 -37.92 -36.15 0.99
N ARG A 24 -37.06 -36.54 1.93
CA ARG A 24 -37.13 -37.90 2.47
C ARG A 24 -38.42 -38.12 3.26
N SER A 25 -38.83 -37.14 4.05
CA SER A 25 -40.08 -37.28 4.79
C SER A 25 -41.29 -37.34 3.87
N ALA A 26 -41.23 -36.63 2.73
CA ALA A 26 -42.32 -36.71 1.77
C ALA A 26 -42.36 -38.07 1.10
N ILE A 27 -41.20 -38.60 0.72
CA ILE A 27 -41.15 -39.94 0.14
C ILE A 27 -41.70 -40.96 1.13
N ASN A 28 -41.35 -40.82 2.41
CA ASN A 28 -41.84 -41.76 3.42
C ASN A 28 -43.34 -41.63 3.61
N ASN A 29 -43.85 -40.40 3.66
CA ASN A 29 -45.29 -40.21 3.81
C ASN A 29 -46.06 -40.75 2.60
N LEU A 30 -45.46 -40.71 1.42
CA LEU A 30 -46.10 -41.30 0.25
C LEU A 30 -46.07 -42.83 0.32
N ILE A 31 -44.93 -43.38 0.76
CA ILE A 31 -44.81 -44.83 0.88
C ILE A 31 -45.81 -45.37 1.89
N VAL A 32 -46.07 -44.59 2.94
CA VAL A 32 -47.03 -45.03 3.97
C VAL A 32 -48.40 -45.31 3.34
N GLU A 33 -48.84 -44.46 2.43
CA GLU A 33 -50.15 -44.67 1.81
C GLU A 33 -50.08 -45.65 0.64
N LEU A 34 -48.96 -45.69 -0.08
CA LEU A 34 -48.81 -46.68 -1.15
C LEU A 34 -48.81 -48.10 -0.62
N ILE A 35 -48.28 -48.31 0.60
CA ILE A 35 -48.31 -49.64 1.20
C ILE A 35 -49.75 -50.06 1.47
N ARG A 36 -50.58 -49.13 1.93
CA ARG A 36 -51.98 -49.44 2.19
C ARG A 36 -52.79 -49.65 0.92
N GLY A 37 -52.26 -49.27 -0.23
CA GLY A 37 -52.97 -49.44 -1.48
C GLY A 37 -53.93 -48.33 -1.81
N THR A 38 -54.08 -47.33 -0.94
CA THR A 38 -55.05 -46.26 -1.17
C THR A 38 -54.76 -45.53 -2.47
N GLY A 39 -55.81 -45.26 -3.23
CA GLY A 39 -55.67 -44.60 -4.51
C GLY A 39 -55.52 -45.53 -5.70
N SER A 40 -55.72 -46.83 -5.53
CA SER A 40 -55.57 -47.80 -6.59
C SER A 40 -56.93 -48.29 -7.04
N TYR A 41 -57.18 -48.24 -8.35
CA TYR A 41 -58.46 -48.64 -8.92
C TYR A 41 -58.23 -49.67 -10.03
N ASN A 42 -59.22 -50.52 -10.24
CA ASN A 42 -59.32 -51.37 -11.41
C ASN A 42 -60.50 -50.88 -12.25
N ARG A 43 -60.85 -51.65 -13.29
CA ARG A 43 -61.97 -51.26 -14.15
C ARG A 43 -63.25 -51.11 -13.33
N SER A 44 -63.52 -52.07 -12.45
CA SER A 44 -64.73 -52.05 -11.65
C SER A 44 -64.79 -50.82 -10.76
N SER A 45 -63.78 -50.62 -9.93
CA SER A 45 -63.80 -49.51 -8.98
C SER A 45 -63.72 -48.16 -9.68
N PHE A 46 -62.95 -48.08 -10.77
CA PHE A 46 -62.86 -46.82 -11.52
C PHE A 46 -64.22 -46.44 -12.10
N GLU A 47 -64.83 -47.36 -12.86
CA GLU A 47 -66.12 -47.06 -13.46
C GLU A 47 -67.23 -46.91 -12.43
N SER A 48 -67.05 -47.46 -11.23
CA SER A 48 -68.05 -47.27 -10.19
C SER A 48 -67.93 -45.90 -9.54
N SER A 49 -66.72 -45.51 -9.13
CA SER A 49 -66.53 -44.29 -8.37
C SER A 49 -66.47 -43.04 -9.25
N SER A 50 -66.14 -43.18 -10.53
CA SER A 50 -66.05 -42.03 -11.42
C SER A 50 -67.38 -41.68 -12.08
N GLY A 51 -68.34 -42.60 -12.08
CA GLY A 51 -69.62 -42.34 -12.73
C GLY A 51 -69.61 -42.54 -14.23
N LEU A 52 -68.46 -42.82 -14.82
CA LEU A 52 -68.38 -43.00 -16.26
C LEU A 52 -68.98 -44.33 -16.66
N VAL A 53 -69.81 -44.32 -17.70
CA VAL A 53 -70.47 -45.51 -18.21
C VAL A 53 -69.91 -45.81 -19.59
N TRP A 54 -69.44 -47.04 -19.78
CA TRP A 54 -68.91 -47.47 -21.07
C TRP A 54 -70.04 -48.05 -21.90
N THR A 55 -70.31 -47.44 -23.04
CA THR A 55 -71.34 -47.93 -23.97
C THR A 55 -70.64 -48.74 -25.06
N SER A 56 -70.90 -50.04 -25.08
CA SER A 56 -70.22 -50.97 -25.99
C SER A 56 -70.89 -50.88 -27.36
N GLY A 57 -70.60 -49.80 -28.08
CA GLY A 57 -71.10 -49.60 -29.40
C GLY A 57 -70.53 -50.61 -30.38
N PRO A 58 -71.20 -50.78 -31.52
CA PRO A 58 -70.67 -51.67 -32.56
C PRO A 58 -69.52 -51.01 -33.31
N ALA A 59 -68.52 -51.81 -33.66
CA ALA A 59 -68.49 -53.22 -33.29
C ALA A 59 -67.35 -53.51 -32.31
N GLY A 60 -66.17 -52.98 -32.63
CA GLY A 60 -65.01 -53.17 -31.78
C GLY A 60 -64.60 -51.93 -30.99
N GLU A 61 -65.31 -50.82 -31.20
CA GLU A 61 -65.03 -49.58 -30.51
C GLU A 61 -66.13 -49.30 -29.48
N GLY A 62 -65.88 -48.27 -28.68
CA GLY A 62 -66.84 -47.83 -27.68
C GLY A 62 -66.40 -46.52 -27.09
N SER A 63 -67.13 -46.08 -26.07
CA SER A 63 -66.81 -44.78 -25.47
C SER A 63 -67.44 -44.67 -24.09
N TYR A 64 -66.84 -43.80 -23.28
CA TYR A 64 -67.43 -43.41 -22.01
C TYR A 64 -68.41 -42.25 -22.23
N SER A 65 -69.46 -42.23 -21.41
CA SER A 65 -70.48 -41.20 -21.47
C SER A 65 -70.17 -40.15 -20.40
N ILE A 66 -69.82 -38.96 -20.84
CA ILE A 66 -69.47 -37.86 -19.94
C ILE A 66 -70.75 -37.15 -19.53
N THR A 67 -71.04 -37.17 -18.23
CA THR A 67 -72.25 -36.56 -17.68
C THR A 67 -71.98 -35.20 -17.04
N THR A 68 -70.83 -35.05 -16.38
CA THR A 68 -70.42 -33.79 -15.78
C THR A 68 -68.98 -33.50 -16.16
N PRO A 69 -68.61 -32.22 -16.25
CA PRO A 69 -67.22 -31.90 -16.64
C PRO A 69 -66.18 -32.31 -15.60
N SER A 70 -66.57 -32.44 -14.33
CA SER A 70 -65.63 -32.85 -13.30
C SER A 70 -65.05 -34.23 -13.57
N GLN A 71 -65.66 -35.01 -14.47
CA GLN A 71 -65.16 -36.33 -14.83
C GLN A 71 -63.99 -36.28 -15.80
N PHE A 72 -63.65 -35.10 -16.34
CA PHE A 72 -62.55 -35.02 -17.30
C PHE A 72 -61.18 -35.25 -16.65
N VAL A 73 -61.10 -35.17 -15.32
CA VAL A 73 -59.82 -35.42 -14.65
C VAL A 73 -59.44 -36.89 -14.77
N PHE A 74 -60.42 -37.78 -14.77
CA PHE A 74 -60.13 -39.22 -14.83
C PHE A 74 -59.49 -39.63 -16.14
N LEU A 75 -59.78 -38.91 -17.22
CA LEU A 75 -59.30 -39.26 -18.55
C LEU A 75 -58.05 -38.48 -18.96
N SER A 76 -57.37 -37.84 -18.01
CA SER A 76 -56.17 -37.08 -18.31
C SER A 76 -54.93 -37.96 -18.13
N SER A 77 -53.76 -37.35 -17.96
CA SER A 77 -52.51 -38.08 -17.75
C SER A 77 -52.26 -38.12 -16.25
N ALA A 78 -52.96 -39.04 -15.57
CA ALA A 78 -52.94 -39.07 -14.11
C ALA A 78 -52.98 -40.49 -13.58
N TRP A 79 -52.37 -41.45 -14.28
CA TRP A 79 -52.41 -42.86 -13.88
C TRP A 79 -51.02 -43.45 -13.99
N ALA A 80 -50.71 -44.37 -13.06
CA ALA A 80 -49.41 -45.01 -13.02
C ALA A 80 -49.57 -46.44 -12.52
N ASP A 81 -48.63 -47.29 -12.91
CA ASP A 81 -48.62 -48.66 -12.41
C ASP A 81 -48.14 -48.68 -10.97
N PRO A 82 -48.82 -49.42 -10.08
CA PRO A 82 -48.41 -49.42 -8.66
C PRO A 82 -47.00 -49.93 -8.45
N ILE A 83 -46.62 -51.02 -9.13
CA ILE A 83 -45.28 -51.58 -8.98
C ILE A 83 -44.23 -50.58 -9.44
N GLU A 84 -44.47 -49.94 -10.60
CA GLU A 84 -43.53 -48.96 -11.12
C GLU A 84 -43.39 -47.78 -10.15
N LEU A 85 -44.49 -47.33 -9.56
CA LEU A 85 -44.44 -46.19 -8.65
C LEU A 85 -43.68 -46.54 -7.38
N ILE A 86 -44.00 -47.68 -6.76
CA ILE A 86 -43.30 -48.04 -5.53
C ILE A 86 -41.83 -48.36 -5.82
N ASN A 87 -41.52 -48.82 -7.03
CA ASN A 87 -40.12 -49.04 -7.38
C ASN A 87 -39.39 -47.72 -7.56
N LEU A 88 -40.06 -46.72 -8.15
CA LEU A 88 -39.49 -45.38 -8.20
C LEU A 88 -39.18 -44.88 -6.80
N CYS A 89 -40.09 -45.12 -5.85
CA CYS A 89 -39.85 -44.69 -4.48
C CYS A 89 -38.66 -45.42 -3.84
N THR A 90 -38.62 -46.75 -3.99
CA THR A 90 -37.57 -47.52 -3.35
C THR A 90 -36.19 -47.19 -3.93
N ASN A 91 -36.13 -46.89 -5.23
CA ASN A 91 -34.85 -46.47 -5.81
C ASN A 91 -34.53 -45.01 -5.52
N ALA A 92 -35.56 -44.18 -5.28
CA ALA A 92 -35.31 -42.78 -4.96
C ALA A 92 -34.76 -42.61 -3.56
N LEU A 93 -35.19 -43.45 -2.62
CA LEU A 93 -34.66 -43.34 -1.26
C LEU A 93 -33.15 -43.60 -1.18
N GLY A 94 -32.53 -44.11 -2.24
CA GLY A 94 -31.10 -44.35 -2.24
C GLY A 94 -30.32 -43.39 -3.11
N ASN A 95 -30.74 -42.13 -3.16
CA ASN A 95 -30.09 -41.12 -3.97
C ASN A 95 -29.44 -40.06 -3.09
N GLN A 96 -28.46 -39.37 -3.66
CA GLN A 96 -27.76 -38.28 -2.99
C GLN A 96 -28.51 -36.99 -3.27
N PHE A 97 -29.49 -36.68 -2.42
CA PHE A 97 -30.28 -35.47 -2.59
C PHE A 97 -29.54 -34.20 -2.19
N GLN A 98 -28.26 -34.31 -1.79
CA GLN A 98 -27.43 -33.13 -1.62
C GLN A 98 -27.10 -32.47 -2.95
N THR A 99 -27.14 -33.23 -4.05
CA THR A 99 -26.82 -32.71 -5.36
C THR A 99 -28.08 -32.26 -6.08
N GLN A 100 -27.91 -31.28 -6.98
CA GLN A 100 -29.05 -30.80 -7.75
C GLN A 100 -29.45 -31.79 -8.85
N HIS A 101 -28.47 -32.50 -9.42
CA HIS A 101 -28.76 -33.45 -10.49
C HIS A 101 -29.76 -34.50 -10.05
N ALA A 102 -29.59 -35.05 -8.85
CA ALA A 102 -30.51 -36.09 -8.37
C ALA A 102 -31.90 -35.50 -8.09
N ARG A 103 -31.94 -34.34 -7.44
CA ARG A 103 -33.21 -33.70 -7.14
C ARG A 103 -33.98 -33.35 -8.40
N THR A 104 -33.27 -33.15 -9.51
CA THR A 104 -33.93 -32.89 -10.79
C THR A 104 -34.38 -34.19 -11.45
N VAL A 105 -33.50 -35.20 -11.46
CA VAL A 105 -33.81 -36.45 -12.17
C VAL A 105 -34.98 -37.17 -11.52
N VAL A 106 -34.94 -37.33 -10.19
CA VAL A 106 -36.02 -38.07 -9.55
C VAL A 106 -37.31 -37.27 -9.56
N GLN A 107 -37.23 -35.93 -9.59
CA GLN A 107 -38.44 -35.13 -9.75
C GLN A 107 -39.06 -35.35 -11.12
N ARG A 108 -38.24 -35.38 -12.17
CA ARG A 108 -38.75 -35.70 -13.50
C ARG A 108 -39.35 -37.11 -13.54
N GLN A 109 -38.74 -38.05 -12.81
CA GLN A 109 -39.26 -39.41 -12.78
C GLN A 109 -40.62 -39.46 -12.08
N PHE A 110 -40.77 -38.72 -10.98
CA PHE A 110 -42.06 -38.68 -10.29
C PHE A 110 -43.10 -37.86 -11.02
N SER A 111 -42.69 -36.99 -11.95
CA SER A 111 -43.65 -36.24 -12.74
C SER A 111 -44.05 -36.96 -14.02
N GLU A 112 -43.20 -37.84 -14.55
CA GLU A 112 -43.50 -38.52 -15.81
C GLU A 112 -44.10 -39.91 -15.62
N VAL A 113 -44.16 -40.42 -14.39
CA VAL A 113 -44.77 -41.73 -14.17
C VAL A 113 -46.27 -41.70 -14.43
N TRP A 114 -46.88 -40.51 -14.36
CA TRP A 114 -48.33 -40.37 -14.55
C TRP A 114 -48.62 -40.27 -16.04
N LYS A 115 -49.18 -41.32 -16.61
CA LYS A 115 -49.55 -41.41 -18.01
C LYS A 115 -51.04 -41.68 -18.13
N PRO A 116 -51.66 -41.36 -19.27
CA PRO A 116 -53.08 -41.67 -19.44
C PRO A 116 -53.28 -43.15 -19.72
N SER A 117 -54.36 -43.70 -19.15
CA SER A 117 -54.74 -45.07 -19.43
C SER A 117 -56.22 -45.13 -19.83
N PRO A 118 -57.14 -44.55 -19.06
CA PRO A 118 -58.51 -44.41 -19.57
C PRO A 118 -58.63 -43.17 -20.44
N GLN A 119 -59.36 -43.31 -21.54
CA GLN A 119 -59.64 -42.20 -22.44
C GLN A 119 -61.09 -42.27 -22.87
N VAL A 120 -61.49 -41.33 -23.74
CA VAL A 120 -62.86 -41.32 -24.22
C VAL A 120 -63.13 -42.55 -25.09
N THR A 121 -62.17 -42.92 -25.94
CA THR A 121 -62.31 -44.08 -26.82
C THR A 121 -61.41 -45.23 -26.40
N VAL A 122 -60.92 -45.23 -25.16
CA VAL A 122 -60.07 -46.29 -24.63
C VAL A 122 -60.57 -46.64 -23.24
N ARG A 123 -61.19 -47.81 -23.11
CA ARG A 123 -61.73 -48.23 -21.83
C ARG A 123 -60.60 -48.55 -20.85
N PHE A 124 -60.90 -48.42 -19.56
CA PHE A 124 -59.97 -48.79 -18.52
C PHE A 124 -59.45 -50.21 -18.77
N PRO A 125 -58.17 -50.48 -18.52
CA PRO A 125 -57.64 -51.84 -18.74
C PRO A 125 -58.46 -52.88 -17.98
N ASP A 126 -58.57 -54.07 -18.58
CA ASP A 126 -59.49 -55.08 -18.09
C ASP A 126 -59.10 -55.58 -16.71
N SER A 127 -57.86 -56.07 -16.55
CA SER A 127 -57.46 -56.72 -15.32
C SER A 127 -56.40 -55.96 -14.53
N ASP A 128 -55.70 -55.00 -15.14
CA ASP A 128 -54.64 -54.30 -14.44
C ASP A 128 -55.20 -53.33 -13.41
N PHE A 129 -54.33 -52.90 -12.51
CA PHE A 129 -54.62 -51.84 -11.55
C PHE A 129 -53.83 -50.59 -11.90
N LYS A 130 -54.38 -49.44 -11.53
CA LYS A 130 -53.74 -48.15 -11.77
C LYS A 130 -53.90 -47.26 -10.55
N VAL A 131 -52.92 -46.37 -10.35
CA VAL A 131 -52.90 -45.44 -9.22
C VAL A 131 -53.34 -44.07 -9.72
N TYR A 132 -54.28 -43.45 -9.02
CA TYR A 132 -54.88 -42.20 -9.46
C TYR A 132 -54.11 -41.02 -8.87
N ARG A 133 -53.62 -40.16 -9.76
CA ARG A 133 -52.79 -39.03 -9.32
C ARG A 133 -53.58 -38.07 -8.44
N TYR A 134 -54.85 -37.86 -8.74
CA TYR A 134 -55.68 -36.89 -8.04
C TYR A 134 -56.63 -37.56 -7.04
N ASN A 135 -56.24 -38.72 -6.51
CA ASN A 135 -56.96 -39.31 -5.39
C ASN A 135 -56.93 -38.36 -4.19
N ALA A 136 -58.00 -38.42 -3.39
CA ALA A 136 -58.15 -37.47 -2.28
C ALA A 136 -56.99 -37.56 -1.29
N VAL A 137 -56.44 -38.74 -1.07
CA VAL A 137 -55.37 -38.90 -0.10
C VAL A 137 -53.99 -38.76 -0.74
N LEU A 138 -53.83 -39.19 -1.99
CA LEU A 138 -52.53 -39.16 -2.64
C LEU A 138 -52.18 -37.78 -3.21
N ASP A 139 -53.18 -36.97 -3.54
CA ASP A 139 -52.90 -35.66 -4.14
C ASP A 139 -52.01 -34.78 -3.26
N PRO A 140 -52.32 -34.53 -1.98
CA PRO A 140 -51.43 -33.68 -1.19
C PRO A 140 -50.05 -34.25 -1.01
N LEU A 141 -49.93 -35.58 -0.86
CA LEU A 141 -48.62 -36.19 -0.66
C LEU A 141 -47.76 -36.06 -1.91
N VAL A 142 -48.33 -36.37 -3.08
CA VAL A 142 -47.58 -36.24 -4.32
C VAL A 142 -47.23 -34.80 -4.61
N THR A 143 -48.13 -33.86 -4.29
CA THR A 143 -47.84 -32.45 -4.51
C THR A 143 -46.70 -31.99 -3.62
N ALA A 144 -46.76 -32.32 -2.32
CA ALA A 144 -45.69 -31.95 -1.41
C ALA A 144 -44.36 -32.58 -1.82
N LEU A 145 -44.40 -33.83 -2.29
CA LEU A 145 -43.19 -34.51 -2.72
C LEU A 145 -42.58 -33.80 -3.93
N LEU A 146 -43.39 -33.52 -4.95
CA LEU A 146 -42.88 -32.82 -6.12
C LEU A 146 -42.36 -31.44 -5.77
N GLY A 147 -42.98 -30.77 -4.80
CA GLY A 147 -42.50 -29.47 -4.38
C GLY A 147 -41.26 -29.51 -3.51
N ALA A 148 -40.99 -30.64 -2.88
CA ALA A 148 -39.81 -30.75 -2.02
C ALA A 148 -38.51 -30.74 -2.81
N PHE A 149 -38.55 -31.13 -4.08
CA PHE A 149 -37.36 -31.10 -4.92
C PHE A 149 -37.01 -29.70 -5.40
N ASP A 150 -37.87 -28.71 -5.15
CA ASP A 150 -37.69 -27.36 -5.68
C ASP A 150 -36.87 -26.56 -4.69
N THR A 151 -35.54 -26.66 -4.80
CA THR A 151 -34.62 -25.92 -3.96
C THR A 151 -33.45 -25.43 -4.80
N ARG A 152 -32.93 -24.26 -4.44
CA ARG A 152 -31.84 -23.62 -5.19
C ARG A 152 -30.53 -24.37 -5.03
N THR B 13 -30.37 -12.48 -0.07
CA THR B 13 -31.75 -12.16 -0.41
C THR B 13 -32.29 -13.09 -1.49
N ARG B 14 -32.78 -14.25 -1.08
CA ARG B 14 -33.32 -15.25 -2.01
C ARG B 14 -34.81 -15.03 -2.19
N ARG B 15 -35.14 -14.09 -3.09
CA ARG B 15 -36.53 -13.86 -3.45
C ARG B 15 -37.10 -14.99 -4.30
N VAL B 16 -36.24 -15.85 -4.85
CA VAL B 16 -36.72 -16.97 -5.66
C VAL B 16 -37.36 -18.05 -4.79
N ASP B 17 -37.00 -18.12 -3.52
CA ASP B 17 -37.59 -19.13 -2.63
C ASP B 17 -39.03 -18.79 -2.26
N ASP B 18 -39.43 -17.53 -2.34
CA ASP B 18 -40.82 -17.15 -2.08
C ASP B 18 -41.68 -17.20 -3.33
N ALA B 19 -41.10 -16.94 -4.49
CA ALA B 19 -41.87 -17.01 -5.73
C ALA B 19 -42.26 -18.45 -6.06
N THR B 20 -41.39 -19.42 -5.72
CA THR B 20 -41.72 -20.82 -5.98
C THR B 20 -42.93 -21.27 -5.17
N VAL B 21 -42.98 -20.88 -3.89
CA VAL B 21 -44.12 -21.25 -3.05
C VAL B 21 -45.41 -20.65 -3.61
N ALA B 22 -45.35 -19.39 -4.05
CA ALA B 22 -46.53 -18.74 -4.59
C ALA B 22 -46.98 -19.41 -5.89
N ILE B 23 -46.03 -19.76 -6.76
CA ILE B 23 -46.37 -20.43 -8.01
C ILE B 23 -47.03 -21.77 -7.74
N ARG B 24 -46.46 -22.56 -6.82
CA ARG B 24 -47.02 -23.87 -6.54
C ARG B 24 -48.39 -23.77 -5.89
N SER B 25 -48.56 -22.83 -4.95
CA SER B 25 -49.87 -22.67 -4.32
C SER B 25 -50.91 -22.17 -5.31
N ALA B 26 -50.50 -21.35 -6.29
CA ALA B 26 -51.44 -20.91 -7.32
C ALA B 26 -51.84 -22.06 -8.23
N ILE B 27 -50.87 -22.89 -8.63
CA ILE B 27 -51.19 -24.07 -9.44
C ILE B 27 -52.15 -24.97 -8.68
N ASN B 28 -51.93 -25.14 -7.38
CA ASN B 28 -52.81 -25.99 -6.59
C ASN B 28 -54.21 -25.39 -6.46
N ASN B 29 -54.29 -24.08 -6.25
CA ASN B 29 -55.60 -23.42 -6.16
C ASN B 29 -56.35 -23.51 -7.48
N LEU B 30 -55.63 -23.50 -8.60
CA LEU B 30 -56.30 -23.66 -9.89
C LEU B 30 -56.75 -25.11 -10.10
N ILE B 31 -55.92 -26.07 -9.70
CA ILE B 31 -56.27 -27.48 -9.84
C ILE B 31 -57.49 -27.81 -8.99
N VAL B 32 -57.62 -27.17 -7.82
CA VAL B 32 -58.76 -27.42 -6.94
C VAL B 32 -60.06 -27.14 -7.68
N GLU B 33 -60.12 -26.05 -8.44
CA GLU B 33 -61.34 -25.72 -9.16
C GLU B 33 -61.47 -26.47 -10.49
N LEU B 34 -60.34 -26.77 -11.13
CA LEU B 34 -60.40 -27.56 -12.36
C LEU B 34 -60.91 -28.98 -12.10
N ILE B 35 -60.59 -29.54 -10.94
CA ILE B 35 -61.08 -30.87 -10.59
C ILE B 35 -62.59 -30.87 -10.45
N ARG B 36 -63.14 -29.83 -9.81
CA ARG B 36 -64.58 -29.72 -9.61
C ARG B 36 -65.34 -29.47 -10.90
N GLY B 37 -64.64 -29.12 -11.99
CA GLY B 37 -65.28 -28.86 -13.27
C GLY B 37 -65.78 -27.45 -13.47
N THR B 38 -65.65 -26.59 -12.46
CA THR B 38 -66.14 -25.22 -12.58
C THR B 38 -65.45 -24.49 -13.72
N GLY B 39 -66.24 -23.77 -14.51
CA GLY B 39 -65.72 -23.05 -15.66
C GLY B 39 -65.71 -23.81 -16.97
N SER B 40 -66.34 -24.99 -17.02
CA SER B 40 -66.38 -25.81 -18.22
C SER B 40 -67.77 -25.77 -18.83
N TYR B 41 -67.85 -25.51 -20.12
CA TYR B 41 -69.11 -25.38 -20.83
C TYR B 41 -69.14 -26.31 -22.04
N ASN B 42 -70.33 -26.74 -22.42
CA ASN B 42 -70.59 -27.35 -23.71
C ASN B 42 -71.45 -26.39 -24.53
N ARG B 43 -71.94 -26.86 -25.68
CA ARG B 43 -72.77 -26.01 -26.54
C ARG B 43 -74.00 -25.51 -25.80
N SER B 44 -74.68 -26.42 -25.10
CA SER B 44 -75.91 -26.06 -24.40
C SER B 44 -75.66 -24.98 -23.35
N SER B 45 -74.72 -25.25 -22.43
CA SER B 45 -74.48 -24.31 -21.33
C SER B 45 -73.89 -23.00 -21.85
N PHE B 46 -73.04 -23.07 -22.88
CA PHE B 46 -72.47 -21.86 -23.46
C PHE B 46 -73.56 -20.96 -24.04
N GLU B 47 -74.37 -21.51 -24.94
CA GLU B 47 -75.43 -20.72 -25.56
C GLU B 47 -76.53 -20.33 -24.56
N SER B 48 -76.66 -21.05 -23.45
CA SER B 48 -77.64 -20.68 -22.43
C SER B 48 -77.14 -19.51 -21.58
N SER B 49 -75.92 -19.60 -21.08
CA SER B 49 -75.41 -18.60 -20.14
C SER B 49 -74.90 -17.34 -20.83
N SER B 50 -74.48 -17.44 -22.10
CA SER B 50 -73.96 -16.27 -22.79
C SER B 50 -75.05 -15.46 -23.49
N GLY B 51 -76.22 -16.03 -23.69
CA GLY B 51 -77.30 -15.34 -24.37
C GLY B 51 -77.22 -15.38 -25.88
N LEU B 52 -76.15 -15.94 -26.45
CA LEU B 52 -76.01 -16.00 -27.89
C LEU B 52 -76.94 -17.05 -28.48
N VAL B 53 -77.64 -16.67 -29.54
CA VAL B 53 -78.56 -17.57 -30.25
C VAL B 53 -78.01 -17.82 -31.65
N TRP B 54 -77.89 -19.09 -32.01
CA TRP B 54 -77.39 -19.50 -33.31
C TRP B 54 -78.54 -19.56 -34.31
N THR B 55 -78.47 -18.74 -35.36
CA THR B 55 -79.46 -18.74 -36.42
C THR B 55 -78.91 -19.57 -37.58
N SER B 56 -79.56 -20.70 -37.86
CA SER B 56 -79.09 -21.66 -38.86
C SER B 56 -79.54 -21.20 -40.24
N GLY B 57 -78.82 -20.19 -40.75
CA GLY B 57 -79.09 -19.67 -42.07
C GLY B 57 -78.76 -20.68 -43.15
N PRO B 58 -79.30 -20.48 -44.35
CA PRO B 58 -78.96 -21.36 -45.47
C PRO B 58 -77.59 -21.05 -46.03
N ALA B 59 -76.86 -22.10 -46.42
CA ALA B 59 -77.33 -23.46 -46.26
C ALA B 59 -76.46 -24.22 -45.27
N GLY B 60 -75.14 -24.08 -45.40
CA GLY B 60 -74.23 -24.75 -44.51
C GLY B 60 -73.53 -23.83 -43.53
N GLU B 61 -73.81 -22.54 -43.63
CA GLU B 61 -73.24 -21.55 -42.72
C GLU B 61 -74.31 -21.02 -41.76
N GLY B 62 -73.85 -20.24 -40.79
CA GLY B 62 -74.75 -19.63 -39.83
C GLY B 62 -74.00 -18.61 -39.01
N SER B 63 -74.69 -18.08 -37.99
CA SER B 63 -74.07 -17.06 -37.18
C SER B 63 -74.80 -16.92 -35.85
N TYR B 64 -74.08 -16.41 -34.85
CA TYR B 64 -74.67 -16.02 -33.59
C TYR B 64 -75.23 -14.61 -33.69
N SER B 65 -76.30 -14.36 -32.94
CA SER B 65 -76.95 -13.06 -32.91
C SER B 65 -76.43 -12.28 -31.71
N ILE B 66 -75.68 -11.22 -31.97
CA ILE B 66 -75.08 -10.41 -30.91
C ILE B 66 -76.11 -9.38 -30.45
N THR B 67 -76.49 -9.46 -29.18
CA THR B 67 -77.47 -8.56 -28.59
C THR B 67 -76.84 -7.46 -27.74
N THR B 68 -75.77 -7.77 -27.03
CA THR B 68 -75.03 -6.81 -26.22
C THR B 68 -73.54 -6.97 -26.46
N PRO B 69 -72.76 -5.89 -26.35
CA PRO B 69 -71.31 -6.00 -26.59
C PRO B 69 -70.58 -6.86 -25.57
N SER B 70 -71.12 -7.02 -24.37
CA SER B 70 -70.48 -7.84 -23.35
C SER B 70 -70.31 -9.29 -23.80
N GLN B 71 -71.02 -9.70 -24.85
CA GLN B 71 -70.91 -11.06 -25.38
C GLN B 71 -69.68 -11.27 -26.25
N PHE B 72 -68.94 -10.19 -26.60
CA PHE B 72 -67.77 -10.35 -27.45
C PHE B 72 -66.62 -11.07 -26.77
N VAL B 73 -66.63 -11.17 -25.43
CA VAL B 73 -65.57 -11.90 -24.74
C VAL B 73 -65.69 -13.39 -25.03
N PHE B 74 -66.92 -13.89 -25.19
CA PHE B 74 -67.14 -15.31 -25.41
C PHE B 74 -66.58 -15.78 -26.75
N LEU B 75 -66.52 -14.88 -27.73
CA LEU B 75 -66.05 -15.20 -29.07
C LEU B 75 -64.59 -14.82 -29.30
N SER B 76 -63.85 -14.58 -28.22
CA SER B 76 -62.44 -14.22 -28.34
C SER B 76 -61.58 -15.49 -28.23
N SER B 77 -60.30 -15.32 -27.93
CA SER B 77 -59.37 -16.44 -27.78
C SER B 77 -59.24 -16.74 -26.29
N ALA B 78 -60.24 -17.46 -25.76
CA ALA B 78 -60.32 -17.66 -24.31
C ALA B 78 -60.85 -19.05 -23.97
N TRP B 79 -60.53 -20.06 -24.77
CA TRP B 79 -61.06 -21.41 -24.58
C TRP B 79 -59.94 -22.44 -24.68
N ALA B 80 -60.04 -23.49 -23.87
CA ALA B 80 -59.04 -24.54 -23.86
C ALA B 80 -59.71 -25.88 -23.58
N ASP B 81 -59.08 -26.95 -24.03
CA ASP B 81 -59.57 -28.30 -23.74
C ASP B 81 -59.28 -28.63 -22.28
N PRO B 82 -60.24 -29.20 -21.55
CA PRO B 82 -59.99 -29.49 -20.12
C PRO B 82 -58.85 -30.46 -19.88
N ILE B 83 -58.77 -31.52 -20.69
CA ILE B 83 -57.71 -32.51 -20.52
C ILE B 83 -56.35 -31.86 -20.75
N GLU B 84 -56.23 -31.07 -21.82
CA GLU B 84 -54.97 -30.39 -22.11
C GLU B 84 -54.56 -29.46 -20.98
N LEU B 85 -55.52 -28.74 -20.41
CA LEU B 85 -55.22 -27.80 -19.33
C LEU B 85 -54.77 -28.53 -18.07
N ILE B 86 -55.50 -29.57 -17.68
CA ILE B 86 -55.11 -30.30 -16.46
C ILE B 86 -53.79 -31.03 -16.69
N ASN B 87 -53.48 -31.41 -17.92
CA ASN B 87 -52.19 -32.02 -18.20
C ASN B 87 -51.06 -30.97 -18.10
N LEU B 88 -51.32 -29.76 -18.58
CA LEU B 88 -50.37 -28.68 -18.36
C LEU B 88 -50.11 -28.46 -16.88
N CYS B 89 -51.16 -28.52 -16.06
CA CYS B 89 -50.99 -28.34 -14.63
C CYS B 89 -50.15 -29.47 -14.01
N THR B 90 -50.50 -30.73 -14.34
CA THR B 90 -49.80 -31.86 -13.73
C THR B 90 -48.35 -31.91 -14.17
N ASN B 91 -48.04 -31.52 -15.41
CA ASN B 91 -46.66 -31.49 -15.85
C ASN B 91 -45.92 -30.26 -15.33
N ALA B 92 -46.64 -29.17 -15.05
CA ALA B 92 -45.99 -27.98 -14.51
C ALA B 92 -45.60 -28.18 -13.05
N LEU B 93 -46.40 -28.94 -12.29
CA LEU B 93 -46.04 -29.19 -10.89
C LEU B 93 -44.73 -29.95 -10.74
N GLY B 94 -44.19 -30.51 -11.82
CA GLY B 94 -42.93 -31.24 -11.75
C GLY B 94 -41.76 -30.54 -12.40
N ASN B 95 -41.72 -29.21 -12.32
CA ASN B 95 -40.66 -28.41 -12.89
C ASN B 95 -39.83 -27.74 -11.81
N GLN B 96 -38.61 -27.36 -12.18
CA GLN B 96 -37.69 -26.65 -11.28
C GLN B 96 -37.96 -25.16 -11.44
N PHE B 97 -38.90 -24.65 -10.64
CA PHE B 97 -39.23 -23.23 -10.71
C PHE B 97 -38.18 -22.34 -10.05
N GLN B 98 -37.08 -22.91 -9.57
CA GLN B 98 -35.95 -22.09 -9.14
C GLN B 98 -35.26 -21.42 -10.32
N THR B 99 -35.40 -21.97 -11.52
CA THR B 99 -34.78 -21.43 -12.71
C THR B 99 -35.75 -20.51 -13.45
N GLN B 100 -35.18 -19.53 -14.17
CA GLN B 100 -35.99 -18.61 -14.96
C GLN B 100 -36.54 -19.25 -16.22
N HIS B 101 -35.76 -20.15 -16.84
CA HIS B 101 -36.20 -20.80 -18.08
C HIS B 101 -37.54 -21.52 -17.88
N ALA B 102 -37.68 -22.25 -16.79
CA ALA B 102 -38.92 -22.98 -16.54
C ALA B 102 -40.07 -22.03 -16.24
N ARG B 103 -39.82 -21.01 -15.41
CA ARG B 103 -40.87 -20.04 -15.09
C ARG B 103 -41.34 -19.30 -16.32
N THR B 104 -40.48 -19.17 -17.34
CA THR B 104 -40.90 -18.54 -18.58
C THR B 104 -41.65 -19.51 -19.48
N VAL B 105 -41.13 -20.74 -19.60
CA VAL B 105 -41.74 -21.71 -20.53
C VAL B 105 -43.14 -22.08 -20.07
N VAL B 106 -43.31 -22.41 -18.78
CA VAL B 106 -44.63 -22.84 -18.33
C VAL B 106 -45.59 -21.66 -18.31
N GLN B 107 -45.10 -20.44 -18.11
CA GLN B 107 -45.96 -19.27 -18.22
C GLN B 107 -46.46 -19.08 -19.65
N ARG B 108 -45.56 -19.25 -20.63
CA ARG B 108 -45.99 -19.21 -22.03
C ARG B 108 -46.98 -20.31 -22.33
N GLN B 109 -46.79 -21.49 -21.73
CA GLN B 109 -47.73 -22.60 -21.94
C GLN B 109 -49.10 -22.29 -21.36
N PHE B 110 -49.14 -21.67 -20.18
CA PHE B 110 -50.42 -21.31 -19.57
C PHE B 110 -51.06 -20.10 -20.25
N SER B 111 -50.29 -19.33 -21.01
CA SER B 111 -50.85 -18.20 -21.74
C SER B 111 -51.29 -18.56 -23.15
N GLU B 112 -50.71 -19.60 -23.75
CA GLU B 112 -51.06 -19.97 -25.12
C GLU B 112 -52.08 -21.10 -25.21
N VAL B 113 -52.46 -21.70 -24.08
CA VAL B 113 -53.48 -22.75 -24.12
C VAL B 113 -54.84 -22.19 -24.49
N TRP B 114 -55.05 -20.88 -24.31
CA TRP B 114 -56.33 -20.25 -24.58
C TRP B 114 -56.42 -19.91 -26.06
N LYS B 115 -57.25 -20.65 -26.78
CA LYS B 115 -57.48 -20.49 -28.21
C LYS B 115 -58.96 -20.22 -28.46
N PRO B 116 -59.31 -19.61 -29.59
CA PRO B 116 -60.72 -19.39 -29.90
C PRO B 116 -61.38 -20.68 -30.36
N SER B 117 -62.63 -20.89 -29.93
CA SER B 117 -63.40 -22.01 -30.42
C SER B 117 -64.77 -21.53 -30.92
N PRO B 118 -65.55 -20.77 -30.14
CA PRO B 118 -66.75 -20.15 -30.71
C PRO B 118 -66.38 -18.85 -31.40
N GLN B 119 -67.00 -18.62 -32.56
CA GLN B 119 -66.80 -17.39 -33.31
C GLN B 119 -68.15 -16.90 -33.82
N VAL B 120 -68.13 -15.81 -34.57
CA VAL B 120 -69.36 -15.26 -35.12
C VAL B 120 -69.95 -16.22 -36.15
N THR B 121 -69.10 -16.81 -37.00
CA THR B 121 -69.53 -17.72 -38.05
C THR B 121 -69.11 -19.17 -37.76
N VAL B 122 -68.77 -19.48 -36.51
CA VAL B 122 -68.35 -20.82 -36.11
C VAL B 122 -69.06 -21.16 -34.80
N ARG B 123 -70.04 -22.07 -34.87
CA ARG B 123 -70.79 -22.44 -33.68
C ARG B 123 -69.93 -23.24 -32.71
N PHE B 124 -70.31 -23.17 -31.43
CA PHE B 124 -69.65 -23.95 -30.40
C PHE B 124 -69.62 -25.42 -30.80
N PRO B 125 -68.53 -26.14 -30.52
CA PRO B 125 -68.46 -27.55 -30.89
C PRO B 125 -69.64 -28.35 -30.36
N ASP B 126 -70.05 -29.35 -31.13
CA ASP B 126 -71.30 -30.06 -30.87
C ASP B 126 -71.26 -30.82 -29.54
N SER B 127 -70.26 -31.69 -29.36
CA SER B 127 -70.23 -32.58 -28.22
C SER B 127 -69.09 -32.31 -27.25
N ASP B 128 -68.06 -31.56 -27.67
CA ASP B 128 -66.91 -31.34 -26.81
C ASP B 128 -67.24 -30.35 -25.69
N PHE B 129 -66.36 -30.33 -24.68
CA PHE B 129 -66.40 -29.36 -23.61
C PHE B 129 -65.21 -28.41 -23.75
N LYS B 130 -65.37 -27.19 -23.25
CA LYS B 130 -64.32 -26.18 -23.28
C LYS B 130 -64.30 -25.41 -21.97
N VAL B 131 -63.12 -24.93 -21.59
CA VAL B 131 -62.92 -24.19 -20.36
C VAL B 131 -62.81 -22.70 -20.68
N TYR B 132 -63.58 -21.88 -19.98
CA TYR B 132 -63.71 -20.46 -20.28
C TYR B 132 -62.68 -19.68 -19.46
N ARG B 133 -61.83 -18.92 -20.17
CA ARG B 133 -60.74 -18.20 -19.50
C ARG B 133 -61.28 -17.14 -18.54
N TYR B 134 -62.37 -16.47 -18.89
CA TYR B 134 -62.92 -15.38 -18.09
C TYR B 134 -64.13 -15.79 -17.27
N ASN B 135 -64.22 -17.07 -16.91
CA ASN B 135 -65.23 -17.51 -15.96
C ASN B 135 -65.04 -16.81 -14.62
N ALA B 136 -66.16 -16.59 -13.92
CA ALA B 136 -66.13 -15.79 -12.70
C ALA B 136 -65.21 -16.40 -11.63
N VAL B 137 -65.12 -17.71 -11.57
CA VAL B 137 -64.30 -18.35 -10.55
C VAL B 137 -62.87 -18.59 -11.03
N LEU B 138 -62.69 -18.89 -12.31
CA LEU B 138 -61.37 -19.21 -12.84
C LEU B 138 -60.54 -17.97 -13.16
N ASP B 139 -61.18 -16.84 -13.44
CA ASP B 139 -60.44 -15.64 -13.82
C ASP B 139 -59.44 -15.20 -12.76
N PRO B 140 -59.81 -15.01 -11.49
CA PRO B 140 -58.80 -14.58 -10.50
C PRO B 140 -57.70 -15.61 -10.31
N LEU B 141 -58.03 -16.90 -10.35
CA LEU B 141 -57.03 -17.93 -10.13
C LEU B 141 -56.02 -17.96 -11.28
N VAL B 142 -56.50 -17.92 -12.52
CA VAL B 142 -55.59 -17.93 -13.67
C VAL B 142 -54.77 -16.65 -13.70
N THR B 143 -55.36 -15.52 -13.31
CA THR B 143 -54.62 -14.28 -13.27
C THR B 143 -53.49 -14.34 -12.25
N ALA B 144 -53.80 -14.80 -11.03
CA ALA B 144 -52.78 -14.93 -10.00
C ALA B 144 -51.70 -15.91 -10.41
N LEU B 145 -52.08 -17.00 -11.08
CA LEU B 145 -51.10 -17.97 -11.54
C LEU B 145 -50.15 -17.36 -12.56
N LEU B 146 -50.70 -16.70 -13.58
CA LEU B 146 -49.86 -16.06 -14.59
C LEU B 146 -48.97 -14.99 -13.98
N GLY B 147 -49.46 -14.28 -12.97
CA GLY B 147 -48.64 -13.27 -12.31
C GLY B 147 -47.61 -13.83 -11.37
N ALA B 148 -47.79 -15.06 -10.89
CA ALA B 148 -46.82 -15.66 -9.98
C ALA B 148 -45.50 -15.99 -10.68
N PHE B 149 -45.52 -16.19 -11.99
CA PHE B 149 -44.29 -16.47 -12.73
C PHE B 149 -43.45 -15.22 -12.95
N ASP B 150 -43.97 -14.04 -12.60
CA ASP B 150 -43.30 -12.78 -12.89
C ASP B 150 -42.39 -12.42 -11.72
N THR B 151 -41.16 -12.94 -11.77
CA THR B 151 -40.15 -12.64 -10.76
C THR B 151 -38.80 -12.49 -11.44
N ARG B 152 -37.98 -11.59 -10.88
CA ARG B 152 -36.68 -11.27 -11.46
C ARG B 152 -35.70 -12.43 -11.32
N THR C 13 -16.90 27.13 -7.09
CA THR C 13 -16.81 28.58 -7.10
C THR C 13 -17.00 29.14 -8.51
N ARG C 14 -18.25 29.35 -8.90
CA ARG C 14 -18.57 29.87 -10.23
C ARG C 14 -18.64 31.40 -10.16
N ARG C 15 -17.46 32.01 -10.25
CA ARG C 15 -17.37 33.47 -10.34
C ARG C 15 -17.87 33.99 -11.68
N VAL C 16 -17.99 33.13 -12.69
CA VAL C 16 -18.47 33.56 -13.99
C VAL C 16 -19.97 33.83 -13.97
N ASP C 17 -20.70 33.21 -13.04
CA ASP C 17 -22.13 33.43 -12.95
C ASP C 17 -22.47 34.81 -12.39
N ASP C 18 -21.56 35.43 -11.66
CA ASP C 18 -21.75 36.79 -11.16
C ASP C 18 -21.25 37.85 -12.13
N ALA C 19 -20.21 37.54 -12.90
CA ALA C 19 -19.71 38.49 -13.89
C ALA C 19 -20.72 38.71 -15.01
N THR C 20 -21.45 37.66 -15.38
CA THR C 20 -22.45 37.80 -16.44
C THR C 20 -23.55 38.77 -16.03
N VAL C 21 -24.03 38.65 -14.79
CA VAL C 21 -25.07 39.56 -14.29
C VAL C 21 -24.56 41.00 -14.30
N ALA C 22 -23.32 41.22 -13.86
CA ALA C 22 -22.78 42.57 -13.84
C ALA C 22 -22.63 43.14 -15.25
N ILE C 23 -22.14 42.33 -16.19
CA ILE C 23 -21.99 42.78 -17.57
C ILE C 23 -23.36 43.16 -18.15
N ARG C 24 -24.36 42.31 -17.94
CA ARG C 24 -25.68 42.59 -18.52
C ARG C 24 -26.32 43.82 -17.88
N SER C 25 -26.19 43.97 -16.56
CA SER C 25 -26.75 45.15 -15.90
C SER C 25 -26.03 46.42 -16.33
N ALA C 26 -24.72 46.34 -16.60
CA ALA C 26 -24.00 47.51 -17.09
C ALA C 26 -24.43 47.88 -18.50
N ILE C 27 -24.60 46.87 -19.37
CA ILE C 27 -25.10 47.14 -20.71
C ILE C 27 -26.47 47.80 -20.66
N ASN C 28 -27.34 47.32 -19.76
CA ASN C 28 -28.67 47.90 -19.65
C ASN C 28 -28.61 49.33 -19.12
N ASN C 29 -27.77 49.58 -18.12
CA ASN C 29 -27.63 50.94 -17.60
C ASN C 29 -27.08 51.90 -18.66
N LEU C 30 -26.24 51.41 -19.56
CA LEU C 30 -25.76 52.26 -20.65
C LEU C 30 -26.85 52.49 -21.69
N ILE C 31 -27.60 51.44 -22.03
CA ILE C 31 -28.67 51.57 -23.03
C ILE C 31 -29.73 52.54 -22.54
N VAL C 32 -30.00 52.56 -21.23
CA VAL C 32 -31.01 53.45 -20.68
C VAL C 32 -30.70 54.91 -21.02
N GLU C 33 -29.43 55.30 -20.92
CA GLU C 33 -29.06 56.68 -21.23
C GLU C 33 -28.85 56.89 -22.73
N LEU C 34 -28.42 55.87 -23.46
CA LEU C 34 -28.32 56.00 -24.91
C LEU C 34 -29.68 56.23 -25.55
N ILE C 35 -30.74 55.64 -24.98
CA ILE C 35 -32.08 55.84 -25.52
C ILE C 35 -32.50 57.30 -25.39
N ARG C 36 -32.23 57.92 -24.24
CA ARG C 36 -32.56 59.32 -24.02
C ARG C 36 -31.71 60.28 -24.85
N GLY C 37 -30.63 59.81 -25.45
CA GLY C 37 -29.77 60.66 -26.24
C GLY C 37 -28.74 61.44 -25.45
N THR C 38 -28.69 61.29 -24.13
CA THR C 38 -27.73 62.03 -23.33
C THR C 38 -26.31 61.67 -23.73
N GLY C 39 -25.46 62.69 -23.86
CA GLY C 39 -24.10 62.50 -24.30
C GLY C 39 -23.88 62.60 -25.80
N SER C 40 -24.88 63.05 -26.55
CA SER C 40 -24.79 63.16 -28.00
C SER C 40 -24.73 64.64 -28.38
N TYR C 41 -23.76 64.99 -29.23
CA TYR C 41 -23.55 66.37 -29.64
C TYR C 41 -23.55 66.46 -31.15
N ASN C 42 -23.94 67.64 -31.65
CA ASN C 42 -23.73 68.04 -33.04
C ASN C 42 -22.71 69.18 -33.06
N ARG C 43 -22.51 69.78 -34.23
CA ARG C 43 -21.53 70.86 -34.34
C ARG C 43 -21.87 72.01 -33.39
N SER C 44 -23.14 72.40 -33.35
CA SER C 44 -23.56 73.52 -32.52
C SER C 44 -23.30 73.23 -31.05
N SER C 45 -23.83 72.11 -30.55
CA SER C 45 -23.70 71.81 -29.13
C SER C 45 -22.25 71.53 -28.74
N PHE C 46 -21.50 70.88 -29.63
CA PHE C 46 -20.09 70.62 -29.35
C PHE C 46 -19.31 71.92 -29.19
N GLU C 47 -19.38 72.79 -30.20
CA GLU C 47 -18.65 74.05 -30.14
C GLU C 47 -19.20 74.99 -29.07
N SER C 48 -20.45 74.80 -28.63
CA SER C 48 -21.00 75.61 -27.56
C SER C 48 -20.49 75.16 -26.20
N SER C 49 -20.56 73.86 -25.92
CA SER C 49 -20.22 73.35 -24.59
C SER C 49 -18.73 73.17 -24.38
N SER C 50 -17.95 72.99 -25.44
CA SER C 50 -16.51 72.83 -25.29
C SER C 50 -15.75 74.14 -25.29
N GLY C 51 -16.38 75.23 -25.76
CA GLY C 51 -15.70 76.51 -25.82
C GLY C 51 -14.81 76.70 -27.03
N LEU C 52 -14.67 75.68 -27.87
CA LEU C 52 -13.82 75.78 -29.05
C LEU C 52 -14.47 76.65 -30.10
N VAL C 53 -13.70 77.58 -30.67
CA VAL C 53 -14.17 78.48 -31.72
C VAL C 53 -13.41 78.14 -32.99
N TRP C 54 -14.15 77.90 -34.07
CA TRP C 54 -13.59 77.58 -35.37
C TRP C 54 -13.36 78.87 -36.16
N THR C 55 -12.10 79.13 -36.49
CA THR C 55 -11.74 80.30 -37.31
C THR C 55 -11.57 79.84 -38.75
N SER C 56 -12.47 80.29 -39.62
CA SER C 56 -12.51 79.85 -41.01
C SER C 56 -11.46 80.60 -41.81
N GLY C 57 -10.21 80.19 -41.62
CA GLY C 57 -9.09 80.78 -42.32
C GLY C 57 -9.14 80.48 -43.81
N PRO C 58 -8.41 81.27 -44.60
CA PRO C 58 -8.33 81.01 -46.04
C PRO C 58 -7.41 79.83 -46.33
N ALA C 59 -7.79 79.02 -47.31
CA ALA C 59 -9.04 79.21 -48.04
C ALA C 59 -9.99 78.05 -47.79
N GLY C 60 -9.47 76.83 -47.85
CA GLY C 60 -10.29 75.66 -47.61
C GLY C 60 -10.01 74.97 -46.29
N GLU C 61 -9.05 75.47 -45.53
CA GLU C 61 -8.71 74.91 -44.23
C GLU C 61 -9.17 75.85 -43.11
N GLY C 62 -9.03 75.37 -41.89
CA GLY C 62 -9.36 76.15 -40.72
C GLY C 62 -8.87 75.45 -39.48
N SER C 63 -9.23 76.02 -38.32
CA SER C 63 -8.75 75.44 -37.07
C SER C 63 -9.59 75.94 -35.90
N TYR C 64 -9.60 75.12 -34.85
CA TYR C 64 -10.16 75.51 -33.55
C TYR C 64 -9.12 76.26 -32.73
N SER C 65 -9.60 77.20 -31.93
CA SER C 65 -8.74 78.00 -31.06
C SER C 65 -8.72 77.39 -29.66
N ILE C 66 -7.56 76.90 -29.25
CA ILE C 66 -7.43 76.27 -27.94
C ILE C 66 -7.14 77.35 -26.90
N THR C 67 -8.05 77.50 -25.93
CA THR C 67 -7.93 78.51 -24.90
C THR C 67 -7.42 77.94 -23.58
N THR C 68 -7.81 76.72 -23.23
CA THR C 68 -7.35 76.03 -22.03
C THR C 68 -6.98 74.60 -22.38
N PRO C 69 -6.03 74.00 -21.66
CA PRO C 69 -5.62 72.62 -21.99
C PRO C 69 -6.72 71.60 -21.74
N SER C 70 -7.69 71.90 -20.88
CA SER C 70 -8.78 70.97 -20.61
C SER C 70 -9.59 70.65 -21.86
N GLN C 71 -9.45 71.46 -22.91
CA GLN C 71 -10.16 71.22 -24.16
C GLN C 71 -9.51 70.14 -25.02
N PHE C 72 -8.32 69.65 -24.66
CA PHE C 72 -7.67 68.64 -25.47
C PHE C 72 -8.37 67.29 -25.45
N VAL C 73 -9.28 67.06 -24.49
CA VAL C 73 -10.02 65.81 -24.45
C VAL C 73 -11.01 65.74 -25.61
N PHE C 74 -11.59 66.88 -25.98
CA PHE C 74 -12.60 66.92 -27.04
C PHE C 74 -12.02 66.57 -28.40
N LEU C 75 -10.74 66.81 -28.62
CA LEU C 75 -10.09 66.55 -29.90
C LEU C 75 -9.35 65.21 -29.92
N SER C 76 -9.63 64.34 -28.95
CA SER C 76 -8.97 63.04 -28.88
C SER C 76 -9.80 62.00 -29.63
N SER C 77 -9.56 60.72 -29.34
CA SER C 77 -10.29 59.60 -29.94
C SER C 77 -11.38 59.18 -28.96
N ALA C 78 -12.47 59.95 -28.93
CA ALA C 78 -13.50 59.77 -27.92
C ALA C 78 -14.90 60.00 -28.49
N TRP C 79 -15.12 59.65 -29.75
CA TRP C 79 -16.39 59.91 -30.42
C TRP C 79 -16.85 58.68 -31.18
N ALA C 80 -18.16 58.46 -31.19
CA ALA C 80 -18.73 57.29 -31.87
C ALA C 80 -20.08 57.66 -32.47
N ASP C 81 -20.46 56.92 -33.50
CA ASP C 81 -21.77 57.10 -34.11
C ASP C 81 -22.85 56.54 -33.20
N PRO C 82 -23.94 57.28 -32.96
CA PRO C 82 -24.98 56.76 -32.05
C PRO C 82 -25.60 55.47 -32.52
N ILE C 83 -25.92 55.37 -33.82
CA ILE C 83 -26.53 54.15 -34.34
C ILE C 83 -25.59 52.97 -34.21
N GLU C 84 -24.31 53.17 -34.55
CA GLU C 84 -23.34 52.09 -34.43
C GLU C 84 -23.19 51.63 -32.98
N LEU C 85 -23.20 52.57 -32.04
CA LEU C 85 -23.05 52.23 -30.63
C LEU C 85 -24.26 51.45 -30.11
N ILE C 86 -25.47 51.94 -30.41
CA ILE C 86 -26.65 51.23 -29.94
C ILE C 86 -26.78 49.87 -30.63
N ASN C 87 -26.29 49.74 -31.85
CA ASN C 87 -26.30 48.43 -32.51
C ASN C 87 -25.30 47.48 -31.87
N LEU C 88 -24.13 47.99 -31.49
CA LEU C 88 -23.19 47.19 -30.71
C LEU C 88 -23.84 46.70 -29.43
N CYS C 89 -24.60 47.57 -28.75
CA CYS C 89 -25.26 47.16 -27.52
C CYS C 89 -26.31 46.08 -27.76
N THR C 90 -27.16 46.28 -28.78
CA THR C 90 -28.24 45.33 -29.03
C THR C 90 -27.69 43.97 -29.47
N ASN C 91 -26.58 43.97 -30.22
CA ASN C 91 -25.96 42.69 -30.59
C ASN C 91 -25.16 42.08 -29.44
N ALA C 92 -24.66 42.92 -28.53
CA ALA C 92 -23.89 42.41 -27.39
C ALA C 92 -24.80 41.73 -26.37
N LEU C 93 -26.04 42.22 -26.21
CA LEU C 93 -26.95 41.57 -25.29
C LEU C 93 -27.29 40.13 -25.69
N GLY C 94 -26.95 39.72 -26.92
CA GLY C 94 -27.24 38.37 -27.36
C GLY C 94 -26.02 37.47 -27.48
N ASN C 95 -25.05 37.64 -26.57
CA ASN C 95 -23.83 36.85 -26.58
C ASN C 95 -23.78 35.95 -25.35
N GLN C 96 -22.97 34.89 -25.46
CA GLN C 96 -22.77 33.95 -24.36
C GLN C 96 -21.61 34.46 -23.52
N PHE C 97 -21.93 35.32 -22.54
CA PHE C 97 -20.90 35.88 -21.67
C PHE C 97 -20.37 34.88 -20.67
N GLN C 98 -20.82 33.63 -20.70
CA GLN C 98 -20.17 32.60 -19.90
C GLN C 98 -18.79 32.26 -20.45
N THR C 99 -18.53 32.53 -21.72
CA THR C 99 -17.25 32.24 -22.34
C THR C 99 -16.35 33.47 -22.30
N GLN C 100 -15.03 33.22 -22.27
CA GLN C 100 -14.06 34.31 -22.27
C GLN C 100 -13.92 34.94 -23.65
N HIS C 101 -14.07 34.14 -24.71
CA HIS C 101 -13.96 34.66 -26.07
C HIS C 101 -14.93 35.81 -26.32
N ALA C 102 -16.18 35.64 -25.89
CA ALA C 102 -17.18 36.69 -26.10
C ALA C 102 -16.89 37.91 -25.24
N ARG C 103 -16.53 37.69 -23.97
CA ARG C 103 -16.21 38.81 -23.08
C ARG C 103 -15.01 39.60 -23.59
N THR C 104 -14.13 38.96 -24.36
CA THR C 104 -13.00 39.68 -24.95
C THR C 104 -13.42 40.40 -26.23
N VAL C 105 -14.17 39.72 -27.09
CA VAL C 105 -14.52 40.31 -28.39
C VAL C 105 -15.41 41.53 -28.20
N VAL C 106 -16.46 41.41 -27.38
CA VAL C 106 -17.36 42.55 -27.22
C VAL C 106 -16.70 43.67 -26.44
N GLN C 107 -15.75 43.34 -25.56
CA GLN C 107 -14.99 44.39 -24.89
C GLN C 107 -14.12 45.16 -25.89
N ARG C 108 -13.47 44.44 -26.80
CA ARG C 108 -12.70 45.12 -27.84
C ARG C 108 -13.60 45.97 -28.72
N GLN C 109 -14.82 45.50 -28.98
CA GLN C 109 -15.76 46.28 -29.78
C GLN C 109 -16.19 47.54 -29.06
N PHE C 110 -16.42 47.47 -27.75
CA PHE C 110 -16.78 48.66 -26.99
C PHE C 110 -15.58 49.58 -26.75
N SER C 111 -14.37 49.07 -26.93
CA SER C 111 -13.18 49.90 -26.80
C SER C 111 -12.76 50.54 -28.12
N GLU C 112 -13.12 49.94 -29.25
CA GLU C 112 -12.71 50.47 -30.55
C GLU C 112 -13.78 51.33 -31.22
N VAL C 113 -14.98 51.40 -30.66
CA VAL C 113 -16.01 52.25 -31.26
C VAL C 113 -15.67 53.73 -31.14
N TRP C 114 -14.82 54.10 -30.19
CA TRP C 114 -14.47 55.50 -29.95
C TRP C 114 -13.34 55.90 -30.89
N LYS C 115 -13.67 56.69 -31.90
CA LYS C 115 -12.73 57.19 -32.89
C LYS C 115 -12.74 58.72 -32.87
N PRO C 116 -11.67 59.36 -33.34
CA PRO C 116 -11.66 60.82 -33.39
C PRO C 116 -12.51 61.33 -34.55
N SER C 117 -13.21 62.44 -34.29
CA SER C 117 -13.95 63.13 -35.34
C SER C 117 -13.57 64.61 -35.36
N PRO C 118 -13.63 65.34 -34.24
CA PRO C 118 -13.07 66.69 -34.24
C PRO C 118 -11.57 66.66 -33.99
N GLN C 119 -10.85 67.49 -34.71
CA GLN C 119 -9.41 67.64 -34.53
C GLN C 119 -9.06 69.12 -34.60
N VAL C 120 -7.76 69.41 -34.52
CA VAL C 120 -7.32 70.80 -34.57
C VAL C 120 -7.60 71.40 -35.95
N THR C 121 -7.36 70.62 -37.00
CA THR C 121 -7.56 71.07 -38.37
C THR C 121 -8.75 70.38 -39.05
N VAL C 122 -9.64 69.79 -38.26
CA VAL C 122 -10.82 69.10 -38.79
C VAL C 122 -12.03 69.51 -37.96
N ARG C 123 -12.90 70.32 -38.55
CA ARG C 123 -14.06 70.81 -37.82
C ARG C 123 -15.05 69.66 -37.59
N PHE C 124 -15.85 69.81 -36.54
CA PHE C 124 -16.92 68.86 -36.25
C PHE C 124 -17.79 68.65 -37.48
N PRO C 125 -18.23 67.43 -37.76
CA PRO C 125 -19.07 67.20 -38.94
C PRO C 125 -20.29 68.11 -38.96
N ASP C 126 -20.69 68.50 -40.18
CA ASP C 126 -21.69 69.53 -40.36
C ASP C 126 -23.04 69.11 -39.79
N SER C 127 -23.57 67.97 -40.24
CA SER C 127 -24.92 67.56 -39.89
C SER C 127 -25.00 66.34 -38.99
N ASP C 128 -23.93 65.56 -38.86
CA ASP C 128 -23.98 64.33 -38.09
C ASP C 128 -24.00 64.62 -36.59
N PHE C 129 -24.39 63.60 -35.83
CA PHE C 129 -24.30 63.59 -34.37
C PHE C 129 -23.22 62.62 -33.94
N LYS C 130 -22.64 62.88 -32.77
CA LYS C 130 -21.61 62.02 -32.21
C LYS C 130 -21.83 61.86 -30.72
N VAL C 131 -21.42 60.71 -30.19
CA VAL C 131 -21.54 60.39 -28.77
C VAL C 131 -20.19 60.58 -28.11
N TYR C 132 -20.17 61.34 -27.01
CA TYR C 132 -18.93 61.75 -26.37
C TYR C 132 -18.54 60.73 -25.30
N ARG C 133 -17.33 60.19 -25.41
CA ARG C 133 -16.88 59.15 -24.50
C ARG C 133 -16.77 59.66 -23.07
N TYR C 134 -16.34 60.92 -22.90
CA TYR C 134 -16.12 61.49 -21.58
C TYR C 134 -17.23 62.45 -21.17
N ASN C 135 -18.43 62.24 -21.70
CA ASN C 135 -19.60 62.97 -21.21
C ASN C 135 -19.80 62.68 -19.73
N ALA C 136 -20.34 63.68 -19.02
CA ALA C 136 -20.45 63.58 -17.56
C ALA C 136 -21.28 62.37 -17.14
N VAL C 137 -22.30 62.03 -17.91
CA VAL C 137 -23.16 60.90 -17.52
C VAL C 137 -22.71 59.59 -18.13
N LEU C 138 -22.17 59.61 -19.36
CA LEU C 138 -21.81 58.38 -20.04
C LEU C 138 -20.45 57.85 -19.60
N ASP C 139 -19.55 58.72 -19.12
CA ASP C 139 -18.22 58.27 -18.72
C ASP C 139 -18.26 57.19 -17.65
N PRO C 140 -18.96 57.35 -16.52
CA PRO C 140 -18.97 56.27 -15.53
C PRO C 140 -19.58 54.99 -16.05
N LEU C 141 -20.63 55.09 -16.87
CA LEU C 141 -21.29 53.90 -17.39
C LEU C 141 -20.35 53.12 -18.31
N VAL C 142 -19.69 53.83 -19.23
CA VAL C 142 -18.77 53.16 -20.15
C VAL C 142 -17.59 52.58 -19.38
N THR C 143 -17.11 53.29 -18.36
CA THR C 143 -15.99 52.76 -17.57
C THR C 143 -16.40 51.49 -16.84
N ALA C 144 -17.54 51.51 -16.16
CA ALA C 144 -18.00 50.32 -15.44
C ALA C 144 -18.24 49.16 -16.41
N LEU C 145 -18.79 49.45 -17.58
CA LEU C 145 -19.05 48.41 -18.56
C LEU C 145 -17.75 47.78 -19.04
N LEU C 146 -16.77 48.60 -19.41
CA LEU C 146 -15.48 48.07 -19.83
C LEU C 146 -14.81 47.27 -18.73
N GLY C 147 -15.01 47.68 -17.46
CA GLY C 147 -14.43 46.95 -16.36
C GLY C 147 -15.16 45.66 -16.02
N ALA C 148 -16.42 45.54 -16.42
CA ALA C 148 -17.19 44.34 -16.13
C ALA C 148 -16.71 43.13 -16.94
N PHE C 149 -16.07 43.35 -18.09
CA PHE C 149 -15.55 42.27 -18.90
C PHE C 149 -14.25 41.68 -18.35
N ASP C 150 -13.66 42.29 -17.33
CA ASP C 150 -12.35 41.87 -16.83
C ASP C 150 -12.56 40.83 -15.74
N THR C 151 -12.66 39.56 -16.15
CA THR C 151 -12.83 38.46 -15.22
C THR C 151 -11.98 37.28 -15.68
N ARG C 152 -11.49 36.51 -14.72
CA ARG C 152 -10.59 35.39 -14.99
C ARG C 152 -11.34 34.24 -15.65
N THR D 13 -25.51 19.28 -8.28
CA THR D 13 -25.82 20.70 -8.48
C THR D 13 -26.27 20.96 -9.91
N ARG D 14 -27.57 20.76 -10.17
CA ARG D 14 -28.14 20.94 -11.50
C ARG D 14 -28.65 22.38 -11.63
N ARG D 15 -27.72 23.28 -11.95
CA ARG D 15 -28.09 24.66 -12.24
C ARG D 15 -28.81 24.79 -13.58
N VAL D 16 -28.74 23.77 -14.44
CA VAL D 16 -29.43 23.82 -15.72
C VAL D 16 -30.93 23.63 -15.54
N ASP D 17 -31.36 22.99 -14.46
CA ASP D 17 -32.79 22.80 -14.22
C ASP D 17 -33.50 24.09 -13.82
N ASP D 18 -32.77 25.07 -13.29
CA ASP D 18 -33.36 26.36 -12.97
C ASP D 18 -33.30 27.34 -14.13
N ALA D 19 -32.27 27.23 -14.99
CA ALA D 19 -32.19 28.10 -16.14
C ALA D 19 -33.29 27.79 -17.16
N THR D 20 -33.67 26.52 -17.28
CA THR D 20 -34.74 26.16 -18.21
C THR D 20 -36.07 26.80 -17.80
N VAL D 21 -36.39 26.75 -16.50
CA VAL D 21 -37.62 27.37 -16.02
C VAL D 21 -37.61 28.86 -16.30
N ALA D 22 -36.48 29.52 -16.07
CA ALA D 22 -36.40 30.97 -16.31
C ALA D 22 -36.56 31.28 -17.79
N ILE D 23 -35.91 30.50 -18.66
CA ILE D 23 -36.04 30.71 -20.09
C ILE D 23 -37.49 30.57 -20.54
N ARG D 24 -38.16 29.52 -20.07
CA ARG D 24 -39.55 29.29 -20.48
C ARG D 24 -40.47 30.39 -19.95
N SER D 25 -40.27 30.81 -18.70
CA SER D 25 -41.10 31.87 -18.16
C SER D 25 -40.85 33.19 -18.86
N ALA D 26 -39.61 33.44 -19.30
CA ALA D 26 -39.33 34.67 -20.04
C ALA D 26 -39.98 34.65 -21.42
N ILE D 27 -39.91 33.51 -22.10
CA ILE D 27 -40.59 33.37 -23.39
C ILE D 27 -42.09 33.59 -23.21
N ASN D 28 -42.66 33.04 -22.14
CA ASN D 28 -44.10 33.21 -21.90
C ASN D 28 -44.45 34.66 -21.59
N ASN D 29 -43.63 35.34 -20.78
CA ASN D 29 -43.88 36.74 -20.46
C ASN D 29 -43.78 37.62 -21.70
N LEU D 30 -42.89 37.26 -22.64
CA LEU D 30 -42.82 38.02 -23.88
C LEU D 30 -44.02 37.74 -24.77
N ILE D 31 -44.43 36.48 -24.85
CA ILE D 31 -45.60 36.11 -25.66
C ILE D 31 -46.85 36.81 -25.15
N VAL D 32 -46.97 36.99 -23.83
CA VAL D 32 -48.16 37.64 -23.28
C VAL D 32 -48.36 39.02 -23.88
N GLU D 33 -47.27 39.78 -24.03
CA GLU D 33 -47.39 41.13 -24.59
C GLU D 33 -47.39 41.12 -26.12
N LEU D 34 -46.72 40.16 -26.75
CA LEU D 34 -46.80 40.05 -28.20
C LEU D 34 -48.22 39.72 -28.66
N ILE D 35 -48.95 38.96 -27.85
CA ILE D 35 -50.35 38.66 -28.18
C ILE D 35 -51.19 39.92 -28.16
N ARG D 36 -50.96 40.79 -27.16
CA ARG D 36 -51.69 42.05 -27.07
C ARG D 36 -51.30 43.03 -28.17
N GLY D 37 -50.20 42.78 -28.89
CA GLY D 37 -49.75 43.66 -29.93
C GLY D 37 -48.92 44.83 -29.46
N THR D 38 -48.68 44.97 -28.16
CA THR D 38 -47.94 46.10 -27.64
C THR D 38 -46.52 46.13 -28.20
N GLY D 39 -46.08 47.31 -28.60
CA GLY D 39 -44.77 47.49 -29.18
C GLY D 39 -44.71 47.38 -30.69
N SER D 40 -45.86 47.31 -31.36
CA SER D 40 -45.92 47.18 -32.82
C SER D 40 -46.41 48.49 -33.41
N TYR D 41 -45.70 48.99 -34.42
CA TYR D 41 -46.00 50.26 -35.04
C TYR D 41 -46.16 50.10 -36.54
N ASN D 42 -46.96 50.97 -37.14
CA ASN D 42 -46.96 51.17 -38.59
C ASN D 42 -46.37 52.54 -38.88
N ARG D 43 -46.43 52.97 -40.15
CA ARG D 43 -45.86 54.26 -40.52
C ARG D 43 -46.47 55.40 -39.72
N SER D 44 -47.80 55.38 -39.60
CA SER D 44 -48.50 56.45 -38.89
C SER D 44 -48.06 56.54 -37.43
N SER D 45 -48.17 55.42 -36.71
CA SER D 45 -47.84 55.43 -35.29
C SER D 45 -46.36 55.67 -35.05
N PHE D 46 -45.50 55.13 -35.91
CA PHE D 46 -44.07 55.35 -35.78
C PHE D 46 -43.73 56.83 -35.92
N GLU D 47 -44.14 57.44 -37.03
CA GLU D 47 -43.84 58.86 -37.26
C GLU D 47 -44.58 59.77 -36.30
N SER D 48 -45.68 59.31 -35.69
CA SER D 48 -46.38 60.13 -34.71
C SER D 48 -45.69 60.10 -33.35
N SER D 49 -45.36 58.91 -32.86
CA SER D 49 -44.81 58.77 -31.51
C SER D 49 -43.31 59.06 -31.46
N SER D 50 -42.59 58.91 -32.56
CA SER D 50 -41.16 59.17 -32.57
C SER D 50 -40.81 60.61 -32.86
N GLY D 51 -41.75 61.40 -33.39
CA GLY D 51 -41.50 62.78 -33.72
C GLY D 51 -40.79 63.02 -35.03
N LEU D 52 -40.38 61.98 -35.74
CA LEU D 52 -39.69 62.16 -37.00
C LEU D 52 -40.68 62.57 -38.09
N VAL D 53 -40.32 63.59 -38.85
CA VAL D 53 -41.14 64.09 -39.96
C VAL D 53 -40.40 63.84 -41.26
N TRP D 54 -41.08 63.20 -42.20
CA TRP D 54 -40.52 62.87 -43.51
C TRP D 54 -40.76 64.03 -44.47
N THR D 55 -39.68 64.62 -44.98
CA THR D 55 -39.76 65.69 -45.98
C THR D 55 -39.52 65.06 -47.35
N SER D 56 -40.56 65.07 -48.18
CA SER D 56 -40.53 64.41 -49.50
C SER D 56 -39.82 65.31 -50.50
N GLY D 57 -38.50 65.34 -50.39
CA GLY D 57 -37.68 66.10 -51.30
C GLY D 57 -37.73 65.56 -52.71
N PRO D 58 -37.35 66.38 -53.69
CA PRO D 58 -37.31 65.89 -55.07
C PRO D 58 -36.09 65.01 -55.31
N ALA D 59 -36.29 63.96 -56.12
CA ALA D 59 -37.59 63.66 -56.70
C ALA D 59 -38.13 62.34 -56.17
N GLY D 60 -37.27 61.32 -56.15
CA GLY D 60 -37.66 60.01 -55.67
C GLY D 60 -37.07 59.67 -54.32
N GLU D 61 -36.28 60.58 -53.76
CA GLU D 61 -35.65 60.40 -52.46
C GLU D 61 -36.32 61.31 -51.42
N GLY D 62 -35.93 61.11 -50.17
CA GLY D 62 -36.43 61.94 -49.09
C GLY D 62 -35.64 61.67 -47.83
N SER D 63 -36.09 62.27 -46.74
CA SER D 63 -35.36 62.11 -45.48
C SER D 63 -36.23 62.48 -44.30
N TYR D 64 -35.90 61.90 -43.15
CA TYR D 64 -36.47 62.29 -41.87
C TYR D 64 -35.70 63.48 -41.30
N SER D 65 -36.42 64.33 -40.57
CA SER D 65 -35.82 65.50 -39.94
C SER D 65 -35.51 65.16 -38.48
N ILE D 66 -34.23 65.10 -38.15
CA ILE D 66 -33.79 64.76 -36.79
C ILE D 66 -33.78 66.02 -35.95
N THR D 67 -34.61 66.05 -34.91
CA THR D 67 -34.71 67.20 -34.02
C THR D 67 -33.98 67.02 -32.70
N THR D 68 -33.98 65.81 -32.15
CA THR D 68 -33.26 65.49 -30.93
C THR D 68 -32.48 64.19 -31.11
N PRO D 69 -31.36 64.04 -30.42
CA PRO D 69 -30.56 62.80 -30.59
C PRO D 69 -31.25 61.56 -30.09
N SER D 70 -32.21 61.68 -29.17
CA SER D 70 -32.92 60.51 -28.66
C SER D 70 -33.67 59.77 -29.76
N GLN D 71 -33.87 60.40 -30.92
CA GLN D 71 -34.54 59.76 -32.04
C GLN D 71 -33.64 58.80 -32.80
N PHE D 72 -32.33 58.78 -32.51
CA PHE D 72 -31.44 57.89 -33.25
C PHE D 72 -31.67 56.41 -32.95
N VAL D 73 -32.38 56.11 -31.85
CA VAL D 73 -32.68 54.72 -31.53
C VAL D 73 -33.67 54.14 -32.54
N PHE D 74 -34.60 54.96 -33.03
CA PHE D 74 -35.62 54.51 -33.95
C PHE D 74 -35.02 54.09 -35.29
N LEU D 75 -33.90 54.67 -35.69
CA LEU D 75 -33.27 54.40 -36.97
C LEU D 75 -32.14 53.39 -36.87
N SER D 76 -32.06 52.65 -35.77
CA SER D 76 -31.02 51.64 -35.60
C SER D 76 -31.53 50.29 -36.07
N SER D 77 -30.88 49.20 -35.65
CA SER D 77 -31.28 47.84 -36.00
C SER D 77 -32.12 47.29 -34.86
N ALA D 78 -33.39 47.70 -34.82
CA ALA D 78 -34.25 47.40 -33.68
C ALA D 78 -35.69 47.10 -34.09
N TRP D 79 -35.88 46.49 -35.26
CA TRP D 79 -37.22 46.23 -35.77
C TRP D 79 -37.33 44.80 -36.27
N ALA D 80 -38.50 44.21 -36.08
CA ALA D 80 -38.74 42.83 -36.50
C ALA D 80 -40.19 42.68 -36.94
N ASP D 81 -40.41 41.70 -37.81
CA ASP D 81 -41.77 41.39 -38.23
C ASP D 81 -42.52 40.68 -37.11
N PRO D 82 -43.76 41.06 -36.82
CA PRO D 82 -44.48 40.42 -35.70
C PRO D 82 -44.69 38.93 -35.88
N ILE D 83 -45.07 38.50 -37.09
CA ILE D 83 -45.29 37.09 -37.35
C ILE D 83 -43.99 36.31 -37.19
N GLU D 84 -42.89 36.83 -37.74
CA GLU D 84 -41.61 36.15 -37.62
C GLU D 84 -41.18 36.02 -36.16
N LEU D 85 -41.40 37.06 -35.36
CA LEU D 85 -40.99 37.01 -33.96
C LEU D 85 -41.84 36.02 -33.17
N ILE D 86 -43.17 36.07 -33.34
CA ILE D 86 -44.01 35.13 -32.60
C ILE D 86 -43.79 33.71 -33.09
N ASN D 87 -43.40 33.52 -34.35
CA ASN D 87 -43.06 32.18 -34.83
C ASN D 87 -41.75 31.70 -34.21
N LEU D 88 -40.78 32.59 -34.07
CA LEU D 88 -39.57 32.24 -33.31
C LEU D 88 -39.94 31.79 -31.90
N CYS D 89 -40.89 32.48 -31.27
CA CYS D 89 -41.30 32.08 -29.92
C CYS D 89 -41.96 30.70 -29.91
N THR D 90 -42.90 30.48 -30.84
CA THR D 90 -43.64 29.22 -30.84
C THR D 90 -42.73 28.03 -31.17
N ASN D 91 -41.73 28.25 -32.04
CA ASN D 91 -40.77 27.18 -32.31
C ASN D 91 -39.73 27.03 -31.21
N ALA D 92 -39.44 28.12 -30.48
CA ALA D 92 -38.46 28.04 -29.40
C ALA D 92 -39.01 27.29 -28.20
N LEU D 93 -40.31 27.41 -27.93
CA LEU D 93 -40.88 26.66 -26.80
C LEU D 93 -40.77 25.16 -26.97
N GLY D 94 -40.42 24.67 -28.16
CA GLY D 94 -40.30 23.24 -28.38
C GLY D 94 -38.86 22.77 -28.54
N ASN D 95 -37.94 23.39 -27.80
CA ASN D 95 -36.53 23.04 -27.85
C ASN D 95 -36.09 22.43 -26.53
N GLN D 96 -34.99 21.67 -26.59
CA GLN D 96 -34.43 21.03 -25.40
C GLN D 96 -33.44 22.01 -24.77
N PHE D 97 -33.96 22.87 -23.89
CA PHE D 97 -33.11 23.86 -23.24
C PHE D 97 -32.22 23.27 -22.16
N GLN D 98 -32.26 21.95 -21.98
CA GLN D 98 -31.25 21.30 -21.14
C GLN D 98 -29.88 21.30 -21.81
N THR D 99 -29.85 21.42 -23.13
CA THR D 99 -28.61 21.43 -23.89
C THR D 99 -28.13 22.84 -24.13
N GLN D 100 -26.80 22.99 -24.26
CA GLN D 100 -26.21 24.29 -24.52
C GLN D 100 -26.42 24.72 -25.97
N HIS D 101 -26.41 23.76 -26.90
CA HIS D 101 -26.56 24.08 -28.32
C HIS D 101 -27.86 24.84 -28.58
N ALA D 102 -28.97 24.39 -27.98
CA ALA D 102 -30.25 25.05 -28.19
C ALA D 102 -30.26 26.43 -27.54
N ARG D 103 -29.74 26.54 -26.32
CA ARG D 103 -29.71 27.82 -25.64
C ARG D 103 -28.86 28.84 -26.39
N THR D 104 -27.89 28.37 -27.18
CA THR D 104 -27.10 29.28 -28.01
C THR D 104 -27.82 29.62 -29.30
N VAL D 105 -28.40 28.62 -29.97
CA VAL D 105 -29.01 28.84 -31.27
C VAL D 105 -30.22 29.75 -31.15
N VAL D 106 -31.12 29.47 -30.22
CA VAL D 106 -32.32 30.29 -30.12
C VAL D 106 -31.99 31.68 -29.58
N GLN D 107 -30.92 31.80 -28.79
CA GLN D 107 -30.48 33.13 -28.38
C GLN D 107 -29.99 33.94 -29.57
N ARG D 108 -29.21 33.30 -30.45
CA ARG D 108 -28.79 33.98 -31.68
C ARG D 108 -29.99 34.34 -32.55
N GLN D 109 -31.00 33.48 -32.57
CA GLN D 109 -32.20 33.78 -33.36
C GLN D 109 -32.96 34.97 -32.79
N PHE D 110 -33.07 35.06 -31.47
CA PHE D 110 -33.73 36.20 -30.85
C PHE D 110 -32.87 37.46 -30.87
N SER D 111 -31.57 37.32 -31.10
CA SER D 111 -30.70 38.50 -31.22
C SER D 111 -30.59 39.00 -32.64
N GLU D 112 -30.80 38.14 -33.64
CA GLU D 112 -30.68 38.53 -35.04
C GLU D 112 -32.00 38.88 -35.69
N VAL D 113 -33.13 38.69 -34.99
CA VAL D 113 -34.42 39.06 -35.55
C VAL D 113 -34.55 40.57 -35.68
N TRP D 114 -33.77 41.34 -34.92
CA TRP D 114 -33.85 42.80 -34.93
C TRP D 114 -32.98 43.33 -36.06
N LYS D 115 -33.62 43.81 -37.11
CA LYS D 115 -32.98 44.41 -38.27
C LYS D 115 -33.50 45.82 -38.47
N PRO D 116 -32.76 46.69 -39.14
CA PRO D 116 -33.26 48.04 -39.40
C PRO D 116 -34.30 48.05 -40.50
N SER D 117 -35.32 48.89 -40.32
CA SER D 117 -36.32 49.09 -41.37
C SER D 117 -36.43 50.58 -41.68
N PRO D 118 -36.64 51.47 -40.69
CA PRO D 118 -36.54 52.90 -40.98
C PRO D 118 -35.09 53.37 -40.90
N GLN D 119 -34.73 54.23 -41.84
CA GLN D 119 -33.40 54.84 -41.85
C GLN D 119 -33.54 56.32 -42.18
N VAL D 120 -32.40 57.01 -42.28
CA VAL D 120 -32.43 58.43 -42.60
C VAL D 120 -32.96 58.65 -44.01
N THR D 121 -32.54 57.82 -44.96
CA THR D 121 -32.95 57.94 -46.35
C THR D 121 -33.90 56.81 -46.77
N VAL D 122 -34.50 56.11 -45.80
CA VAL D 122 -35.43 55.02 -46.08
C VAL D 122 -36.63 55.20 -45.16
N ARG D 123 -37.76 55.60 -45.74
CA ARG D 123 -38.96 55.84 -44.93
C ARG D 123 -39.52 54.51 -44.41
N PHE D 124 -40.24 54.61 -43.29
CA PHE D 124 -40.93 53.46 -42.72
C PHE D 124 -41.78 52.79 -43.79
N PRO D 125 -41.85 51.46 -43.81
CA PRO D 125 -42.67 50.78 -44.83
C PRO D 125 -44.10 51.31 -44.83
N ASP D 126 -44.70 51.33 -46.01
CA ASP D 126 -45.99 51.99 -46.21
C ASP D 126 -47.09 51.30 -45.41
N SER D 127 -47.28 50.00 -45.63
CA SER D 127 -48.41 49.28 -45.06
C SER D 127 -48.04 48.24 -44.01
N ASP D 128 -46.77 47.83 -43.95
CA ASP D 128 -46.36 46.78 -43.02
C ASP D 128 -46.32 47.30 -41.59
N PHE D 129 -46.30 46.36 -40.65
CA PHE D 129 -46.10 46.64 -39.24
C PHE D 129 -44.73 46.13 -38.80
N LYS D 130 -44.18 46.79 -37.78
CA LYS D 130 -42.88 46.40 -37.23
C LYS D 130 -42.93 46.48 -35.71
N VAL D 131 -42.12 45.63 -35.08
CA VAL D 131 -42.03 45.53 -33.63
C VAL D 131 -40.76 46.24 -33.18
N TYR D 132 -40.90 47.15 -32.21
CA TYR D 132 -39.80 48.01 -31.79
C TYR D 132 -39.05 47.34 -30.64
N ARG D 133 -37.74 47.16 -30.83
CA ARG D 133 -36.95 46.45 -29.83
C ARG D 133 -36.90 47.21 -28.50
N TYR D 134 -36.85 48.55 -28.57
CA TYR D 134 -36.71 49.37 -27.38
C TYR D 134 -38.02 50.01 -26.96
N ASN D 135 -39.14 49.38 -27.29
CA ASN D 135 -40.42 49.80 -26.73
C ASN D 135 -40.39 49.69 -25.21
N ALA D 136 -41.15 50.57 -24.56
CA ALA D 136 -41.10 50.66 -23.10
C ALA D 136 -41.47 49.34 -22.42
N VAL D 137 -42.41 48.60 -23.00
CA VAL D 137 -42.85 47.36 -22.38
C VAL D 137 -42.06 46.15 -22.89
N LEU D 138 -41.66 46.15 -24.15
CA LEU D 138 -40.98 44.98 -24.71
C LEU D 138 -39.49 44.96 -24.37
N ASP D 139 -38.89 46.12 -24.12
CA ASP D 139 -37.46 46.16 -23.82
C ASP D 139 -37.07 45.31 -22.61
N PRO D 140 -37.71 45.46 -21.43
CA PRO D 140 -37.29 44.63 -20.29
C PRO D 140 -37.52 43.15 -20.52
N LEU D 141 -38.62 42.79 -21.20
CA LEU D 141 -38.92 41.38 -21.43
C LEU D 141 -37.90 40.77 -22.38
N VAL D 142 -37.58 41.45 -23.48
CA VAL D 142 -36.59 40.93 -24.42
C VAL D 142 -35.22 40.86 -23.77
N THR D 143 -34.88 41.84 -22.92
CA THR D 143 -33.60 41.82 -22.24
C THR D 143 -33.50 40.63 -21.29
N ALA D 144 -34.54 40.42 -20.47
CA ALA D 144 -34.55 39.27 -19.57
C ALA D 144 -34.49 37.96 -20.34
N LEU D 145 -35.18 37.91 -21.49
CA LEU D 145 -35.17 36.69 -22.30
C LEU D 145 -33.76 36.41 -22.81
N LEU D 146 -33.11 37.42 -23.40
CA LEU D 146 -31.75 37.23 -23.89
C LEU D 146 -30.79 36.87 -22.77
N GLY D 147 -31.01 37.41 -21.56
CA GLY D 147 -30.16 37.07 -20.44
C GLY D 147 -30.42 35.71 -19.83
N ALA D 148 -31.60 35.15 -20.05
CA ALA D 148 -31.92 33.84 -19.51
C ALA D 148 -31.13 32.72 -20.18
N PHE D 149 -30.68 32.92 -21.42
CA PHE D 149 -29.87 31.93 -22.10
C PHE D 149 -28.42 31.89 -21.63
N ASP D 150 -28.01 32.83 -20.78
CA ASP D 150 -26.61 32.94 -20.37
C ASP D 150 -26.40 32.08 -19.14
N THR D 151 -26.12 30.79 -19.36
CA THR D 151 -25.86 29.85 -18.28
C THR D 151 -24.71 28.93 -18.67
N ARG D 152 -23.93 28.53 -17.68
CA ARG D 152 -22.75 27.69 -17.90
C ARG D 152 -23.15 26.27 -18.29
N THR E 13 -16.15 -26.38 11.23
CA THR E 13 -17.45 -27.04 11.23
C THR E 13 -17.38 -28.39 10.51
N ARG E 14 -16.98 -29.43 11.26
CA ARG E 14 -16.85 -30.77 10.70
C ARG E 14 -18.16 -31.52 10.88
N ARG E 15 -19.09 -31.26 9.95
CA ARG E 15 -20.35 -32.00 9.93
C ARG E 15 -20.16 -33.44 9.49
N VAL E 16 -19.02 -33.77 8.88
CA VAL E 16 -18.77 -35.15 8.46
C VAL E 16 -18.47 -36.05 9.65
N ASP E 17 -17.98 -35.49 10.76
CA ASP E 17 -17.71 -36.30 11.94
C ASP E 17 -18.99 -36.73 12.65
N ASP E 18 -20.09 -36.02 12.44
CA ASP E 18 -21.36 -36.43 13.01
C ASP E 18 -22.13 -37.38 12.10
N ALA E 19 -21.97 -37.23 10.78
CA ALA E 19 -22.63 -38.14 9.85
C ALA E 19 -22.06 -39.55 9.92
N THR E 20 -20.75 -39.67 10.17
CA THR E 20 -20.14 -40.99 10.26
C THR E 20 -20.70 -41.78 11.44
N VAL E 21 -20.85 -41.13 12.59
CA VAL E 21 -21.41 -41.79 13.77
C VAL E 21 -22.84 -42.25 13.47
N ALA E 22 -23.62 -41.41 12.80
CA ALA E 22 -24.99 -41.77 12.49
C ALA E 22 -25.05 -42.94 11.52
N ILE E 23 -24.19 -42.95 10.50
CA ILE E 23 -24.16 -44.06 9.55
C ILE E 23 -23.81 -45.36 10.26
N ARG E 24 -22.78 -45.32 11.12
CA ARG E 24 -22.36 -46.54 11.81
C ARG E 24 -23.43 -47.03 12.77
N SER E 25 -24.07 -46.11 13.50
CA SER E 25 -25.13 -46.51 14.42
C SER E 25 -26.33 -47.07 13.66
N ALA E 26 -26.62 -46.54 12.47
CA ALA E 26 -27.72 -47.09 11.68
C ALA E 26 -27.40 -48.48 11.16
N ILE E 27 -26.17 -48.69 10.69
CA ILE E 27 -25.76 -50.03 10.26
C ILE E 27 -25.86 -51.01 11.43
N ASN E 28 -25.45 -50.57 12.63
CA ASN E 28 -25.52 -51.45 13.80
C ASN E 28 -26.96 -51.75 14.18
N ASN E 29 -27.84 -50.73 14.14
CA ASN E 29 -29.25 -50.96 14.45
C ASN E 29 -29.91 -51.90 13.44
N LEU E 30 -29.46 -51.87 12.19
CA LEU E 30 -29.99 -52.82 11.21
C LEU E 30 -29.45 -54.22 11.45
N ILE E 31 -28.16 -54.33 11.81
CA ILE E 31 -27.57 -55.64 12.08
C ILE E 31 -28.27 -56.29 13.26
N VAL E 32 -28.68 -55.49 14.25
CA VAL E 32 -29.35 -56.03 15.44
C VAL E 32 -30.60 -56.81 15.05
N GLU E 33 -31.37 -56.28 14.10
CA GLU E 33 -32.59 -56.96 13.69
C GLU E 33 -32.34 -58.03 12.63
N LEU E 34 -31.32 -57.84 11.79
CA LEU E 34 -30.97 -58.90 10.83
C LEU E 34 -30.48 -60.16 11.54
N ILE E 35 -29.83 -60.00 12.70
CA ILE E 35 -29.39 -61.16 13.47
C ILE E 35 -30.58 -61.95 13.97
N ARG E 36 -31.63 -61.25 14.43
CA ARG E 36 -32.83 -61.91 14.91
C ARG E 36 -33.64 -62.56 13.80
N GLY E 37 -33.35 -62.24 12.54
CA GLY E 37 -34.08 -62.81 11.43
C GLY E 37 -35.38 -62.12 11.09
N THR E 38 -35.77 -61.08 11.83
CA THR E 38 -37.04 -60.42 11.59
C THR E 38 -37.08 -59.83 10.18
N GLY E 39 -38.21 -60.03 9.51
CA GLY E 39 -38.37 -59.57 8.15
C GLY E 39 -37.98 -60.57 7.07
N SER E 40 -37.68 -61.81 7.45
CA SER E 40 -37.27 -62.83 6.50
C SER E 40 -38.40 -63.84 6.33
N TYR E 41 -38.76 -64.13 5.08
CA TYR E 41 -39.86 -65.02 4.76
C TYR E 41 -39.39 -66.10 3.79
N ASN E 42 -40.06 -67.26 3.86
CA ASN E 42 -39.98 -68.29 2.85
C ASN E 42 -41.33 -68.35 2.13
N ARG E 43 -41.50 -69.35 1.26
CA ARG E 43 -42.75 -69.47 0.51
C ARG E 43 -43.95 -69.58 1.45
N SER E 44 -43.84 -70.42 2.47
CA SER E 44 -44.94 -70.64 3.40
C SER E 44 -45.30 -69.36 4.13
N SER E 45 -44.32 -68.74 4.79
CA SER E 45 -44.61 -67.54 5.59
C SER E 45 -45.01 -66.37 4.72
N PHE E 46 -44.41 -66.24 3.53
CA PHE E 46 -44.80 -65.17 2.62
C PHE E 46 -46.25 -65.31 2.20
N GLU E 47 -46.62 -66.49 1.68
CA GLU E 47 -47.99 -66.70 1.23
C GLU E 47 -48.99 -66.70 2.39
N SER E 48 -48.53 -66.94 3.62
CA SER E 48 -49.42 -66.89 4.77
C SER E 48 -49.68 -65.45 5.20
N SER E 49 -48.62 -64.64 5.34
CA SER E 49 -48.76 -63.29 5.86
C SER E 49 -49.20 -62.28 4.82
N SER E 50 -48.95 -62.54 3.53
CA SER E 50 -49.32 -61.60 2.48
C SER E 50 -50.73 -61.82 1.96
N GLY E 51 -51.34 -62.98 2.22
CA GLY E 51 -52.66 -63.29 1.75
C GLY E 51 -52.75 -63.76 0.31
N LEU E 52 -51.63 -63.76 -0.42
CA LEU E 52 -51.66 -64.19 -1.81
C LEU E 52 -51.79 -65.70 -1.89
N VAL E 53 -52.69 -66.17 -2.74
CA VAL E 53 -52.93 -67.59 -2.97
C VAL E 53 -52.51 -67.92 -4.39
N TRP E 54 -51.67 -68.94 -4.54
CA TRP E 54 -51.19 -69.37 -5.83
C TRP E 54 -52.15 -70.39 -6.42
N THR E 55 -52.73 -70.08 -7.58
CA THR E 55 -53.62 -70.99 -8.29
C THR E 55 -52.80 -71.71 -9.37
N SER E 56 -52.62 -73.02 -9.19
CA SER E 56 -51.75 -73.81 -10.06
C SER E 56 -52.50 -74.17 -11.34
N GLY E 57 -52.63 -73.18 -12.22
CA GLY E 57 -53.25 -73.38 -13.50
C GLY E 57 -52.42 -74.29 -14.40
N PRO E 58 -53.06 -74.85 -15.42
CA PRO E 58 -52.31 -75.67 -16.40
C PRO E 58 -51.53 -74.78 -17.36
N ALA E 59 -50.34 -75.26 -17.73
CA ALA E 59 -49.79 -76.51 -17.21
C ALA E 59 -48.54 -76.28 -16.38
N GLY E 60 -47.63 -75.46 -16.91
CA GLY E 60 -46.40 -75.16 -16.20
C GLY E 60 -46.37 -73.74 -15.65
N GLU E 61 -47.41 -72.97 -15.90
CA GLU E 61 -47.53 -71.61 -15.42
C GLU E 61 -48.57 -71.54 -14.30
N GLY E 62 -48.64 -70.37 -13.68
CA GLY E 62 -49.61 -70.13 -12.63
C GLY E 62 -49.63 -68.66 -12.28
N SER E 63 -50.38 -68.34 -11.24
CA SER E 63 -50.51 -66.93 -10.85
C SER E 63 -51.01 -66.81 -9.43
N TYR E 64 -50.68 -65.67 -8.82
CA TYR E 64 -51.25 -65.30 -7.53
C TYR E 64 -52.59 -64.60 -7.75
N SER E 65 -53.49 -64.80 -6.79
CA SER E 65 -54.80 -64.18 -6.82
C SER E 65 -54.75 -62.92 -5.97
N ILE E 66 -54.83 -61.77 -6.61
CA ILE E 66 -54.75 -60.49 -5.92
C ILE E 66 -56.12 -60.13 -5.38
N THR E 67 -56.23 -60.00 -4.07
CA THR E 67 -57.51 -59.70 -3.42
C THR E 67 -57.63 -58.23 -3.05
N THR E 68 -56.55 -57.59 -2.64
CA THR E 68 -56.54 -56.18 -2.32
C THR E 68 -55.33 -55.51 -2.96
N PRO E 69 -55.44 -54.22 -3.31
CA PRO E 69 -54.31 -53.54 -3.96
C PRO E 69 -53.11 -53.38 -3.06
N SER E 70 -53.31 -53.38 -1.73
CA SER E 70 -52.18 -53.24 -0.80
C SER E 70 -51.17 -54.36 -0.96
N GLN E 71 -51.55 -55.46 -1.61
CA GLN E 71 -50.66 -56.59 -1.84
C GLN E 71 -49.67 -56.34 -2.98
N PHE E 72 -49.83 -55.26 -3.74
CA PHE E 72 -48.91 -54.99 -4.84
C PHE E 72 -47.51 -54.62 -4.38
N VAL E 73 -47.35 -54.27 -3.10
CA VAL E 73 -46.03 -53.97 -2.57
C VAL E 73 -45.19 -55.25 -2.50
N PHE E 74 -45.85 -56.38 -2.22
CA PHE E 74 -45.13 -57.64 -2.08
C PHE E 74 -44.53 -58.11 -3.40
N LEU E 75 -45.12 -57.72 -4.52
CA LEU E 75 -44.68 -58.14 -5.85
C LEU E 75 -43.80 -57.10 -6.52
N SER E 76 -43.26 -56.15 -5.77
CA SER E 76 -42.40 -55.10 -6.32
C SER E 76 -40.95 -55.55 -6.21
N SER E 77 -40.01 -54.59 -6.30
CA SER E 77 -38.59 -54.87 -6.16
C SER E 77 -38.19 -54.54 -4.73
N ALA E 78 -38.48 -55.48 -3.82
CA ALA E 78 -38.31 -55.22 -2.40
C ALA E 78 -37.84 -56.47 -1.65
N TRP E 79 -37.01 -57.29 -2.29
CA TRP E 79 -36.55 -58.54 -1.70
C TRP E 79 -35.05 -58.69 -1.87
N ALA E 80 -34.39 -59.28 -0.88
CA ALA E 80 -32.95 -59.47 -0.90
C ALA E 80 -32.60 -60.78 -0.21
N ASP E 81 -31.47 -61.35 -0.59
CA ASP E 81 -30.97 -62.54 0.06
C ASP E 81 -30.40 -62.19 1.43
N PRO E 82 -30.74 -62.94 2.49
CA PRO E 82 -30.23 -62.57 3.82
C PRO E 82 -28.72 -62.59 3.92
N ILE E 83 -28.08 -63.62 3.35
CA ILE E 83 -26.62 -63.71 3.42
C ILE E 83 -25.99 -62.55 2.68
N GLU E 84 -26.51 -62.22 1.49
CA GLU E 84 -25.97 -61.10 0.72
C GLU E 84 -26.11 -59.78 1.48
N LEU E 85 -27.26 -59.58 2.14
CA LEU E 85 -27.50 -58.33 2.87
C LEU E 85 -26.57 -58.21 4.07
N ILE E 86 -26.46 -59.27 4.87
CA ILE E 86 -25.60 -59.20 6.04
C ILE E 86 -24.13 -59.11 5.63
N ASN E 87 -23.78 -59.66 4.46
CA ASN E 87 -22.41 -59.49 3.96
C ASN E 87 -22.16 -58.06 3.52
N LEU E 88 -23.15 -57.44 2.89
CA LEU E 88 -23.06 -56.01 2.59
C LEU E 88 -22.83 -55.20 3.86
N CYS E 89 -23.53 -55.57 4.94
CA CYS E 89 -23.35 -54.86 6.21
C CYS E 89 -21.94 -55.06 6.77
N THR E 90 -21.47 -56.30 6.80
CA THR E 90 -20.17 -56.59 7.41
C THR E 90 -19.04 -55.95 6.60
N ASN E 91 -19.17 -55.88 5.26
CA ASN E 91 -18.17 -55.20 4.46
C ASN E 91 -18.32 -53.68 4.51
N ALA E 92 -19.54 -53.18 4.75
CA ALA E 92 -19.75 -51.74 4.84
C ALA E 92 -19.17 -51.17 6.12
N LEU E 93 -19.22 -51.93 7.22
CA LEU E 93 -18.64 -51.45 8.47
C LEU E 93 -17.13 -51.20 8.38
N GLY E 94 -16.48 -51.66 7.31
CA GLY E 94 -15.04 -51.44 7.15
C GLY E 94 -14.68 -50.45 6.06
N ASN E 95 -15.48 -49.40 5.89
CA ASN E 95 -15.25 -48.38 4.88
C ASN E 95 -14.92 -47.05 5.53
N GLN E 96 -14.26 -46.18 4.76
CA GLN E 96 -13.91 -44.84 5.21
C GLN E 96 -15.07 -43.90 4.89
N PHE E 97 -16.01 -43.81 5.82
CA PHE E 97 -17.18 -42.95 5.63
C PHE E 97 -16.85 -41.46 5.78
N GLN E 98 -15.59 -41.10 6.03
CA GLN E 98 -15.18 -39.71 5.95
C GLN E 98 -15.18 -39.20 4.51
N THR E 99 -15.07 -40.11 3.55
CA THR E 99 -15.05 -39.76 2.14
C THR E 99 -16.44 -39.84 1.53
N GLN E 100 -16.67 -39.03 0.50
CA GLN E 100 -17.95 -39.05 -0.20
C GLN E 100 -18.09 -40.26 -1.11
N HIS E 101 -16.98 -40.72 -1.70
CA HIS E 101 -17.03 -41.87 -2.60
C HIS E 101 -17.59 -43.10 -1.90
N ALA E 102 -17.15 -43.37 -0.67
CA ALA E 102 -17.63 -44.54 0.06
C ALA E 102 -19.10 -44.38 0.44
N ARG E 103 -19.47 -43.20 0.93
CA ARG E 103 -20.87 -42.95 1.30
C ARG E 103 -21.79 -43.07 0.10
N THR E 104 -21.27 -42.84 -1.11
CA THR E 104 -22.08 -43.02 -2.31
C THR E 104 -22.13 -44.49 -2.73
N VAL E 105 -20.99 -45.17 -2.72
CA VAL E 105 -20.93 -46.54 -3.22
C VAL E 105 -21.73 -47.47 -2.31
N VAL E 106 -21.52 -47.39 -0.99
CA VAL E 106 -22.23 -48.31 -0.12
C VAL E 106 -23.72 -47.97 -0.04
N GLN E 107 -24.08 -46.70 -0.25
CA GLN E 107 -25.49 -46.36 -0.35
C GLN E 107 -26.12 -46.98 -1.58
N ARG E 108 -25.43 -46.94 -2.72
CA ARG E 108 -25.93 -47.61 -3.91
C ARG E 108 -26.03 -49.12 -3.70
N GLN E 109 -25.09 -49.68 -2.93
CA GLN E 109 -25.15 -51.11 -2.64
C GLN E 109 -26.36 -51.46 -1.79
N PHE E 110 -26.67 -50.61 -0.80
CA PHE E 110 -27.84 -50.84 0.03
C PHE E 110 -29.14 -50.50 -0.68
N SER E 111 -29.07 -49.73 -1.76
CA SER E 111 -30.27 -49.42 -2.53
C SER E 111 -30.55 -50.41 -3.65
N GLU E 112 -29.52 -51.10 -4.16
CA GLU E 112 -29.69 -52.04 -5.25
C GLU E 112 -29.81 -53.49 -4.81
N VAL E 113 -29.62 -53.78 -3.52
CA VAL E 113 -29.76 -55.15 -3.03
C VAL E 113 -31.20 -55.62 -3.10
N TRP E 114 -32.16 -54.71 -3.14
CA TRP E 114 -33.58 -55.06 -3.17
C TRP E 114 -33.98 -55.32 -4.62
N LYS E 115 -34.20 -56.59 -4.95
CA LYS E 115 -34.60 -57.03 -6.28
C LYS E 115 -35.92 -57.77 -6.19
N PRO E 116 -36.66 -57.86 -7.29
CA PRO E 116 -37.93 -58.60 -7.26
C PRO E 116 -37.68 -60.10 -7.29
N SER E 117 -38.50 -60.84 -6.53
CA SER E 117 -38.48 -62.29 -6.58
C SER E 117 -39.89 -62.85 -6.77
N PRO E 118 -40.88 -62.46 -5.97
CA PRO E 118 -42.25 -62.85 -6.29
C PRO E 118 -42.86 -61.88 -7.29
N GLN E 119 -43.61 -62.43 -8.25
CA GLN E 119 -44.32 -61.64 -9.23
C GLN E 119 -45.71 -62.25 -9.43
N VAL E 120 -46.47 -61.66 -10.37
CA VAL E 120 -47.81 -62.16 -10.64
C VAL E 120 -47.75 -63.54 -11.27
N THR E 121 -46.79 -63.77 -12.18
CA THR E 121 -46.63 -65.04 -12.86
C THR E 121 -45.37 -65.78 -12.41
N VAL E 122 -44.81 -65.40 -11.25
CA VAL E 122 -43.59 -66.03 -10.72
C VAL E 122 -43.83 -66.26 -9.24
N ARG E 123 -44.00 -67.53 -8.85
CA ARG E 123 -44.24 -67.84 -7.44
C ARG E 123 -42.97 -67.63 -6.63
N PHE E 124 -43.17 -67.38 -5.33
CA PHE E 124 -42.06 -67.25 -4.40
C PHE E 124 -41.14 -68.47 -4.51
N PRO E 125 -39.82 -68.29 -4.41
CA PRO E 125 -38.91 -69.44 -4.50
C PRO E 125 -39.26 -70.54 -3.51
N ASP E 126 -39.01 -71.78 -3.92
CA ASP E 126 -39.48 -72.94 -3.18
C ASP E 126 -38.85 -73.03 -1.79
N SER E 127 -37.52 -73.05 -1.73
CA SER E 127 -36.82 -73.31 -0.48
C SER E 127 -36.02 -72.12 0.04
N ASP E 128 -35.76 -71.12 -0.79
CA ASP E 128 -34.94 -70.00 -0.36
C ASP E 128 -35.71 -69.10 0.60
N PHE E 129 -34.96 -68.27 1.32
CA PHE E 129 -35.51 -67.21 2.14
C PHE E 129 -35.21 -65.86 1.52
N LYS E 130 -36.07 -64.88 1.79
CA LYS E 130 -35.90 -63.54 1.28
C LYS E 130 -36.23 -62.54 2.38
N VAL E 131 -35.59 -61.38 2.31
CA VAL E 131 -35.77 -60.31 3.28
C VAL E 131 -36.68 -59.25 2.68
N TYR E 132 -37.72 -58.86 3.42
CA TYR E 132 -38.75 -57.96 2.91
C TYR E 132 -38.35 -56.52 3.21
N ARG E 133 -38.26 -55.70 2.17
CA ARG E 133 -37.81 -54.31 2.34
C ARG E 133 -38.79 -53.51 3.19
N TYR E 134 -40.08 -53.76 3.05
CA TYR E 134 -41.12 -52.98 3.73
C TYR E 134 -41.71 -53.72 4.93
N ASN E 135 -40.94 -54.62 5.54
CA ASN E 135 -41.34 -55.20 6.82
C ASN E 135 -41.52 -54.09 7.86
N ALA E 136 -42.45 -54.33 8.79
CA ALA E 136 -42.80 -53.29 9.77
C ALA E 136 -41.60 -52.87 10.61
N VAL E 137 -40.70 -53.79 10.91
CA VAL E 137 -39.54 -53.45 11.73
C VAL E 137 -38.35 -53.02 10.89
N LEU E 138 -38.19 -53.60 9.70
CA LEU E 138 -37.03 -53.28 8.87
C LEU E 138 -37.21 -52.00 8.08
N ASP E 139 -38.44 -51.60 7.79
CA ASP E 139 -38.65 -50.38 7.00
C ASP E 139 -38.04 -49.15 7.65
N PRO E 140 -38.31 -48.81 8.92
CA PRO E 140 -37.69 -47.61 9.49
C PRO E 140 -36.18 -47.69 9.55
N LEU E 141 -35.63 -48.86 9.86
CA LEU E 141 -34.18 -48.99 9.96
C LEU E 141 -33.51 -48.81 8.61
N VAL E 142 -34.04 -49.47 7.58
CA VAL E 142 -33.46 -49.33 6.25
C VAL E 142 -33.62 -47.91 5.73
N THR E 143 -34.76 -47.26 6.04
CA THR E 143 -34.95 -45.88 5.60
C THR E 143 -33.95 -44.96 6.26
N ALA E 144 -33.80 -45.07 7.59
CA ALA E 144 -32.83 -44.24 8.30
C ALA E 144 -31.42 -44.49 7.81
N LEU E 145 -31.08 -45.75 7.53
CA LEU E 145 -29.75 -46.07 7.03
C LEU E 145 -29.50 -45.44 5.66
N LEU E 146 -30.44 -45.62 4.74
CA LEU E 146 -30.29 -45.02 3.41
C LEU E 146 -30.22 -43.50 3.50
N GLY E 147 -30.93 -42.89 4.45
CA GLY E 147 -30.88 -41.45 4.61
C GLY E 147 -29.62 -40.95 5.31
N ALA E 148 -28.95 -41.82 6.06
CA ALA E 148 -27.75 -41.41 6.78
C ALA E 148 -26.57 -41.13 5.84
N PHE E 149 -26.56 -41.72 4.65
CA PHE E 149 -25.51 -41.45 3.68
C PHE E 149 -25.67 -40.11 2.98
N ASP E 150 -26.77 -39.40 3.22
CA ASP E 150 -27.07 -38.16 2.50
C ASP E 150 -26.48 -36.99 3.27
N THR E 151 -25.21 -36.69 2.99
CA THR E 151 -24.52 -35.57 3.60
C THR E 151 -23.66 -34.88 2.56
N ARG E 152 -23.53 -33.56 2.70
CA ARG E 152 -22.81 -32.75 1.73
C ARG E 152 -21.30 -33.00 1.80
N THR F 13 -32.78 -1.90 -4.11
CA THR F 13 -33.94 -1.11 -4.51
C THR F 13 -34.54 -1.65 -5.80
N ARG F 14 -35.42 -2.65 -5.67
CA ARG F 14 -36.08 -3.28 -6.81
C ARG F 14 -37.39 -2.55 -7.11
N ARG F 15 -37.28 -1.46 -7.86
CA ARG F 15 -38.46 -0.75 -8.33
C ARG F 15 -39.23 -1.54 -9.39
N VAL F 16 -38.61 -2.57 -9.98
CA VAL F 16 -39.29 -3.36 -10.99
C VAL F 16 -40.32 -4.29 -10.37
N ASP F 17 -40.16 -4.65 -9.09
CA ASP F 17 -41.13 -5.53 -8.45
C ASP F 17 -42.44 -4.82 -8.15
N ASP F 18 -42.44 -3.49 -8.05
CA ASP F 18 -43.66 -2.74 -7.85
C ASP F 18 -44.33 -2.36 -9.16
N ALA F 19 -43.55 -2.16 -10.22
CA ALA F 19 -44.13 -1.84 -11.52
C ALA F 19 -44.90 -3.02 -12.09
N THR F 20 -44.44 -4.24 -11.83
CA THR F 20 -45.16 -5.42 -12.33
C THR F 20 -46.55 -5.52 -11.72
N VAL F 21 -46.66 -5.30 -10.41
CA VAL F 21 -47.96 -5.34 -9.76
C VAL F 21 -48.89 -4.28 -10.33
N ALA F 22 -48.36 -3.08 -10.56
CA ALA F 22 -49.20 -2.01 -11.11
C ALA F 22 -49.65 -2.32 -12.52
N ILE F 23 -48.76 -2.87 -13.35
CA ILE F 23 -49.13 -3.23 -14.72
C ILE F 23 -50.23 -4.30 -14.71
N ARG F 24 -50.05 -5.33 -13.88
CA ARG F 24 -51.03 -6.40 -13.85
C ARG F 24 -52.37 -5.93 -13.31
N SER F 25 -52.36 -5.11 -12.26
CA SER F 25 -53.61 -4.59 -11.73
C SER F 25 -54.30 -3.65 -12.71
N ALA F 26 -53.52 -2.91 -13.51
CA ALA F 26 -54.14 -2.05 -14.52
C ALA F 26 -54.77 -2.88 -15.63
N ILE F 27 -54.08 -3.93 -16.08
CA ILE F 27 -54.66 -4.83 -17.08
C ILE F 27 -55.94 -5.45 -16.54
N ASN F 28 -55.94 -5.83 -15.26
CA ASN F 28 -57.14 -6.42 -14.67
C ASN F 28 -58.28 -5.41 -14.58
N ASN F 29 -57.97 -4.17 -14.18
CA ASN F 29 -58.99 -3.14 -14.12
C ASN F 29 -59.57 -2.83 -15.49
N LEU F 30 -58.77 -2.95 -16.54
CA LEU F 30 -59.30 -2.77 -17.89
C LEU F 30 -60.16 -3.96 -18.32
N ILE F 31 -59.72 -5.17 -17.98
CA ILE F 31 -60.48 -6.37 -18.32
C ILE F 31 -61.85 -6.35 -17.64
N VAL F 32 -61.91 -5.81 -16.43
CA VAL F 32 -63.17 -5.76 -15.69
C VAL F 32 -64.24 -5.04 -16.50
N GLU F 33 -63.87 -3.92 -17.12
CA GLU F 33 -64.83 -3.16 -17.92
C GLU F 33 -64.98 -3.69 -19.34
N LEU F 34 -63.92 -4.27 -19.91
CA LEU F 34 -64.04 -4.90 -21.22
C LEU F 34 -65.01 -6.07 -21.19
N ILE F 35 -65.07 -6.79 -20.06
CA ILE F 35 -66.01 -7.89 -19.94
C ILE F 35 -67.44 -7.38 -19.98
N ARG F 36 -67.71 -6.26 -19.31
CA ARG F 36 -69.05 -5.68 -19.28
C ARG F 36 -69.45 -5.09 -20.63
N GLY F 37 -68.51 -4.90 -21.55
CA GLY F 37 -68.84 -4.32 -22.84
C GLY F 37 -68.88 -2.81 -22.88
N THR F 38 -68.65 -2.15 -21.75
CA THR F 38 -68.73 -0.69 -21.69
C THR F 38 -67.71 -0.05 -22.63
N GLY F 39 -68.15 0.97 -23.36
CA GLY F 39 -67.30 1.64 -24.32
C GLY F 39 -67.35 1.08 -25.73
N SER F 40 -68.27 0.16 -26.02
CA SER F 40 -68.38 -0.46 -27.33
C SER F 40 -69.61 0.08 -28.03
N TYR F 41 -69.44 0.51 -29.28
CA TYR F 41 -70.51 1.12 -30.05
C TYR F 41 -70.67 0.39 -31.39
N ASN F 42 -71.88 0.43 -31.92
CA ASN F 42 -72.17 0.08 -33.30
C ASN F 42 -72.55 1.35 -34.04
N ARG F 43 -73.01 1.20 -35.29
CA ARG F 43 -73.38 2.37 -36.08
C ARG F 43 -74.49 3.17 -35.38
N SER F 44 -75.52 2.47 -34.91
CA SER F 44 -76.65 3.14 -34.27
C SER F 44 -76.21 3.91 -33.04
N SER F 45 -75.54 3.23 -32.09
CA SER F 45 -75.17 3.88 -30.85
C SER F 45 -74.13 4.98 -31.07
N PHE F 46 -73.20 4.77 -32.01
CA PHE F 46 -72.22 5.80 -32.32
C PHE F 46 -72.89 7.06 -32.85
N GLU F 47 -73.70 6.92 -33.91
CA GLU F 47 -74.36 8.08 -34.49
C GLU F 47 -75.41 8.69 -33.56
N SER F 48 -75.93 7.92 -32.60
CA SER F 48 -76.87 8.47 -31.64
C SER F 48 -76.17 9.28 -30.55
N SER F 49 -75.13 8.71 -29.94
CA SER F 49 -74.49 9.37 -28.80
C SER F 49 -73.49 10.44 -29.22
N SER F 50 -72.95 10.37 -30.43
CA SER F 50 -71.99 11.36 -30.88
C SER F 50 -72.65 12.56 -31.55
N GLY F 51 -73.91 12.46 -31.94
CA GLY F 51 -74.60 13.53 -32.62
C GLY F 51 -74.31 13.67 -34.09
N LEU F 52 -73.40 12.87 -34.64
CA LEU F 52 -73.09 12.95 -36.05
C LEU F 52 -74.20 12.34 -36.88
N VAL F 53 -74.61 13.04 -37.94
CA VAL F 53 -75.65 12.60 -38.85
C VAL F 53 -75.01 12.35 -40.22
N TRP F 54 -75.26 11.17 -40.78
CA TRP F 54 -74.75 10.81 -42.09
C TRP F 54 -75.71 11.28 -43.17
N THR F 55 -75.23 12.15 -44.05
CA THR F 55 -76.01 12.67 -45.17
C THR F 55 -75.65 11.88 -46.42
N SER F 56 -76.62 11.12 -46.94
CA SER F 56 -76.40 10.21 -48.06
C SER F 56 -76.47 10.99 -49.37
N GLY F 57 -75.41 11.73 -49.65
CA GLY F 57 -75.29 12.47 -50.88
C GLY F 57 -75.16 11.55 -52.08
N PRO F 58 -75.45 12.08 -53.28
CA PRO F 58 -75.25 11.29 -54.49
C PRO F 58 -73.78 11.18 -54.87
N ALA F 59 -73.38 10.01 -55.36
CA ALA F 59 -74.28 8.87 -55.49
C ALA F 59 -73.85 7.73 -54.58
N GLY F 60 -72.56 7.43 -54.59
CA GLY F 60 -72.03 6.38 -53.75
C GLY F 60 -71.22 6.88 -52.57
N GLU F 61 -71.08 8.20 -52.45
CA GLU F 61 -70.34 8.81 -51.35
C GLU F 61 -71.30 9.49 -50.38
N GLY F 62 -70.74 9.93 -49.26
CA GLY F 62 -71.51 10.65 -48.27
C GLY F 62 -70.58 11.23 -47.23
N SER F 63 -71.16 11.82 -46.19
CA SER F 63 -70.36 12.46 -45.17
C SER F 63 -71.17 12.67 -43.90
N TYR F 64 -70.45 12.79 -42.79
CA TYR F 64 -71.05 13.21 -41.53
C TYR F 64 -71.15 14.73 -41.47
N SER F 65 -72.18 15.21 -40.80
CA SER F 65 -72.40 16.65 -40.63
C SER F 65 -71.85 17.05 -39.26
N ILE F 66 -70.76 17.83 -39.28
CA ILE F 66 -70.10 18.27 -38.06
C ILE F 66 -70.79 19.53 -37.56
N THR F 67 -71.36 19.45 -36.36
CA THR F 67 -72.09 20.57 -35.77
C THR F 67 -71.28 21.31 -34.72
N THR F 68 -70.47 20.60 -33.94
CA THR F 68 -69.60 21.18 -32.94
C THR F 68 -68.21 20.57 -33.06
N PRO F 69 -67.16 21.33 -32.71
CA PRO F 69 -65.80 20.79 -32.84
C PRO F 69 -65.52 19.62 -31.90
N SER F 70 -66.26 19.51 -30.80
CA SER F 70 -66.05 18.40 -29.86
C SER F 70 -66.29 17.04 -30.51
N GLN F 71 -66.94 17.01 -31.68
CA GLN F 71 -67.18 15.76 -32.39
C GLN F 71 -65.96 15.28 -33.18
N PHE F 72 -64.90 16.09 -33.28
CA PHE F 72 -63.73 15.67 -34.04
C PHE F 72 -62.96 14.53 -33.38
N VAL F 73 -63.18 14.29 -32.09
CA VAL F 73 -62.50 13.19 -31.42
C VAL F 73 -63.01 11.85 -31.94
N PHE F 74 -64.31 11.78 -32.28
CA PHE F 74 -64.89 10.54 -32.75
C PHE F 74 -64.32 10.10 -34.09
N LEU F 75 -63.85 11.04 -34.90
CA LEU F 75 -63.33 10.75 -36.23
C LEU F 75 -61.81 10.65 -36.25
N SER F 76 -61.17 10.52 -35.10
CA SER F 76 -59.72 10.40 -35.03
C SER F 76 -59.33 8.92 -35.03
N SER F 77 -58.11 8.61 -34.57
CA SER F 77 -57.62 7.24 -34.49
C SER F 77 -57.83 6.75 -33.06
N ALA F 78 -59.07 6.35 -32.75
CA ALA F 78 -59.44 6.02 -31.38
C ALA F 78 -60.41 4.85 -31.33
N TRP F 79 -60.27 3.87 -32.23
CA TRP F 79 -61.18 2.75 -32.30
C TRP F 79 -60.40 1.45 -32.44
N ALA F 80 -60.92 0.40 -31.83
CA ALA F 80 -60.28 -0.92 -31.85
C ALA F 80 -61.36 -2.00 -31.87
N ASP F 81 -61.00 -3.16 -32.40
CA ASP F 81 -61.89 -4.30 -32.39
C ASP F 81 -61.97 -4.89 -30.98
N PRO F 82 -63.16 -5.20 -30.47
CA PRO F 82 -63.24 -5.73 -29.10
C PRO F 82 -62.50 -7.05 -28.92
N ILE F 83 -62.64 -7.97 -29.87
CA ILE F 83 -61.98 -9.27 -29.76
C ILE F 83 -60.47 -9.09 -29.79
N GLU F 84 -59.97 -8.26 -30.70
CA GLU F 84 -58.54 -8.02 -30.80
C GLU F 84 -58.01 -7.40 -29.52
N LEU F 85 -58.76 -6.47 -28.92
CA LEU F 85 -58.30 -5.81 -27.70
C LEU F 85 -58.26 -6.78 -26.52
N ILE F 86 -59.33 -7.56 -26.34
CA ILE F 86 -59.33 -8.50 -25.23
C ILE F 86 -58.29 -9.60 -25.45
N ASN F 87 -57.98 -9.91 -26.72
CA ASN F 87 -56.90 -10.87 -26.99
C ASN F 87 -55.54 -10.28 -26.64
N LEU F 88 -55.34 -9.00 -26.94
CA LEU F 88 -54.13 -8.32 -26.48
C LEU F 88 -54.01 -8.41 -24.96
N CYS F 89 -55.13 -8.23 -24.25
CA CYS F 89 -55.08 -8.32 -22.79
C CYS F 89 -54.73 -9.73 -22.32
N THR F 90 -55.39 -10.75 -22.90
CA THR F 90 -55.17 -12.12 -22.43
C THR F 90 -53.75 -12.58 -22.75
N ASN F 91 -53.18 -12.14 -23.88
CA ASN F 91 -51.80 -12.49 -24.19
C ASN F 91 -50.80 -11.64 -23.41
N ALA F 92 -51.18 -10.41 -23.03
CA ALA F 92 -50.28 -9.57 -22.26
C ALA F 92 -50.15 -10.06 -20.83
N LEU F 93 -51.23 -10.60 -20.26
CA LEU F 93 -51.14 -11.11 -18.89
C LEU F 93 -50.15 -12.26 -18.74
N GLY F 94 -49.68 -12.85 -19.84
CA GLY F 94 -48.73 -13.95 -19.77
C GLY F 94 -47.32 -13.59 -20.21
N ASN F 95 -46.88 -12.37 -19.93
CA ASN F 95 -45.56 -11.90 -20.29
C ASN F 95 -44.70 -11.68 -19.06
N GLN F 96 -43.38 -11.66 -19.27
CA GLN F 96 -42.41 -11.42 -18.20
C GLN F 96 -42.19 -9.91 -18.12
N PHE F 97 -43.03 -9.25 -17.33
CA PHE F 97 -42.92 -7.80 -17.17
C PHE F 97 -41.76 -7.39 -16.27
N GLN F 98 -40.95 -8.34 -15.80
CA GLN F 98 -39.70 -7.99 -15.15
C GLN F 98 -38.69 -7.44 -16.14
N THR F 99 -38.84 -7.77 -17.43
CA THR F 99 -37.94 -7.33 -18.47
C THR F 99 -38.47 -6.06 -19.14
N GLN F 100 -37.54 -5.25 -19.66
CA GLN F 100 -37.91 -4.02 -20.35
C GLN F 100 -38.49 -4.29 -21.74
N HIS F 101 -37.99 -5.33 -22.42
CA HIS F 101 -38.44 -5.63 -23.77
C HIS F 101 -39.96 -5.86 -23.80
N ALA F 102 -40.48 -6.62 -22.83
CA ALA F 102 -41.91 -6.88 -22.80
C ALA F 102 -42.70 -5.60 -22.48
N ARG F 103 -42.22 -4.83 -21.50
CA ARG F 103 -42.92 -3.59 -21.14
C ARG F 103 -42.94 -2.61 -22.31
N THR F 104 -41.99 -2.71 -23.22
CA THR F 104 -42.02 -1.86 -24.41
C THR F 104 -42.94 -2.44 -25.49
N VAL F 105 -42.83 -3.75 -25.73
CA VAL F 105 -43.58 -4.36 -26.83
C VAL F 105 -45.08 -4.31 -26.56
N VAL F 106 -45.50 -4.73 -25.36
CA VAL F 106 -46.94 -4.76 -25.10
C VAL F 106 -47.49 -3.35 -24.96
N GLN F 107 -46.67 -2.39 -24.53
CA GLN F 107 -47.13 -1.00 -24.53
C GLN F 107 -47.36 -0.50 -25.95
N ARG F 108 -46.44 -0.82 -26.87
CA ARG F 108 -46.65 -0.45 -28.27
C ARG F 108 -47.91 -1.13 -28.83
N GLN F 109 -48.16 -2.38 -28.40
CA GLN F 109 -49.36 -3.08 -28.86
C GLN F 109 -50.63 -2.42 -28.34
N PHE F 110 -50.62 -1.98 -27.07
CA PHE F 110 -51.78 -1.31 -26.52
C PHE F 110 -51.94 0.11 -27.03
N SER F 111 -50.87 0.68 -27.61
CA SER F 111 -50.96 2.01 -28.20
C SER F 111 -51.33 1.98 -29.67
N GLU F 112 -51.04 0.89 -30.38
CA GLU F 112 -51.31 0.80 -31.81
C GLU F 112 -52.63 0.10 -32.15
N VAL F 113 -53.31 -0.47 -31.15
CA VAL F 113 -54.59 -1.11 -31.42
C VAL F 113 -55.66 -0.10 -31.82
N TRP F 114 -55.47 1.17 -31.45
CA TRP F 114 -56.45 2.21 -31.74
C TRP F 114 -56.22 2.75 -33.15
N LYS F 115 -57.11 2.40 -34.06
CA LYS F 115 -57.07 2.81 -35.45
C LYS F 115 -58.36 3.53 -35.81
N PRO F 116 -58.35 4.36 -36.84
CA PRO F 116 -59.60 5.04 -37.25
C PRO F 116 -60.54 4.08 -37.96
N SER F 117 -61.84 4.25 -37.68
CA SER F 117 -62.86 3.50 -38.41
C SER F 117 -63.91 4.46 -38.96
N PRO F 118 -64.50 5.35 -38.14
CA PRO F 118 -65.33 6.40 -38.73
C PRO F 118 -64.48 7.58 -39.16
N GLN F 119 -64.82 8.14 -40.33
CA GLN F 119 -64.15 9.33 -40.84
C GLN F 119 -65.20 10.27 -41.41
N VAL F 120 -64.73 11.38 -41.98
CA VAL F 120 -65.65 12.35 -42.56
C VAL F 120 -66.35 11.76 -43.78
N THR F 121 -65.62 11.02 -44.61
CA THR F 121 -66.16 10.41 -45.81
C THR F 121 -66.27 8.89 -45.70
N VAL F 122 -66.21 8.35 -44.49
CA VAL F 122 -66.30 6.90 -44.25
C VAL F 122 -67.25 6.67 -43.09
N ARG F 123 -68.43 6.15 -43.38
CA ARG F 123 -69.42 5.92 -42.33
C ARG F 123 -68.98 4.80 -41.40
N PHE F 124 -69.49 4.85 -40.17
CA PHE F 124 -69.24 3.79 -39.21
C PHE F 124 -69.58 2.44 -39.83
N PRO F 125 -68.81 1.39 -39.56
CA PRO F 125 -69.12 0.07 -40.14
C PRO F 125 -70.55 -0.35 -39.83
N ASP F 126 -71.14 -1.05 -40.80
CA ASP F 126 -72.57 -1.34 -40.74
C ASP F 126 -72.92 -2.24 -39.55
N SER F 127 -72.27 -3.41 -39.46
CA SER F 127 -72.65 -4.40 -38.47
C SER F 127 -71.61 -4.65 -37.39
N ASP F 128 -70.36 -4.24 -37.60
CA ASP F 128 -69.33 -4.51 -36.61
C ASP F 128 -69.48 -3.59 -35.40
N PHE F 129 -68.82 -3.97 -34.31
CA PHE F 129 -68.71 -3.14 -33.12
C PHE F 129 -67.28 -2.63 -32.98
N LYS F 130 -67.15 -1.48 -32.31
CA LYS F 130 -65.86 -0.86 -32.09
C LYS F 130 -65.80 -0.33 -30.67
N VAL F 131 -64.59 -0.31 -30.10
CA VAL F 131 -64.36 0.17 -28.74
C VAL F 131 -63.75 1.56 -28.82
N TYR F 132 -64.33 2.50 -28.06
CA TYR F 132 -63.96 3.91 -28.14
C TYR F 132 -62.84 4.20 -27.15
N ARG F 133 -61.73 4.73 -27.65
CA ARG F 133 -60.56 4.98 -26.81
C ARG F 133 -60.85 6.03 -25.74
N TYR F 134 -61.64 7.05 -26.08
CA TYR F 134 -61.90 8.16 -25.16
C TYR F 134 -63.28 8.07 -24.52
N ASN F 135 -63.81 6.87 -24.38
CA ASN F 135 -65.02 6.67 -23.58
C ASN F 135 -64.78 7.10 -22.14
N ALA F 136 -65.84 7.60 -21.49
CA ALA F 136 -65.71 8.17 -20.16
C ALA F 136 -65.15 7.17 -19.16
N VAL F 137 -65.49 5.89 -19.29
CA VAL F 137 -65.04 4.89 -18.34
C VAL F 137 -63.73 4.24 -18.77
N LEU F 138 -63.51 4.06 -20.08
CA LEU F 138 -62.32 3.38 -20.55
C LEU F 138 -61.11 4.30 -20.62
N ASP F 139 -61.31 5.61 -20.77
CA ASP F 139 -60.19 6.53 -20.88
C ASP F 139 -59.26 6.47 -19.67
N PRO F 140 -59.74 6.60 -18.42
CA PRO F 140 -58.78 6.53 -17.29
C PRO F 140 -58.07 5.21 -17.20
N LEU F 141 -58.77 4.11 -17.48
CA LEU F 141 -58.16 2.79 -17.37
C LEU F 141 -57.06 2.60 -18.42
N VAL F 142 -57.34 2.95 -19.67
CA VAL F 142 -56.33 2.82 -20.72
C VAL F 142 -55.16 3.77 -20.47
N THR F 143 -55.44 4.97 -19.96
CA THR F 143 -54.36 5.90 -19.66
C THR F 143 -53.45 5.35 -18.56
N ALA F 144 -54.04 4.88 -17.46
CA ALA F 144 -53.26 4.30 -16.38
C ALA F 144 -52.48 3.08 -16.86
N LEU F 145 -53.08 2.27 -17.72
CA LEU F 145 -52.39 1.09 -18.25
C LEU F 145 -51.18 1.49 -19.08
N LEU F 146 -51.37 2.42 -20.02
CA LEU F 146 -50.24 2.87 -20.84
C LEU F 146 -49.16 3.51 -19.98
N GLY F 147 -49.55 4.21 -18.90
CA GLY F 147 -48.56 4.81 -18.04
C GLY F 147 -47.86 3.84 -17.11
N ALA F 148 -48.47 2.67 -16.86
CA ALA F 148 -47.85 1.69 -15.98
C ALA F 148 -46.62 1.05 -16.60
N PHE F 149 -46.52 1.02 -17.93
CA PHE F 149 -45.35 0.46 -18.60
C PHE F 149 -44.15 1.40 -18.56
N ASP F 150 -44.32 2.63 -18.09
CA ASP F 150 -43.27 3.64 -18.15
C ASP F 150 -42.45 3.55 -16.86
N THR F 151 -41.45 2.68 -16.87
CA THR F 151 -40.56 2.50 -15.73
C THR F 151 -39.13 2.32 -16.24
N ARG F 152 -38.17 2.81 -15.45
CA ARG F 152 -36.77 2.77 -15.85
C ARG F 152 -36.22 1.35 -15.80
N THR G 13 -6.46 31.58 -4.07
CA THR G 13 -5.87 32.89 -3.83
C THR G 13 -5.71 33.66 -5.14
N ARG G 14 -6.77 34.34 -5.56
CA ARG G 14 -6.77 35.10 -6.81
C ARG G 14 -6.35 36.54 -6.51
N ARG G 15 -5.02 36.74 -6.43
CA ARG G 15 -4.47 38.08 -6.27
C ARG G 15 -4.63 38.91 -7.53
N VAL G 16 -4.89 38.28 -8.67
CA VAL G 16 -5.06 39.03 -9.92
C VAL G 16 -6.40 39.75 -9.94
N ASP G 17 -7.38 39.28 -9.18
CA ASP G 17 -8.69 39.93 -9.15
C ASP G 17 -8.66 41.24 -8.40
N ASP G 18 -7.71 41.44 -7.50
CA ASP G 18 -7.54 42.70 -6.79
C ASP G 18 -6.63 43.67 -7.51
N ALA G 19 -5.64 43.16 -8.25
CA ALA G 19 -4.76 44.05 -9.01
C ALA G 19 -5.50 44.73 -10.14
N THR G 20 -6.47 44.04 -10.75
CA THR G 20 -7.24 44.64 -11.84
C THR G 20 -8.03 45.85 -11.35
N VAL G 21 -8.65 45.72 -10.17
CA VAL G 21 -9.41 46.84 -9.60
C VAL G 21 -8.49 48.03 -9.36
N ALA G 22 -7.30 47.78 -8.83
CA ALA G 22 -6.37 48.87 -8.55
C ALA G 22 -5.89 49.53 -9.85
N ILE G 23 -5.60 48.73 -10.87
CA ILE G 23 -5.18 49.28 -12.16
C ILE G 23 -6.26 50.15 -12.75
N ARG G 24 -7.51 49.66 -12.74
CA ARG G 24 -8.60 50.43 -13.33
C ARG G 24 -8.87 51.71 -12.55
N SER G 25 -8.85 51.63 -11.21
CA SER G 25 -9.06 52.83 -10.43
C SER G 25 -7.93 53.84 -10.62
N ALA G 26 -6.71 53.36 -10.83
CA ALA G 26 -5.60 54.27 -11.10
C ALA G 26 -5.75 54.94 -12.46
N ILE G 27 -6.14 54.17 -13.48
CA ILE G 27 -6.38 54.76 -14.79
C ILE G 27 -7.47 55.83 -14.70
N ASN G 28 -8.53 55.55 -13.94
CA ASN G 28 -9.60 56.53 -13.80
C ASN G 28 -9.12 57.77 -13.05
N ASN G 29 -8.34 57.58 -11.98
CA ASN G 29 -7.82 58.72 -11.24
C ASN G 29 -6.89 59.58 -12.09
N LEU G 30 -6.17 58.97 -13.02
CA LEU G 30 -5.34 59.76 -13.93
C LEU G 30 -6.19 60.49 -14.97
N ILE G 31 -7.20 59.81 -15.51
CA ILE G 31 -8.06 60.41 -16.52
C ILE G 31 -8.82 61.61 -15.94
N VAL G 32 -9.20 61.54 -14.67
CA VAL G 32 -9.94 62.64 -14.06
C VAL G 32 -9.13 63.92 -14.13
N GLU G 33 -7.82 63.85 -13.88
CA GLU G 33 -6.99 65.05 -13.93
C GLU G 33 -6.57 65.40 -15.35
N LEU G 34 -6.42 64.40 -16.22
CA LEU G 34 -6.12 64.69 -17.62
C LEU G 34 -7.27 65.42 -18.29
N ILE G 35 -8.51 65.14 -17.88
CA ILE G 35 -9.66 65.84 -18.45
C ILE G 35 -9.62 67.32 -18.08
N ARG G 36 -9.27 67.64 -16.84
CA ARG G 36 -9.18 69.02 -16.40
C ARG G 36 -8.01 69.76 -17.02
N GLY G 37 -7.06 69.05 -17.64
CA GLY G 37 -5.91 69.68 -18.26
C GLY G 37 -4.78 69.99 -17.32
N THR G 38 -4.93 69.70 -16.02
CA THR G 38 -3.87 70.01 -15.06
C THR G 38 -2.60 69.27 -15.41
N GLY G 39 -1.48 69.98 -15.34
CA GLY G 39 -0.19 69.42 -15.70
C GLY G 39 0.20 69.59 -17.14
N SER G 40 -0.54 70.37 -17.91
CA SER G 40 -0.26 70.60 -19.32
C SER G 40 0.27 72.02 -19.50
N TYR G 41 1.38 72.15 -20.20
CA TYR G 41 2.04 73.44 -20.38
C TYR G 41 2.25 73.73 -21.85
N ASN G 42 2.29 75.02 -22.19
CA ASN G 42 2.78 75.51 -23.47
C ASN G 42 4.10 76.25 -23.22
N ARG G 43 4.61 76.92 -24.25
CA ARG G 43 5.88 77.64 -24.10
C ARG G 43 5.80 78.67 -22.99
N SER G 44 4.71 79.46 -22.98
CA SER G 44 4.56 80.53 -22.00
C SER G 44 4.53 79.98 -20.58
N SER G 45 3.62 79.03 -20.30
CA SER G 45 3.48 78.53 -18.94
C SER G 45 4.70 77.73 -18.51
N PHE G 46 5.32 76.99 -19.43
CA PHE G 46 6.53 76.25 -19.09
C PHE G 46 7.65 77.19 -18.68
N GLU G 47 7.97 78.17 -19.53
CA GLU G 47 9.06 79.10 -19.22
C GLU G 47 8.71 80.01 -18.05
N SER G 48 7.43 80.19 -17.74
CA SER G 48 7.04 80.98 -16.58
C SER G 48 7.22 80.21 -15.28
N SER G 49 6.71 78.98 -15.22
CA SER G 49 6.72 78.21 -13.98
C SER G 49 8.05 77.53 -13.71
N SER G 50 8.86 77.27 -14.74
CA SER G 50 10.15 76.62 -14.56
C SER G 50 11.28 77.60 -14.28
N GLY G 51 11.09 78.89 -14.58
CA GLY G 51 12.13 79.86 -14.38
C GLY G 51 13.18 79.93 -15.45
N LEU G 52 13.11 79.06 -16.45
CA LEU G 52 14.09 79.07 -17.53
C LEU G 52 13.86 80.25 -18.46
N VAL G 53 14.93 80.96 -18.79
CA VAL G 53 14.88 82.10 -19.70
C VAL G 53 15.65 81.73 -20.96
N TRP G 54 15.00 81.90 -22.12
CA TRP G 54 15.61 81.59 -23.41
C TRP G 54 16.33 82.83 -23.93
N THR G 55 17.65 82.72 -24.10
CA THR G 55 18.47 83.79 -24.66
C THR G 55 18.70 83.50 -26.14
N SER G 56 18.15 84.36 -27.00
CA SER G 56 18.18 84.15 -28.45
C SER G 56 19.54 84.60 -28.99
N GLY G 57 20.54 83.76 -28.77
CA GLY G 57 21.87 84.01 -29.27
C GLY G 57 21.91 83.97 -30.78
N PRO G 58 22.94 84.56 -31.38
CA PRO G 58 23.09 84.50 -32.84
C PRO G 58 23.57 83.13 -33.28
N ALA G 59 23.04 82.67 -34.41
CA ALA G 59 22.02 83.41 -35.16
C ALA G 59 20.69 82.64 -35.16
N GLY G 60 20.76 81.35 -35.44
CA GLY G 60 19.57 80.52 -35.48
C GLY G 60 19.46 79.58 -34.30
N GLU G 61 20.45 79.61 -33.42
CA GLU G 61 20.47 78.78 -32.22
C GLU G 61 20.19 79.63 -30.99
N GLY G 62 20.04 78.96 -29.86
CA GLY G 62 19.84 79.62 -28.60
C GLY G 62 19.95 78.64 -27.47
N SER G 63 19.65 79.12 -26.26
CA SER G 63 19.79 78.26 -25.08
C SER G 63 18.99 78.83 -23.92
N TYR G 64 18.61 77.93 -23.02
CA TYR G 64 18.04 78.32 -21.74
C TYR G 64 19.16 78.62 -20.74
N SER G 65 18.89 79.57 -19.86
CA SER G 65 19.85 79.94 -18.82
C SER G 65 19.49 79.20 -17.54
N ILE G 66 20.34 78.26 -17.14
CA ILE G 66 20.10 77.45 -15.95
C ILE G 66 20.59 78.22 -14.73
N THR G 67 19.68 78.54 -13.82
CA THR G 67 19.99 79.29 -12.61
C THR G 67 20.12 78.41 -11.38
N THR G 68 19.31 77.36 -11.28
CA THR G 68 19.37 76.40 -10.19
C THR G 68 19.33 74.99 -10.75
N PRO G 69 19.95 74.02 -10.07
CA PRO G 69 19.95 72.65 -10.59
C PRO G 69 18.58 71.98 -10.59
N SER G 70 17.64 72.44 -9.75
CA SER G 70 16.31 71.86 -9.73
C SER G 70 15.59 71.98 -11.07
N GLN G 71 16.08 72.83 -11.96
CA GLN G 71 15.49 73.00 -13.28
C GLN G 71 15.89 71.90 -14.25
N PHE G 72 16.85 71.03 -13.88
CA PHE G 72 17.27 69.98 -14.80
C PHE G 72 16.20 68.92 -15.00
N VAL G 73 15.20 68.86 -14.14
CA VAL G 73 14.11 67.90 -14.32
C VAL G 73 13.28 68.27 -15.53
N PHE G 74 13.11 69.57 -15.78
CA PHE G 74 12.28 70.04 -16.89
C PHE G 74 12.88 69.66 -18.24
N LEU G 75 14.19 69.52 -18.33
CA LEU G 75 14.88 69.26 -19.59
C LEU G 75 15.18 67.77 -19.79
N SER G 76 14.56 66.90 -19.02
CA SER G 76 14.77 65.46 -19.13
C SER G 76 13.73 64.88 -20.08
N SER G 77 13.52 63.56 -20.00
CA SER G 77 12.52 62.87 -20.83
C SER G 77 11.25 62.69 -20.01
N ALA G 78 10.46 63.77 -19.93
CA ALA G 78 9.31 63.80 -19.04
C ALA G 78 8.12 64.54 -19.65
N TRP G 79 7.94 64.47 -20.96
CA TRP G 79 6.89 65.19 -21.65
C TRP G 79 6.16 64.29 -22.63
N ALA G 80 4.86 64.51 -22.76
CA ALA G 80 4.03 63.70 -23.65
C ALA G 80 2.94 64.58 -24.25
N ASP G 81 2.47 64.18 -25.42
CA ASP G 81 1.35 64.87 -26.06
C ASP G 81 0.05 64.54 -25.33
N PRO G 82 -0.78 65.54 -25.03
CA PRO G 82 -2.02 65.24 -24.29
C PRO G 82 -2.95 64.29 -25.03
N ILE G 83 -3.11 64.47 -26.34
CA ILE G 83 -4.02 63.61 -27.11
C ILE G 83 -3.51 62.17 -27.09
N GLU G 84 -2.21 61.98 -27.32
CA GLU G 84 -1.66 60.63 -27.31
C GLU G 84 -1.83 59.96 -25.95
N LEU G 85 -1.63 60.72 -24.87
CA LEU G 85 -1.75 60.16 -23.53
C LEU G 85 -3.19 59.77 -23.23
N ILE G 86 -4.15 60.65 -23.52
CA ILE G 86 -5.54 60.31 -23.25
C ILE G 86 -6.01 59.19 -24.16
N ASN G 87 -5.43 59.05 -25.36
CA ASN G 87 -5.77 57.92 -26.22
C ASN G 87 -5.20 56.63 -25.66
N LEU G 88 -3.98 56.68 -25.11
CA LEU G 88 -3.45 55.53 -24.40
C LEU G 88 -4.37 55.10 -23.26
N CYS G 89 -4.89 56.07 -22.52
CA CYS G 89 -5.79 55.75 -21.41
C CYS G 89 -7.09 55.11 -21.91
N THR G 90 -7.70 55.71 -22.94
CA THR G 90 -8.98 55.20 -23.42
C THR G 90 -8.84 53.82 -24.05
N ASN G 91 -7.70 53.54 -24.70
CA ASN G 91 -7.48 52.19 -25.22
C ASN G 91 -7.05 51.21 -24.14
N ALA G 92 -6.43 51.70 -23.07
CA ALA G 92 -6.02 50.82 -21.98
C ALA G 92 -7.21 50.35 -21.15
N LEU G 93 -8.23 51.20 -21.00
CA LEU G 93 -9.42 50.76 -20.27
C LEU G 93 -10.13 49.59 -20.93
N GLY G 94 -9.80 49.25 -22.18
CA GLY G 94 -10.44 48.14 -22.84
C GLY G 94 -9.56 46.91 -23.03
N ASN G 95 -8.68 46.64 -22.06
CA ASN G 95 -7.78 45.50 -22.12
C ASN G 95 -8.13 44.48 -21.04
N GLN G 96 -7.69 43.24 -21.27
CA GLN G 96 -7.90 42.14 -20.34
C GLN G 96 -6.73 42.13 -19.36
N PHE G 97 -6.86 42.89 -18.27
CA PHE G 97 -5.80 42.98 -17.27
C PHE G 97 -5.71 41.74 -16.39
N GLN G 98 -6.52 40.70 -16.64
CA GLN G 98 -6.30 39.42 -15.98
C GLN G 98 -5.04 38.74 -16.47
N THR G 99 -4.58 39.07 -17.67
CA THR G 99 -3.39 38.46 -18.26
C THR G 99 -2.16 39.30 -17.96
N GLN G 100 -1.01 38.63 -17.91
CA GLN G 100 0.25 39.32 -17.68
C GLN G 100 0.72 40.07 -18.92
N HIS G 101 0.43 39.53 -20.11
CA HIS G 101 0.83 40.17 -21.35
C HIS G 101 0.30 41.59 -21.46
N ALA G 102 -0.99 41.79 -21.13
CA ALA G 102 -1.57 43.11 -21.22
C ALA G 102 -1.00 44.05 -20.16
N ARG G 103 -0.85 43.55 -18.93
CA ARG G 103 -0.29 44.37 -17.86
C ARG G 103 1.15 44.78 -18.16
N THR G 104 1.85 44.00 -18.98
CA THR G 104 3.20 44.37 -19.39
C THR G 104 3.17 45.37 -20.55
N VAL G 105 2.33 45.12 -21.55
CA VAL G 105 2.31 45.96 -22.74
C VAL G 105 1.85 47.37 -22.39
N VAL G 106 0.73 47.49 -21.67
CA VAL G 106 0.24 48.83 -21.38
C VAL G 106 1.13 49.55 -20.38
N GLN G 107 1.83 48.80 -19.51
CA GLN G 107 2.80 49.44 -18.63
C GLN G 107 3.96 50.00 -19.42
N ARG G 108 4.46 49.25 -20.41
CA ARG G 108 5.52 49.77 -21.27
C ARG G 108 5.03 50.99 -22.06
N GLN G 109 3.76 50.98 -22.47
CA GLN G 109 3.23 52.13 -23.19
C GLN G 109 3.14 53.36 -22.30
N PHE G 110 2.73 53.18 -21.04
CA PHE G 110 2.68 54.31 -20.11
C PHE G 110 4.06 54.74 -19.64
N SER G 111 5.07 53.88 -19.80
CA SER G 111 6.43 54.26 -19.45
C SER G 111 7.19 54.90 -20.60
N GLU G 112 6.82 54.61 -21.85
CA GLU G 112 7.51 55.16 -23.00
C GLU G 112 6.85 56.40 -23.60
N VAL G 113 5.67 56.79 -23.11
CA VAL G 113 5.03 58.00 -23.62
C VAL G 113 5.81 59.24 -23.23
N TRP G 114 6.62 59.18 -22.19
CA TRP G 114 7.38 60.33 -21.71
C TRP G 114 8.67 60.46 -22.51
N LYS G 115 8.71 61.44 -23.39
CA LYS G 115 9.85 61.74 -24.24
C LYS G 115 10.32 63.17 -24.00
N PRO G 116 11.57 63.49 -24.32
CA PRO G 116 12.04 64.87 -24.13
C PRO G 116 11.51 65.78 -25.22
N SER G 117 11.18 67.02 -24.82
CA SER G 117 10.80 68.04 -25.78
C SER G 117 11.62 69.31 -25.54
N PRO G 118 11.66 69.88 -24.33
CA PRO G 118 12.60 70.96 -24.07
C PRO G 118 13.98 70.43 -23.71
N GLN G 119 15.01 71.09 -24.24
CA GLN G 119 16.39 70.76 -23.94
C GLN G 119 17.17 72.05 -23.74
N VAL G 120 18.48 71.92 -23.50
CA VAL G 120 19.31 73.10 -23.30
C VAL G 120 19.39 73.91 -24.59
N THR G 121 19.53 73.23 -25.74
CA THR G 121 19.63 73.89 -27.02
C THR G 121 18.37 73.69 -27.88
N VAL G 122 17.26 73.31 -27.25
CA VAL G 122 16.00 73.09 -27.96
C VAL G 122 14.90 73.77 -27.14
N ARG G 123 14.38 74.89 -27.65
CA ARG G 123 13.35 75.63 -26.95
C ARG G 123 12.04 74.85 -26.98
N PHE G 124 11.19 75.10 -25.98
CA PHE G 124 9.86 74.52 -25.94
C PHE G 124 9.14 74.78 -27.26
N PRO G 125 8.38 73.81 -27.77
CA PRO G 125 7.66 74.02 -29.03
C PRO G 125 6.79 75.28 -28.99
N ASP G 126 6.67 75.93 -30.15
CA ASP G 126 6.06 77.25 -30.22
C ASP G 126 4.60 77.22 -29.80
N SER G 127 3.79 76.38 -30.46
CA SER G 127 2.34 76.41 -30.27
C SER G 127 1.78 75.16 -29.60
N ASP G 128 2.52 74.06 -29.56
CA ASP G 128 1.99 72.83 -29.01
C ASP G 128 1.93 72.88 -27.48
N PHE G 129 1.16 71.95 -26.92
CA PHE G 129 1.09 71.73 -25.49
C PHE G 129 1.76 70.40 -25.15
N LYS G 130 2.27 70.30 -23.92
CA LYS G 130 2.92 69.09 -23.44
C LYS G 130 2.49 68.83 -22.00
N VAL G 131 2.48 67.55 -21.64
CA VAL G 131 2.09 67.11 -20.30
C VAL G 131 3.35 66.77 -19.51
N TYR G 132 3.48 67.33 -18.31
CA TYR G 132 4.69 67.21 -17.51
C TYR G 132 4.62 65.99 -16.61
N ARG G 133 5.60 65.10 -16.73
CA ARG G 133 5.59 63.86 -15.97
C ARG G 133 5.69 64.11 -14.47
N TYR G 134 6.50 65.09 -14.07
CA TYR G 134 6.74 65.36 -12.66
C TYR G 134 5.97 66.57 -12.15
N ASN G 135 4.83 66.87 -12.77
CA ASN G 135 3.93 67.86 -12.19
C ASN G 135 3.49 67.39 -10.81
N ALA G 136 3.24 68.36 -9.93
CA ALA G 136 2.94 68.04 -8.54
C ALA G 136 1.70 67.14 -8.43
N VAL G 137 0.74 67.30 -9.34
CA VAL G 137 -0.50 66.54 -9.28
C VAL G 137 -0.42 65.25 -10.08
N LEU G 138 0.28 65.27 -11.22
CA LEU G 138 0.33 64.08 -12.08
C LEU G 138 1.36 63.08 -11.61
N ASP G 139 2.39 63.52 -10.89
CA ASP G 139 3.42 62.59 -10.44
C ASP G 139 2.86 61.46 -9.58
N PRO G 140 2.08 61.72 -8.50
CA PRO G 140 1.57 60.60 -7.70
C PRO G 140 0.65 59.68 -8.50
N LEU G 141 -0.18 60.24 -9.37
CA LEU G 141 -1.11 59.42 -10.13
C LEU G 141 -0.38 58.51 -11.12
N VAL G 142 0.57 59.08 -11.87
CA VAL G 142 1.32 58.28 -12.82
C VAL G 142 2.17 57.23 -12.10
N THR G 143 2.72 57.59 -10.94
CA THR G 143 3.52 56.63 -10.18
C THR G 143 2.66 55.48 -9.69
N ALA G 144 1.50 55.78 -9.11
CA ALA G 144 0.60 54.74 -8.65
C ALA G 144 0.14 53.86 -9.81
N LEU G 145 -0.12 54.48 -10.97
CA LEU G 145 -0.55 53.72 -12.13
C LEU G 145 0.53 52.74 -12.58
N LEU G 146 1.76 53.24 -12.73
CA LEU G 146 2.86 52.36 -13.12
C LEU G 146 3.10 51.26 -12.10
N GLY G 147 2.91 51.56 -10.81
CA GLY G 147 3.08 50.54 -9.80
C GLY G 147 1.95 49.54 -9.70
N ALA G 148 0.77 49.89 -10.19
CA ALA G 148 -0.37 48.98 -10.14
C ALA G 148 -0.20 47.81 -11.10
N PHE G 149 0.59 47.96 -12.16
CA PHE G 149 0.83 46.87 -13.10
C PHE G 149 1.80 45.83 -12.56
N ASP G 150 2.44 46.08 -11.42
CA ASP G 150 3.49 45.20 -10.90
C ASP G 150 2.84 44.15 -10.01
N THR G 151 2.40 43.05 -10.63
CA THR G 151 1.79 41.95 -9.92
C THR G 151 2.29 40.63 -10.52
N ARG G 152 2.42 39.63 -9.66
CA ARG G 152 2.96 38.33 -10.06
C ARG G 152 1.99 37.58 -10.96
N THR H 13 5.29 -25.25 19.80
CA THR H 13 4.64 -26.45 20.29
C THR H 13 5.46 -27.70 19.93
N ARG H 14 6.44 -28.02 20.78
CA ARG H 14 7.32 -29.17 20.55
C ARG H 14 6.70 -30.39 21.24
N ARG H 15 5.76 -31.02 20.55
CA ARG H 15 5.19 -32.27 21.04
C ARG H 15 6.18 -33.42 20.93
N VAL H 16 7.25 -33.26 20.14
CA VAL H 16 8.24 -34.32 20.00
C VAL H 16 9.12 -34.43 21.24
N ASP H 17 9.26 -33.37 22.02
CA ASP H 17 10.08 -33.41 23.22
C ASP H 17 9.42 -34.22 24.33
N ASP H 18 8.09 -34.37 24.30
CA ASP H 18 7.39 -35.19 25.27
C ASP H 18 7.28 -36.65 24.84
N ALA H 19 7.21 -36.90 23.53
CA ALA H 19 7.15 -38.27 23.04
C ALA H 19 8.46 -39.02 23.29
N THR H 20 9.59 -38.31 23.21
CA THR H 20 10.88 -38.96 23.45
C THR H 20 10.97 -39.48 24.88
N VAL H 21 10.53 -38.67 25.85
CA VAL H 21 10.55 -39.09 27.25
C VAL H 21 9.69 -40.33 27.45
N ALA H 22 8.51 -40.35 26.82
CA ALA H 22 7.63 -41.50 26.96
C ALA H 22 8.23 -42.75 26.33
N ILE H 23 8.83 -42.61 25.15
CA ILE H 23 9.46 -43.75 24.49
C ILE H 23 10.59 -44.32 25.34
N ARG H 24 11.44 -43.43 25.89
CA ARG H 24 12.56 -43.91 26.69
C ARG H 24 12.09 -44.55 27.98
N SER H 25 11.08 -43.96 28.64
CA SER H 25 10.56 -44.56 29.86
C SER H 25 9.89 -45.89 29.58
N ALA H 26 9.26 -46.05 28.42
CA ALA H 26 8.65 -47.33 28.06
C ALA H 26 9.72 -48.39 27.80
N ILE H 27 10.78 -48.02 27.09
CA ILE H 27 11.89 -48.95 26.89
C ILE H 27 12.48 -49.38 28.23
N ASN H 28 12.62 -48.43 29.15
CA ASN H 28 13.18 -48.77 30.46
C ASN H 28 12.25 -49.67 31.24
N ASN H 29 10.94 -49.40 31.21
CA ASN H 29 9.97 -50.25 31.90
C ASN H 29 9.96 -51.66 31.33
N LEU H 30 10.21 -51.80 30.02
CA LEU H 30 10.30 -53.13 29.44
C LEU H 30 11.60 -53.82 29.85
N ILE H 31 12.71 -53.08 29.87
CA ILE H 31 13.99 -53.65 30.26
C ILE H 31 13.95 -54.13 31.71
N VAL H 32 13.22 -53.42 32.57
CA VAL H 32 13.13 -53.80 33.97
C VAL H 32 12.60 -55.21 34.12
N GLU H 33 11.60 -55.57 33.33
CA GLU H 33 11.04 -56.92 33.42
C GLU H 33 11.83 -57.93 32.60
N LEU H 34 12.44 -57.50 31.49
CA LEU H 34 13.29 -58.40 30.72
C LEU H 34 14.50 -58.85 31.55
N ILE H 35 15.00 -57.97 32.42
CA ILE H 35 16.12 -58.35 33.28
C ILE H 35 15.71 -59.45 34.25
N ARG H 36 14.49 -59.34 34.78
CA ARG H 36 13.97 -60.35 35.70
C ARG H 36 13.66 -61.67 35.01
N GLY H 37 13.62 -61.70 33.68
CA GLY H 37 13.30 -62.93 32.97
C GLY H 37 11.81 -63.18 32.78
N THR H 38 10.94 -62.27 33.25
CA THR H 38 9.51 -62.49 33.15
C THR H 38 9.07 -62.63 31.70
N GLY H 39 8.21 -63.61 31.46
CA GLY H 39 7.69 -63.87 30.13
C GLY H 39 8.50 -64.83 29.29
N SER H 40 9.51 -65.49 29.87
CA SER H 40 10.37 -66.39 29.13
C SER H 40 10.05 -67.83 29.51
N TYR H 41 9.86 -68.68 28.50
CA TYR H 41 9.47 -70.06 28.70
C TYR H 41 10.43 -70.99 27.97
N ASN H 42 10.55 -72.20 28.47
CA ASN H 42 11.15 -73.33 27.78
C ASN H 42 10.04 -74.32 27.43
N ARG H 43 10.43 -75.49 26.91
CA ARG H 43 9.44 -76.49 26.55
C ARG H 43 8.61 -76.89 27.77
N SER H 44 9.28 -77.14 28.89
CA SER H 44 8.60 -77.58 30.11
C SER H 44 7.58 -76.54 30.58
N SER H 45 8.02 -75.30 30.78
CA SER H 45 7.15 -74.27 31.32
C SER H 45 6.04 -73.91 30.32
N PHE H 46 6.36 -73.92 29.03
CA PHE H 46 5.33 -73.65 28.02
C PHE H 46 4.22 -74.69 28.06
N GLU H 47 4.60 -75.97 27.93
CA GLU H 47 3.61 -77.03 27.93
C GLU H 47 2.91 -77.19 29.28
N SER H 48 3.53 -76.69 30.36
CA SER H 48 2.87 -76.73 31.67
C SER H 48 1.83 -75.62 31.80
N SER H 49 2.19 -74.39 31.43
CA SER H 49 1.32 -73.24 31.65
C SER H 49 0.26 -73.08 30.58
N SER H 50 0.48 -73.60 29.38
CA SER H 50 -0.49 -73.45 28.31
C SER H 50 -1.54 -74.56 28.29
N GLY H 51 -1.28 -75.68 28.96
CA GLY H 51 -2.20 -76.80 28.94
C GLY H 51 -2.09 -77.68 27.72
N LEU H 52 -1.24 -77.33 26.76
CA LEU H 52 -1.10 -78.12 25.55
C LEU H 52 -0.33 -79.41 25.85
N VAL H 53 -0.85 -80.52 25.34
CA VAL H 53 -0.23 -81.83 25.50
C VAL H 53 0.26 -82.31 24.14
N TRP H 54 1.53 -82.68 24.07
CA TRP H 54 2.13 -83.17 22.83
C TRP H 54 1.94 -84.68 22.74
N THR H 55 1.22 -85.14 21.71
CA THR H 55 1.04 -86.56 21.45
C THR H 55 2.05 -86.98 20.39
N SER H 56 3.02 -87.81 20.78
CA SER H 56 4.12 -88.20 19.90
C SER H 56 3.64 -89.32 18.99
N GLY H 57 2.85 -88.94 17.99
CA GLY H 57 2.36 -89.86 16.99
C GLY H 57 3.46 -90.43 16.13
N PRO H 58 3.19 -91.55 15.48
CA PRO H 58 4.18 -92.12 14.55
C PRO H 58 4.24 -91.34 13.25
N ALA H 59 5.46 -91.18 12.72
CA ALA H 59 6.66 -91.70 13.38
C ALA H 59 7.56 -90.55 13.82
N GLY H 60 7.77 -89.59 12.91
CA GLY H 60 8.60 -88.44 13.21
C GLY H 60 7.81 -87.17 13.41
N GLU H 61 6.49 -87.24 13.25
CA GLU H 61 5.62 -86.09 13.42
C GLU H 61 4.82 -86.21 14.71
N GLY H 62 4.11 -85.16 15.04
CA GLY H 62 3.25 -85.14 16.20
C GLY H 62 2.39 -83.90 16.21
N SER H 63 1.67 -83.70 17.31
CA SER H 63 0.77 -82.56 17.39
C SER H 63 0.42 -82.27 18.83
N TYR H 64 0.06 -81.00 19.07
CA TYR H 64 -0.51 -80.60 20.34
C TYR H 64 -2.02 -80.85 20.34
N SER H 65 -2.55 -81.17 21.51
CA SER H 65 -3.98 -81.44 21.68
C SER H 65 -4.65 -80.16 22.18
N ILE H 66 -5.48 -79.58 21.34
CA ILE H 66 -6.17 -78.33 21.65
C ILE H 66 -7.44 -78.67 22.42
N THR H 67 -7.52 -78.19 23.67
CA THR H 67 -8.66 -78.45 24.54
C THR H 67 -9.61 -77.27 24.62
N THR H 68 -9.08 -76.04 24.63
CA THR H 68 -9.87 -74.83 24.63
C THR H 68 -9.32 -73.86 23.60
N PRO H 69 -10.18 -73.02 23.02
CA PRO H 69 -9.71 -72.08 21.98
C PRO H 69 -8.75 -71.03 22.50
N SER H 70 -8.79 -70.72 23.81
CA SER H 70 -7.89 -69.72 24.36
C SER H 70 -6.42 -70.08 24.17
N GLN H 71 -6.13 -71.34 23.87
CA GLN H 71 -4.76 -71.80 23.64
C GLN H 71 -4.23 -71.44 22.26
N PHE H 72 -5.08 -70.94 21.36
CA PHE H 72 -4.61 -70.61 20.01
C PHE H 72 -3.67 -69.40 20.00
N VAL H 73 -3.64 -68.62 21.07
CA VAL H 73 -2.72 -67.49 21.13
C VAL H 73 -1.28 -67.99 21.24
N PHE H 74 -1.08 -69.11 21.93
CA PHE H 74 0.27 -69.64 22.14
C PHE H 74 0.92 -70.09 20.83
N LEU H 75 0.11 -70.51 19.85
CA LEU H 75 0.61 -71.02 18.58
C LEU H 75 0.62 -69.97 17.48
N SER H 76 0.49 -68.69 17.83
CA SER H 76 0.48 -67.63 16.84
C SER H 76 1.92 -67.10 16.68
N SER H 77 2.06 -65.89 16.13
CA SER H 77 3.36 -65.26 15.96
C SER H 77 3.60 -64.33 17.13
N ALA H 78 4.01 -64.91 18.26
CA ALA H 78 4.11 -64.16 19.51
C ALA H 78 5.30 -64.61 20.35
N TRP H 79 6.41 -65.00 19.71
CA TRP H 79 7.57 -65.50 20.42
C TRP H 79 8.84 -64.86 19.88
N ALA H 80 9.80 -64.60 20.78
CA ALA H 80 11.04 -63.97 20.39
C ALA H 80 12.19 -64.51 21.24
N ASP H 81 13.39 -64.45 20.69
CA ASP H 81 14.58 -64.85 21.43
C ASP H 81 14.92 -63.79 22.48
N PRO H 82 15.22 -64.18 23.72
CA PRO H 82 15.50 -63.17 24.76
C PRO H 82 16.71 -62.31 24.44
N ILE H 83 17.80 -62.91 23.96
CA ILE H 83 19.00 -62.14 23.65
C ILE H 83 18.72 -61.14 22.54
N GLU H 84 18.03 -61.57 21.49
CA GLU H 84 17.70 -60.68 20.39
C GLU H 84 16.84 -59.51 20.86
N LEU H 85 15.88 -59.79 21.75
CA LEU H 85 14.98 -58.74 22.22
C LEU H 85 15.72 -57.72 23.08
N ILE H 86 16.53 -58.20 24.03
CA ILE H 86 17.26 -57.27 24.87
C ILE H 86 18.32 -56.52 24.07
N ASN H 87 18.83 -57.13 22.99
CA ASN H 87 19.75 -56.41 22.12
C ASN H 87 19.03 -55.32 21.34
N LEU H 88 17.81 -55.60 20.89
CA LEU H 88 16.98 -54.55 20.30
C LEU H 88 16.79 -53.40 21.27
N CYS H 89 16.55 -53.71 22.54
CA CYS H 89 16.38 -52.64 23.53
C CYS H 89 17.67 -51.83 23.73
N THR H 90 18.80 -52.53 23.89
CA THR H 90 20.06 -51.81 24.17
C THR H 90 20.48 -50.96 22.98
N ASN H 91 20.23 -51.42 21.75
CA ASN H 91 20.54 -50.59 20.59
C ASN H 91 19.50 -49.51 20.35
N ALA H 92 18.26 -49.73 20.79
CA ALA H 92 17.22 -48.72 20.61
C ALA H 92 17.43 -47.54 21.55
N LEU H 93 17.93 -47.80 22.76
CA LEU H 93 18.18 -46.70 23.69
C LEU H 93 19.23 -45.72 23.18
N GLY H 94 19.97 -46.06 22.12
CA GLY H 94 20.96 -45.16 21.57
C GLY H 94 20.58 -44.56 20.23
N ASN H 95 19.28 -44.29 20.05
CA ASN H 95 18.78 -43.73 18.81
C ASN H 95 18.28 -42.31 19.03
N GLN H 96 18.23 -41.54 17.93
CA GLN H 96 17.74 -40.16 17.95
C GLN H 96 16.24 -40.19 17.72
N PHE H 97 15.48 -40.34 18.81
CA PHE H 97 14.02 -40.38 18.72
C PHE H 97 13.40 -39.02 18.44
N GLN H 98 14.21 -37.97 18.26
CA GLN H 98 13.67 -36.71 17.78
C GLN H 98 13.24 -36.80 16.32
N THR H 99 13.81 -37.74 15.57
CA THR H 99 13.49 -37.92 14.16
C THR H 99 12.39 -38.96 13.98
N GLN H 100 11.63 -38.80 12.89
CA GLN H 100 10.57 -39.76 12.58
C GLN H 100 11.12 -41.07 12.05
N HIS H 101 12.22 -41.01 11.30
CA HIS H 101 12.81 -42.21 10.73
C HIS H 101 13.16 -43.23 11.80
N ALA H 102 13.76 -42.80 12.91
CA ALA H 102 14.13 -43.73 13.97
C ALA H 102 12.89 -44.28 14.66
N ARG H 103 11.91 -43.41 14.96
CA ARG H 103 10.69 -43.86 15.61
C ARG H 103 9.93 -44.87 14.74
N THR H 104 10.12 -44.81 13.42
CA THR H 104 9.49 -45.81 12.55
C THR H 104 10.31 -47.10 12.50
N VAL H 105 11.63 -46.97 12.35
CA VAL H 105 12.48 -48.15 12.18
C VAL H 105 12.47 -49.01 13.44
N VAL H 106 12.68 -48.40 14.61
CA VAL H 106 12.75 -49.21 15.82
C VAL H 106 11.38 -49.75 16.19
N GLN H 107 10.31 -49.05 15.82
CA GLN H 107 8.97 -49.60 16.02
C GLN H 107 8.76 -50.83 15.16
N ARG H 108 9.21 -50.77 13.90
CA ARG H 108 9.14 -51.96 13.04
C ARG H 108 9.97 -53.09 13.61
N GLN H 109 11.11 -52.77 14.20
CA GLN H 109 11.97 -53.81 14.79
C GLN H 109 11.29 -54.45 16.00
N PHE H 110 10.63 -53.66 16.84
CA PHE H 110 9.91 -54.21 17.99
C PHE H 110 8.62 -54.90 17.60
N SER H 111 8.11 -54.63 16.40
CA SER H 111 6.91 -55.31 15.93
C SER H 111 7.21 -56.59 15.16
N GLU H 112 8.39 -56.69 14.55
CA GLU H 112 8.75 -57.85 13.75
C GLU H 112 9.58 -58.88 14.50
N VAL H 113 10.02 -58.58 15.73
CA VAL H 113 10.78 -59.55 16.50
C VAL H 113 9.92 -60.72 16.92
N TRP H 114 8.60 -60.56 16.96
CA TRP H 114 7.69 -61.61 17.39
C TRP H 114 7.39 -62.53 16.21
N LYS H 115 7.95 -63.73 16.25
CA LYS H 115 7.77 -64.74 15.23
C LYS H 115 7.19 -66.00 15.84
N PRO H 116 6.54 -66.85 15.05
CA PRO H 116 6.00 -68.10 15.60
C PRO H 116 7.10 -69.12 15.83
N SER H 117 6.99 -69.86 16.93
CA SER H 117 7.90 -70.97 17.18
C SER H 117 7.12 -72.25 17.47
N PRO H 118 6.16 -72.27 18.40
CA PRO H 118 5.29 -73.45 18.52
C PRO H 118 4.14 -73.36 17.54
N GLN H 119 3.81 -74.51 16.94
CA GLN H 119 2.68 -74.61 16.03
C GLN H 119 1.93 -75.90 16.34
N VAL H 120 0.90 -76.18 15.55
CA VAL H 120 0.12 -77.40 15.74
C VAL H 120 0.97 -78.62 15.44
N THR H 121 1.76 -78.57 14.37
CA THR H 121 2.62 -79.69 13.97
C THR H 121 4.10 -79.40 14.22
N VAL H 122 4.42 -78.43 15.06
CA VAL H 122 5.79 -78.07 15.38
C VAL H 122 5.89 -77.89 16.89
N ARG H 123 6.55 -78.83 17.57
CA ARG H 123 6.67 -78.76 19.01
C ARG H 123 7.60 -77.63 19.42
N PHE H 124 7.38 -77.12 20.64
CA PHE H 124 8.24 -76.11 21.21
C PHE H 124 9.70 -76.57 21.13
N PRO H 125 10.64 -75.68 20.84
CA PRO H 125 12.05 -76.09 20.75
C PRO H 125 12.50 -76.80 22.01
N ASP H 126 13.41 -77.77 21.83
CA ASP H 126 13.78 -78.67 22.91
C ASP H 126 14.46 -77.93 24.05
N SER H 127 15.54 -77.21 23.75
CA SER H 127 16.36 -76.60 24.79
C SER H 127 16.33 -75.09 24.82
N ASP H 128 15.86 -74.44 23.76
CA ASP H 128 15.88 -72.99 23.70
C ASP H 128 14.81 -72.38 24.60
N PHE H 129 14.98 -71.09 24.88
CA PHE H 129 13.98 -70.29 25.58
C PHE H 129 13.35 -69.29 24.62
N LYS H 130 12.10 -68.93 24.90
CA LYS H 130 11.37 -67.96 24.09
C LYS H 130 10.60 -67.02 24.99
N VAL H 131 10.42 -65.79 24.52
CA VAL H 131 9.70 -64.76 25.27
C VAL H 131 8.30 -64.63 24.68
N TYR H 132 7.29 -64.65 25.55
CA TYR H 132 5.89 -64.69 25.12
C TYR H 132 5.35 -63.26 25.00
N ARG H 133 4.83 -62.93 23.81
CA ARG H 133 4.35 -61.58 23.56
C ARG H 133 3.16 -61.22 24.45
N TYR H 134 2.29 -62.18 24.72
CA TYR H 134 1.07 -61.94 25.49
C TYR H 134 1.16 -62.43 26.92
N ASN H 135 2.37 -62.47 27.48
CA ASN H 135 2.54 -62.69 28.90
C ASN H 135 1.82 -61.61 29.69
N ALA H 136 1.34 -61.99 30.88
CA ALA H 136 0.49 -61.09 31.67
C ALA H 136 1.22 -59.79 32.02
N VAL H 137 2.52 -59.87 32.28
CA VAL H 137 3.26 -58.68 32.68
C VAL H 137 3.87 -57.96 31.47
N LEU H 138 4.27 -58.70 30.45
CA LEU H 138 4.93 -58.09 29.30
C LEU H 138 3.93 -57.47 28.32
N ASP H 139 2.70 -57.96 28.28
CA ASP H 139 1.72 -57.43 27.33
C ASP H 139 1.50 -55.93 27.49
N PRO H 140 1.17 -55.40 28.69
CA PRO H 140 0.95 -53.94 28.78
C PRO H 140 2.20 -53.13 28.45
N LEU H 141 3.38 -53.62 28.86
CA LEU H 141 4.61 -52.88 28.62
C LEU H 141 4.93 -52.82 27.13
N VAL H 142 4.84 -53.95 26.43
CA VAL H 142 5.12 -53.97 25.00
C VAL H 142 4.07 -53.15 24.25
N THR H 143 2.81 -53.20 24.71
CA THR H 143 1.78 -52.41 24.04
C THR H 143 2.05 -50.92 24.19
N ALA H 144 2.35 -50.47 25.42
CA ALA H 144 2.65 -49.07 25.65
C ALA H 144 3.89 -48.64 24.86
N LEU H 145 4.89 -49.53 24.78
CA LEU H 145 6.10 -49.20 24.02
C LEU H 145 5.78 -49.01 22.55
N LEU H 146 5.07 -49.97 21.96
CA LEU H 146 4.70 -49.86 20.55
C LEU H 146 3.84 -48.61 20.29
N GLY H 147 2.99 -48.24 21.26
CA GLY H 147 2.19 -47.05 21.09
C GLY H 147 2.92 -45.75 21.30
N ALA H 148 4.06 -45.79 22.01
CA ALA H 148 4.83 -44.58 22.27
C ALA H 148 5.50 -44.03 21.02
N PHE H 149 5.76 -44.87 20.02
CA PHE H 149 6.35 -44.42 18.76
C PHE H 149 5.35 -43.73 17.85
N ASP H 150 4.07 -43.72 18.20
CA ASP H 150 3.01 -43.20 17.33
C ASP H 150 2.85 -41.72 17.63
N THR H 151 3.65 -40.89 16.96
CA THR H 151 3.59 -39.45 17.11
C THR H 151 3.77 -38.80 15.74
N ARG H 152 3.11 -37.66 15.55
CA ARG H 152 3.12 -36.96 14.27
C ARG H 152 4.48 -36.33 14.00
N THR I 13 -5.41 -27.98 15.94
CA THR I 13 -6.43 -28.99 16.19
C THR I 13 -5.99 -30.35 15.65
N ARG I 14 -5.24 -31.09 16.48
CA ARG I 14 -4.72 -32.39 16.09
C ARG I 14 -5.73 -33.46 16.54
N ARG I 15 -6.75 -33.67 15.71
CA ARG I 15 -7.71 -34.73 15.98
C ARG I 15 -7.11 -36.11 15.72
N VAL I 16 -5.98 -36.19 15.02
CA VAL I 16 -5.36 -37.49 14.77
C VAL I 16 -4.69 -38.03 16.03
N ASP I 17 -4.30 -37.16 16.96
CA ASP I 17 -3.68 -37.63 18.20
C ASP I 17 -4.68 -38.28 19.13
N ASP I 18 -5.97 -37.98 18.99
CA ASP I 18 -7.00 -38.63 19.79
C ASP I 18 -7.52 -39.90 19.14
N ALA I 19 -7.54 -39.94 17.80
CA ALA I 19 -7.98 -41.15 17.11
C ALA I 19 -6.99 -42.29 17.30
N THR I 20 -5.69 -42.00 17.37
CA THR I 20 -4.70 -43.04 17.57
C THR I 20 -4.88 -43.74 18.91
N VAL I 21 -5.13 -42.97 19.98
CA VAL I 21 -5.36 -43.56 21.29
C VAL I 21 -6.58 -44.46 21.26
N ALA I 22 -7.66 -44.01 20.59
CA ALA I 22 -8.87 -44.82 20.52
C ALA I 22 -8.63 -46.10 19.73
N ILE I 23 -7.90 -46.02 18.62
CA ILE I 23 -7.59 -47.21 17.83
C ILE I 23 -6.80 -48.21 18.66
N ARG I 24 -5.78 -47.73 19.37
CA ARG I 24 -4.94 -48.64 20.14
C ARG I 24 -5.71 -49.25 21.30
N SER I 25 -6.53 -48.45 21.99
CA SER I 25 -7.32 -48.99 23.09
C SER I 25 -8.37 -49.98 22.58
N ALA I 26 -8.90 -49.78 21.38
CA ALA I 26 -9.85 -50.73 20.82
C ALA I 26 -9.16 -52.03 20.45
N ILE I 27 -7.97 -51.95 19.85
CA ILE I 27 -7.21 -53.16 19.55
C ILE I 27 -6.91 -53.92 20.84
N ASN I 28 -6.57 -53.20 21.91
CA ASN I 28 -6.29 -53.87 23.18
C ASN I 28 -7.54 -54.51 23.77
N ASN I 29 -8.68 -53.81 23.70
CA ASN I 29 -9.92 -54.38 24.20
C ASN I 29 -10.33 -55.62 23.42
N LEU I 30 -10.01 -55.66 22.13
CA LEU I 30 -10.30 -56.87 21.35
C LEU I 30 -9.33 -57.99 21.72
N ILE I 31 -8.05 -57.67 21.90
CA ILE I 31 -7.05 -58.67 22.26
C ILE I 31 -7.38 -59.29 23.60
N VAL I 32 -7.94 -58.51 24.53
CA VAL I 32 -8.28 -59.03 25.85
C VAL I 32 -9.22 -60.21 25.73
N GLU I 33 -10.21 -60.12 24.86
CA GLU I 33 -11.17 -61.22 24.70
C GLU I 33 -10.65 -62.29 23.76
N LEU I 34 -9.83 -61.92 22.76
CA LEU I 34 -9.25 -62.94 21.90
C LEU I 34 -8.31 -63.86 22.68
N ILE I 35 -7.63 -63.33 23.70
CA ILE I 35 -6.78 -64.18 24.54
C ILE I 35 -7.62 -65.20 25.29
N ARG I 36 -8.77 -64.77 25.80
CA ARG I 36 -9.65 -65.68 26.52
C ARG I 36 -10.30 -66.70 25.61
N GLY I 37 -10.25 -66.50 24.29
CA GLY I 37 -10.86 -67.43 23.36
C GLY I 37 -12.33 -67.22 23.12
N THR I 38 -12.95 -66.24 23.78
CA THR I 38 -14.39 -66.04 23.65
C THR I 38 -14.77 -65.73 22.20
N GLY I 39 -15.84 -66.38 21.74
CA GLY I 39 -16.31 -66.23 20.38
C GLY I 39 -15.74 -67.23 19.39
N SER I 40 -15.03 -68.24 19.86
CA SER I 40 -14.42 -69.25 18.99
C SER I 40 -15.17 -70.56 19.13
N TYR I 41 -15.54 -71.15 17.98
CA TYR I 41 -16.33 -72.37 17.96
C TYR I 41 -15.63 -73.42 17.12
N ASN I 42 -15.91 -74.69 17.43
CA ASN I 42 -15.60 -75.81 16.57
C ASN I 42 -16.92 -76.39 16.04
N ARG I 43 -16.84 -77.52 15.35
CA ARG I 43 -18.05 -78.11 14.77
C ARG I 43 -19.10 -78.39 15.84
N SER I 44 -18.67 -79.01 16.95
CA SER I 44 -19.60 -79.38 18.01
C SER I 44 -20.29 -78.15 18.59
N SER I 45 -19.50 -77.16 19.04
CA SER I 45 -20.08 -76.00 19.68
C SER I 45 -20.89 -75.17 18.70
N PHE I 46 -20.46 -75.09 17.44
CA PHE I 46 -21.22 -74.36 16.44
C PHE I 46 -22.59 -74.98 16.23
N GLU I 47 -22.62 -76.28 15.92
CA GLU I 47 -23.89 -76.95 15.70
C GLU I 47 -24.74 -77.04 16.95
N SER I 48 -24.14 -76.93 18.14
CA SER I 48 -24.91 -76.94 19.37
C SER I 48 -25.56 -75.58 19.63
N SER I 49 -24.78 -74.50 19.52
CA SER I 49 -25.28 -73.17 19.88
C SER I 49 -26.11 -72.53 18.78
N SER I 50 -25.90 -72.92 17.53
CA SER I 50 -26.66 -72.34 16.42
C SER I 50 -27.97 -73.06 16.15
N GLY I 51 -28.13 -74.28 16.64
CA GLY I 51 -29.33 -75.05 16.40
C GLY I 51 -29.37 -75.77 15.07
N LEU I 52 -28.36 -75.56 14.21
CA LEU I 52 -28.35 -76.21 12.91
C LEU I 52 -28.00 -77.69 13.05
N VAL I 53 -28.78 -78.54 12.38
CA VAL I 53 -28.58 -79.98 12.38
C VAL I 53 -28.17 -80.41 10.98
N TRP I 54 -27.06 -81.12 10.88
CA TRP I 54 -26.53 -81.60 9.61
C TRP I 54 -27.15 -82.95 9.28
N THR I 55 -27.86 -83.04 8.16
CA THR I 55 -28.45 -84.28 7.69
C THR I 55 -27.52 -84.89 6.64
N SER I 56 -26.93 -86.04 6.97
CA SER I 56 -25.92 -86.67 6.12
C SER I 56 -26.63 -87.44 5.01
N GLY I 57 -27.12 -86.68 4.03
CA GLY I 57 -27.76 -87.25 2.87
C GLY I 57 -26.80 -88.03 2.00
N PRO I 58 -27.34 -88.90 1.15
CA PRO I 58 -26.48 -89.63 0.20
C PRO I 58 -26.06 -88.75 -0.96
N ALA I 59 -24.81 -88.91 -1.39
CA ALA I 59 -23.89 -89.86 -0.77
C ALA I 59 -22.72 -89.13 -0.13
N GLY I 60 -22.15 -88.17 -0.87
CA GLY I 60 -21.02 -87.41 -0.35
C GLY I 60 -21.38 -85.98 0.00
N GLU I 61 -22.62 -85.58 -0.23
CA GLU I 61 -23.10 -84.24 0.09
C GLU I 61 -24.05 -84.29 1.29
N GLY I 62 -24.41 -83.10 1.76
CA GLY I 62 -25.34 -82.99 2.86
C GLY I 62 -25.76 -81.54 3.02
N SER I 63 -26.51 -81.28 4.10
CA SER I 63 -27.01 -79.92 4.30
C SER I 63 -27.44 -79.74 5.74
N TYR I 64 -27.42 -78.48 6.17
CA TYR I 64 -27.99 -78.07 7.44
C TYR I 64 -29.49 -77.83 7.30
N SER I 65 -30.22 -78.10 8.37
CA SER I 65 -31.67 -77.90 8.40
C SER I 65 -31.95 -76.54 9.05
N ILE I 66 -32.46 -75.61 8.25
CA ILE I 66 -32.76 -74.26 8.72
C ILE I 66 -34.15 -74.25 9.34
N THR I 67 -34.22 -73.95 10.63
CA THR I 67 -35.49 -73.92 11.36
C THR I 67 -36.03 -72.52 11.56
N THR I 68 -35.17 -71.54 11.78
CA THR I 68 -35.55 -70.14 11.93
C THR I 68 -34.64 -69.27 11.08
N PRO I 69 -35.15 -68.13 10.59
CA PRO I 69 -34.30 -67.27 9.75
C PRO I 69 -33.13 -66.65 10.49
N SER I 70 -33.20 -66.53 11.80
CA SER I 70 -32.10 -65.95 12.58
C SER I 70 -30.82 -66.76 12.42
N GLN I 71 -30.89 -67.99 11.93
CA GLN I 71 -29.72 -68.83 11.71
C GLN I 71 -28.95 -68.46 10.45
N PHE I 72 -29.49 -67.59 9.59
CA PHE I 72 -28.80 -67.25 8.36
C PHE I 72 -27.54 -66.41 8.59
N VAL I 73 -27.38 -65.82 9.76
CA VAL I 73 -26.16 -65.05 10.04
C VAL I 73 -24.97 -66.00 10.16
N PHE I 74 -25.19 -67.20 10.70
CA PHE I 74 -24.10 -68.16 10.90
C PHE I 74 -23.50 -68.64 9.58
N LEU I 75 -24.30 -68.64 8.51
CA LEU I 75 -23.86 -69.14 7.21
C LEU I 75 -23.39 -68.02 6.28
N SER I 76 -23.14 -66.83 6.81
CA SER I 76 -22.69 -65.71 6.00
C SER I 76 -21.15 -65.66 6.02
N SER I 77 -20.58 -64.51 5.67
CA SER I 77 -19.13 -64.31 5.67
C SER I 77 -18.76 -63.65 7.00
N ALA I 78 -18.68 -64.46 8.06
CA ALA I 78 -18.50 -63.94 9.40
C ALA I 78 -17.59 -64.82 10.25
N TRP I 79 -16.61 -65.47 9.62
CA TRP I 79 -15.73 -66.41 10.30
C TRP I 79 -14.27 -66.13 9.94
N ALA I 80 -13.40 -66.33 10.91
CA ALA I 80 -11.97 -66.11 10.71
C ALA I 80 -11.18 -67.10 11.53
N ASP I 81 -9.96 -67.39 11.09
CA ASP I 81 -9.07 -68.25 11.84
C ASP I 81 -8.54 -67.49 13.06
N PRO I 82 -8.53 -68.11 14.25
CA PRO I 82 -8.07 -67.38 15.44
C PRO I 82 -6.63 -66.91 15.32
N ILE I 83 -5.74 -67.77 14.81
CA ILE I 83 -4.33 -67.39 14.68
C ILE I 83 -4.18 -66.22 13.72
N GLU I 84 -4.88 -66.27 12.58
CA GLU I 84 -4.80 -65.18 11.62
C GLU I 84 -5.29 -63.87 12.21
N LEU I 85 -6.37 -63.92 12.99
CA LEU I 85 -6.92 -62.71 13.59
C LEU I 85 -5.98 -62.12 14.63
N ILE I 86 -5.46 -62.96 15.53
CA ILE I 86 -4.56 -62.44 16.54
C ILE I 86 -3.25 -61.96 15.93
N ASN I 87 -2.84 -62.56 14.80
CA ASN I 87 -1.65 -62.07 14.10
C ASN I 87 -1.92 -60.72 13.45
N LEU I 88 -3.12 -60.54 12.87
CA LEU I 88 -3.50 -59.23 12.39
C LEU I 88 -3.43 -58.20 13.49
N CYS I 89 -3.89 -58.55 14.69
CA CYS I 89 -3.83 -57.62 15.83
C CYS I 89 -2.40 -57.29 16.22
N THR I 90 -1.54 -58.32 16.35
CA THR I 90 -0.18 -58.09 16.80
C THR I 90 0.61 -57.27 15.79
N ASN I 91 0.36 -57.46 14.49
CA ASN I 91 1.02 -56.64 13.49
C ASN I 91 0.40 -55.26 13.36
N ALA I 92 -0.90 -55.12 13.69
CA ALA I 92 -1.54 -53.81 13.63
C ALA I 92 -1.08 -52.91 14.75
N LEU I 93 -0.79 -53.48 15.92
CA LEU I 93 -0.31 -52.66 17.02
C LEU I 93 1.04 -52.01 16.73
N GLY I 94 1.73 -52.42 15.67
CA GLY I 94 3.00 -51.83 15.32
C GLY I 94 2.98 -50.96 14.08
N ASN I 95 1.87 -50.24 13.86
CA ASN I 95 1.72 -49.38 12.70
C ASN I 95 1.67 -47.91 13.13
N GLN I 96 1.98 -47.05 12.17
CA GLN I 96 1.95 -45.60 12.38
C GLN I 96 0.54 -45.11 12.06
N PHE I 97 -0.33 -45.15 13.07
CA PHE I 97 -1.71 -44.72 12.89
C PHE I 97 -1.86 -43.20 12.81
N GLN I 98 -0.76 -42.46 12.85
CA GLN I 98 -0.82 -41.04 12.54
C GLN I 98 -1.09 -40.79 11.07
N THR I 99 -0.77 -41.76 10.21
CA THR I 99 -0.97 -41.64 8.77
C THR I 99 -2.31 -42.25 8.37
N GLN I 100 -2.87 -41.72 7.28
CA GLN I 100 -4.15 -42.22 6.76
C GLN I 100 -3.99 -43.57 6.06
N HIS I 101 -2.86 -43.77 5.38
CA HIS I 101 -2.63 -45.02 4.65
C HIS I 101 -2.75 -46.23 5.56
N ALA I 102 -2.15 -46.16 6.75
CA ALA I 102 -2.21 -47.29 7.67
C ALA I 102 -3.62 -47.49 8.21
N ARG I 103 -4.29 -46.41 8.58
CA ARG I 103 -5.66 -46.51 9.08
C ARG I 103 -6.59 -47.09 8.02
N THR I 104 -6.25 -46.93 6.75
CA THR I 104 -7.06 -47.54 5.69
C THR I 104 -6.69 -49.02 5.49
N VAL I 105 -5.39 -49.31 5.45
CA VAL I 105 -4.94 -50.67 5.14
C VAL I 105 -5.36 -51.64 6.24
N VAL I 106 -5.08 -51.29 7.51
CA VAL I 106 -5.39 -52.23 8.58
C VAL I 106 -6.91 -52.34 8.78
N GLN I 107 -7.65 -51.27 8.46
CA GLN I 107 -9.11 -51.37 8.49
C GLN I 107 -9.61 -52.35 7.44
N ARG I 108 -9.06 -52.30 6.22
CA ARG I 108 -9.43 -53.27 5.21
C ARG I 108 -9.04 -54.68 5.62
N GLN I 109 -7.90 -54.82 6.31
CA GLN I 109 -7.48 -56.14 6.76
C GLN I 109 -8.42 -56.70 7.84
N PHE I 110 -8.87 -55.84 8.76
CA PHE I 110 -9.80 -56.29 9.78
C PHE I 110 -11.21 -56.48 9.23
N SER I 111 -11.50 -55.91 8.07
CA SER I 111 -12.81 -56.11 7.45
C SER I 111 -12.85 -57.32 6.52
N GLU I 112 -11.70 -57.72 5.96
CA GLU I 112 -11.66 -58.85 5.03
C GLU I 112 -11.23 -60.16 5.69
N VAL I 113 -10.83 -60.13 6.97
CA VAL I 113 -10.47 -61.37 7.65
C VAL I 113 -11.68 -62.27 7.83
N TRP I 114 -12.89 -61.71 7.80
CA TRP I 114 -14.11 -62.47 8.00
C TRP I 114 -14.53 -63.11 6.68
N LYS I 115 -14.36 -64.43 6.58
CA LYS I 115 -14.69 -65.20 5.39
C LYS I 115 -15.73 -66.25 5.73
N PRO I 116 -16.49 -66.72 4.76
CA PRO I 116 -17.46 -67.79 5.04
C PRO I 116 -16.76 -69.13 5.19
N SER I 117 -17.25 -69.94 6.13
CA SER I 117 -16.75 -71.29 6.28
C SER I 117 -17.91 -72.28 6.35
N PRO I 118 -18.91 -72.09 7.22
CA PRO I 118 -20.11 -72.92 7.13
C PRO I 118 -21.09 -72.35 6.11
N GLN I 119 -21.68 -73.25 5.34
CA GLN I 119 -22.70 -72.88 4.37
C GLN I 119 -23.82 -73.91 4.42
N VAL I 120 -24.81 -73.74 3.55
CA VAL I 120 -25.95 -74.65 3.51
C VAL I 120 -25.49 -76.03 3.05
N THR I 121 -24.61 -76.10 2.05
CA THR I 121 -24.11 -77.35 1.52
C THR I 121 -22.65 -77.60 1.89
N VAL I 122 -22.14 -76.89 2.90
CA VAL I 122 -20.76 -77.05 3.35
C VAL I 122 -20.79 -77.09 4.88
N ARG I 123 -20.54 -78.26 5.46
CA ARG I 123 -20.56 -78.41 6.90
C ARG I 123 -19.38 -77.68 7.53
N PHE I 124 -19.56 -77.29 8.80
CA PHE I 124 -18.49 -76.69 9.56
C PHE I 124 -17.23 -77.57 9.49
N PRO I 125 -16.04 -76.98 9.38
CA PRO I 125 -14.82 -77.79 9.32
C PRO I 125 -14.72 -78.77 10.48
N ASP I 126 -14.13 -79.93 10.19
CA ASP I 126 -14.16 -81.04 11.14
C ASP I 126 -13.40 -80.70 12.43
N SER I 127 -12.13 -80.33 12.30
CA SER I 127 -11.27 -80.16 13.47
C SER I 127 -10.84 -78.72 13.73
N ASP I 128 -10.96 -77.83 12.75
CA ASP I 128 -10.49 -76.46 12.94
C ASP I 128 -11.44 -75.69 13.84
N PHE I 129 -10.94 -74.56 14.35
CA PHE I 129 -11.72 -73.59 15.10
C PHE I 129 -11.89 -72.33 14.25
N LYS I 130 -12.99 -71.62 14.50
CA LYS I 130 -13.28 -70.38 13.79
C LYS I 130 -13.83 -69.37 14.78
N VAL I 131 -13.60 -68.09 14.48
CA VAL I 131 -14.04 -66.99 15.33
C VAL I 131 -15.28 -66.36 14.71
N TYR I 132 -16.32 -66.18 15.51
CA TYR I 132 -17.62 -65.72 15.02
C TYR I 132 -17.67 -64.21 15.08
N ARG I 133 -17.91 -63.58 13.93
CA ARG I 133 -17.91 -62.13 13.85
C ARG I 133 -19.01 -61.50 14.69
N TYR I 134 -20.18 -62.14 14.73
CA TYR I 134 -21.35 -61.59 15.41
C TYR I 134 -21.60 -62.26 16.77
N ASN I 135 -20.55 -62.76 17.41
CA ASN I 135 -20.65 -63.23 18.78
C ASN I 135 -21.09 -62.08 19.69
N ALA I 136 -21.82 -62.43 20.74
CA ALA I 136 -22.40 -61.41 21.62
C ALA I 136 -21.33 -60.53 22.25
N VAL I 137 -20.16 -61.08 22.54
CA VAL I 137 -19.11 -60.30 23.17
C VAL I 137 -18.19 -59.65 22.14
N LEU I 138 -17.93 -60.32 21.02
CA LEU I 138 -16.99 -59.80 20.03
C LEU I 138 -17.62 -58.76 19.11
N ASP I 139 -18.95 -58.80 18.92
CA ASP I 139 -19.57 -57.84 18.01
C ASP I 139 -19.32 -56.39 18.40
N PRO I 140 -19.57 -55.96 19.65
CA PRO I 140 -19.31 -54.54 19.95
C PRO I 140 -17.85 -54.16 19.83
N LEU I 141 -16.93 -55.04 20.22
CA LEU I 141 -15.51 -54.73 20.16
C LEU I 141 -15.05 -54.60 18.71
N VAL I 142 -15.43 -55.55 17.86
CA VAL I 142 -15.03 -55.47 16.45
C VAL I 142 -15.67 -54.26 15.77
N THR I 143 -16.92 -53.95 16.13
CA THR I 143 -17.58 -52.78 15.53
C THR I 143 -16.87 -51.49 15.94
N ALA I 144 -16.60 -51.33 17.23
CA ALA I 144 -15.89 -50.14 17.70
C ALA I 144 -14.51 -50.04 17.08
N LEU I 145 -13.83 -51.19 16.92
CA LEU I 145 -12.50 -51.18 16.32
C LEU I 145 -12.56 -50.71 14.87
N LEU I 146 -13.46 -51.28 14.08
CA LEU I 146 -13.60 -50.86 12.69
C LEU I 146 -13.99 -49.39 12.60
N GLY I 147 -14.81 -48.91 13.54
CA GLY I 147 -15.21 -47.51 13.53
C GLY I 147 -14.13 -46.54 13.99
N ALA I 148 -13.14 -47.03 14.74
CA ALA I 148 -12.08 -46.15 15.21
C ALA I 148 -11.16 -45.67 14.09
N PHE I 149 -11.08 -46.42 12.99
CA PHE I 149 -10.27 -46.02 11.84
C PHE I 149 -10.91 -44.94 10.99
N ASP I 150 -12.16 -44.56 11.27
CA ASP I 150 -12.90 -43.61 10.44
C ASP I 150 -12.62 -42.20 10.96
N THR I 151 -11.53 -41.62 10.49
CA THR I 151 -11.14 -40.27 10.86
C THR I 151 -10.59 -39.54 9.63
N ARG I 152 -10.82 -38.24 9.58
CA ARG I 152 -10.43 -37.43 8.43
C ARG I 152 -8.92 -37.26 8.36
N THR J 13 21.17 21.73 12.27
CA THR J 13 22.33 21.86 13.15
C THR J 13 23.53 22.40 12.40
N ARG J 14 23.62 23.73 12.31
CA ARG J 14 24.72 24.39 11.60
C ARG J 14 25.84 24.69 12.59
N ARG J 15 26.66 23.67 12.82
CA ARG J 15 27.86 23.84 13.65
C ARG J 15 28.93 24.66 12.93
N VAL J 16 28.82 24.84 11.62
CA VAL J 16 29.81 25.61 10.88
C VAL J 16 29.62 27.11 11.14
N ASP J 17 28.42 27.55 11.50
CA ASP J 17 28.21 28.97 11.78
C ASP J 17 28.82 29.40 13.11
N ASP J 18 29.04 28.45 14.03
CA ASP J 18 29.70 28.77 15.29
C ASP J 18 31.21 28.63 15.20
N ALA J 19 31.71 27.72 14.37
CA ALA J 19 33.15 27.58 14.19
C ALA J 19 33.76 28.79 13.49
N THR J 20 33.01 29.40 12.57
CA THR J 20 33.53 30.58 11.87
C THR J 20 33.75 31.73 12.84
N VAL J 21 32.80 31.96 13.75
CA VAL J 21 32.95 33.02 14.74
C VAL J 21 34.18 32.79 15.61
N ALA J 22 34.39 31.54 16.03
CA ALA J 22 35.55 31.22 16.86
C ALA J 22 36.85 31.42 16.10
N ILE J 23 36.88 31.00 14.83
CA ILE J 23 38.09 31.18 14.02
C ILE J 23 38.41 32.67 13.87
N ARG J 24 37.39 33.47 13.57
CA ARG J 24 37.64 34.90 13.36
C ARG J 24 38.06 35.58 14.65
N SER J 25 37.42 35.24 15.77
CA SER J 25 37.81 35.84 17.04
C SER J 25 39.20 35.42 17.45
N ALA J 26 39.62 34.19 17.12
CA ALA J 26 40.98 33.77 17.41
C ALA J 26 41.98 34.53 16.55
N ILE J 27 41.68 34.70 15.26
CA ILE J 27 42.55 35.49 14.40
C ILE J 27 42.70 36.90 14.94
N ASN J 28 41.60 37.50 15.41
CA ASN J 28 41.69 38.86 15.95
C ASN J 28 42.50 38.89 17.24
N ASN J 29 42.30 37.91 18.12
CA ASN J 29 43.07 37.85 19.36
C ASN J 29 44.55 37.70 19.09
N LEU J 30 44.92 37.00 18.01
CA LEU J 30 46.32 36.89 17.65
C LEU J 30 46.86 38.19 17.04
N ILE J 31 46.06 38.82 16.18
CA ILE J 31 46.49 40.06 15.52
C ILE J 31 46.70 41.16 16.55
N VAL J 32 45.87 41.20 17.60
CA VAL J 32 46.01 42.24 18.62
C VAL J 32 47.40 42.20 19.26
N GLU J 33 47.92 41.00 19.54
CA GLU J 33 49.25 40.93 20.14
C GLU J 33 50.35 41.03 19.11
N LEU J 34 50.11 40.58 17.88
CA LEU J 34 51.10 40.76 16.82
C LEU J 34 51.32 42.24 16.51
N ILE J 35 50.28 43.06 16.66
CA ILE J 35 50.43 44.50 16.40
C ILE J 35 51.40 45.14 17.40
N ARG J 36 51.28 44.77 18.68
CA ARG J 36 52.17 45.29 19.70
C ARG J 36 53.59 44.75 19.59
N GLY J 37 53.81 43.70 18.80
CA GLY J 37 55.14 43.15 18.68
C GLY J 37 55.52 42.13 19.73
N THR J 38 54.65 41.85 20.69
CA THR J 38 54.99 40.90 21.75
C THR J 38 55.32 39.55 21.16
N GLY J 39 56.40 38.94 21.63
CA GLY J 39 56.85 37.68 21.09
C GLY J 39 57.85 37.79 19.96
N SER J 40 58.35 38.99 19.67
CA SER J 40 59.31 39.21 18.59
C SER J 40 60.68 39.49 19.20
N TYR J 41 61.69 38.76 18.72
CA TYR J 41 63.04 38.86 19.26
C TYR J 41 64.03 39.15 18.13
N ASN J 42 65.12 39.82 18.50
CA ASN J 42 66.29 39.91 17.66
C ASN J 42 67.43 39.11 18.30
N ARG J 43 68.64 39.22 17.75
CA ARG J 43 69.77 38.47 18.29
C ARG J 43 70.00 38.79 19.76
N SER J 44 69.97 40.09 20.10
CA SER J 44 70.23 40.50 21.48
C SER J 44 69.20 39.92 22.43
N SER J 45 67.91 40.16 22.17
CA SER J 45 66.88 39.72 23.09
C SER J 45 66.78 38.20 23.13
N PHE J 46 66.98 37.53 21.99
CA PHE J 46 66.96 36.07 21.96
C PHE J 46 68.06 35.49 22.85
N GLU J 47 69.32 35.90 22.60
CA GLU J 47 70.42 35.38 23.38
C GLU J 47 70.38 35.83 24.83
N SER J 48 69.68 36.92 25.13
CA SER J 48 69.54 37.36 26.52
C SER J 48 68.50 36.54 27.27
N SER J 49 67.31 36.36 26.69
CA SER J 49 66.22 35.71 27.38
C SER J 49 66.30 34.18 27.34
N SER J 50 67.00 33.63 26.35
CA SER J 50 67.12 32.17 26.26
C SER J 50 68.31 31.63 27.03
N GLY J 51 69.27 32.48 27.40
CA GLY J 51 70.46 32.03 28.11
C GLY J 51 71.54 31.44 27.23
N LEU J 52 71.29 31.31 25.92
CA LEU J 52 72.29 30.74 25.02
C LEU J 52 73.42 31.74 24.78
N VAL J 53 74.65 31.27 24.88
CA VAL J 53 75.84 32.08 24.64
C VAL J 53 76.56 31.55 23.40
N TRP J 54 76.82 32.45 22.46
CA TRP J 54 77.50 32.09 21.21
C TRP J 54 79.00 32.22 21.39
N THR J 55 79.72 31.11 21.23
CA THR J 55 81.18 31.11 21.28
C THR J 55 81.71 31.12 19.86
N SER J 56 82.37 32.23 19.49
CA SER J 56 82.83 32.43 18.11
C SER J 56 84.13 31.66 17.91
N GLY J 57 83.99 30.35 17.76
CA GLY J 57 85.11 29.48 17.53
C GLY J 57 85.76 29.72 16.18
N PRO J 58 87.00 29.27 16.03
CA PRO J 58 87.68 29.40 14.73
C PRO J 58 87.16 28.38 13.73
N ALA J 59 87.04 28.81 12.47
CA ALA J 59 87.34 30.19 12.09
C ALA J 59 86.07 30.90 11.62
N GLY J 60 85.30 30.23 10.77
CA GLY J 60 84.07 30.82 10.26
C GLY J 60 82.81 30.20 10.84
N GLU J 61 82.96 29.18 11.68
CA GLU J 61 81.84 28.53 12.34
C GLU J 61 81.81 28.90 13.83
N GLY J 62 80.75 28.46 14.48
CA GLY J 62 80.61 28.69 15.91
C GLY J 62 79.45 27.87 16.44
N SER J 63 79.14 28.10 17.71
CA SER J 63 78.08 27.31 18.33
C SER J 63 77.56 28.00 19.59
N TYR J 64 76.32 27.68 19.92
CA TYR J 64 75.72 28.07 21.20
C TYR J 64 76.10 27.06 22.26
N SER J 65 76.21 27.54 23.50
CA SER J 65 76.54 26.69 24.65
C SER J 65 75.26 26.30 25.35
N ILE J 66 74.92 25.02 25.32
CA ILE J 66 73.70 24.52 25.93
C ILE J 66 73.96 24.24 27.40
N THR J 67 73.26 24.95 28.28
CA THR J 67 73.42 24.80 29.72
C THR J 67 72.31 23.97 30.36
N THR J 68 71.07 24.11 29.88
CA THR J 68 69.95 23.33 30.37
C THR J 68 69.15 22.80 29.19
N PRO J 69 68.49 21.64 29.35
CA PRO J 69 67.72 21.08 28.24
C PRO J 69 66.52 21.93 27.84
N SER J 70 66.01 22.76 28.75
CA SER J 70 64.86 23.61 28.44
C SER J 70 65.16 24.56 27.29
N GLN J 71 66.43 24.76 26.95
CA GLN J 71 66.80 25.64 25.85
C GLN J 71 66.64 24.99 24.48
N PHE J 72 66.36 23.68 24.42
CA PHE J 72 66.23 23.03 23.11
C PHE J 72 65.00 23.49 22.34
N VAL J 73 64.05 24.15 23.00
CA VAL J 73 62.88 24.66 22.30
C VAL J 73 63.26 25.82 21.39
N PHE J 74 64.22 26.64 21.82
CA PHE J 74 64.63 27.81 21.06
C PHE J 74 65.28 27.44 19.74
N LEU J 75 65.90 26.27 19.67
CA LEU J 75 66.61 25.83 18.46
C LEU J 75 65.76 24.90 17.60
N SER J 76 64.46 24.84 17.82
CA SER J 76 63.58 23.98 17.05
C SER J 76 62.99 24.77 15.88
N SER J 77 61.89 24.27 15.31
CA SER J 77 61.21 24.93 14.19
C SER J 77 60.05 25.74 14.78
N ALA J 78 60.39 26.92 15.31
CA ALA J 78 59.43 27.72 16.05
C ALA J 78 59.61 29.21 15.80
N TRP J 79 60.03 29.59 14.61
CA TRP J 79 60.30 30.99 14.28
C TRP J 79 59.68 31.34 12.95
N ALA J 80 59.20 32.59 12.85
CA ALA J 80 58.55 33.05 11.62
C ALA J 80 58.87 34.54 11.45
N ASP J 81 58.84 34.98 10.19
CA ASP J 81 59.02 36.39 9.90
C ASP J 81 57.78 37.17 10.31
N PRO J 82 57.93 38.30 11.02
CA PRO J 82 56.72 39.03 11.46
C PRO J 82 55.85 39.52 10.32
N ILE J 83 56.45 40.06 9.26
CA ILE J 83 55.67 40.57 8.13
C ILE J 83 54.90 39.44 7.46
N GLU J 84 55.57 38.30 7.25
CA GLU J 84 54.91 37.15 6.63
C GLU J 84 53.74 36.67 7.49
N LEU J 85 53.91 36.65 8.81
CA LEU J 85 52.85 36.18 9.69
C LEU J 85 51.66 37.13 9.68
N ILE J 86 51.91 38.43 9.80
CA ILE J 86 50.80 39.37 9.80
C ILE J 86 50.12 39.41 8.43
N ASN J 87 50.87 39.12 7.35
CA ASN J 87 50.25 39.02 6.04
C ASN J 87 49.37 37.78 5.93
N LEU J 88 49.83 36.66 6.51
CA LEU J 88 48.98 35.48 6.60
C LEU J 88 47.68 35.81 7.32
N CYS J 89 47.76 36.58 8.41
CA CYS J 89 46.55 36.94 9.15
C CYS J 89 45.62 37.82 8.31
N THR J 90 46.18 38.86 7.66
CA THR J 90 45.33 39.79 6.91
C THR J 90 44.69 39.12 5.71
N ASN J 91 45.39 38.17 5.07
CA ASN J 91 44.78 37.44 3.95
C ASN J 91 43.84 36.34 4.43
N ALA J 92 44.06 35.81 5.64
CA ALA J 92 43.18 34.78 6.16
C ALA J 92 41.83 35.36 6.58
N LEU J 93 41.82 36.60 7.08
CA LEU J 93 40.54 37.19 7.46
C LEU J 93 39.58 37.36 6.30
N GLY J 94 40.05 37.20 5.06
CA GLY J 94 39.17 37.35 3.90
C GLY J 94 38.85 36.04 3.19
N ASN J 95 38.72 34.95 3.94
CA ASN J 95 38.43 33.65 3.38
C ASN J 95 37.04 33.18 3.79
N GLN J 96 36.50 32.25 3.01
CA GLN J 96 35.18 31.67 3.28
C GLN J 96 35.36 30.46 4.20
N PHE J 97 35.34 30.71 5.50
CA PHE J 97 35.50 29.65 6.48
C PHE J 97 34.26 28.78 6.62
N GLN J 98 33.21 29.04 5.83
CA GLN J 98 32.10 28.11 5.76
C GLN J 98 32.48 26.82 5.05
N THR J 99 33.52 26.86 4.21
CA THR J 99 34.00 25.70 3.48
C THR J 99 35.14 25.02 4.25
N GLN J 100 35.26 23.71 4.03
CA GLN J 100 36.32 22.94 4.67
C GLN J 100 37.68 23.18 4.01
N HIS J 101 37.69 23.39 2.69
CA HIS J 101 38.95 23.61 1.97
C HIS J 101 39.72 24.78 2.56
N ALA J 102 39.03 25.89 2.84
CA ALA J 102 39.72 27.06 3.38
C ALA J 102 40.21 26.79 4.80
N ARG J 103 39.37 26.16 5.63
CA ARG J 103 39.78 25.86 7.00
C ARG J 103 40.98 24.92 7.04
N THR J 104 41.16 24.11 5.99
CA THR J 104 42.34 23.25 5.93
C THR J 104 43.56 24.01 5.42
N VAL J 105 43.38 24.81 4.35
CA VAL J 105 44.51 25.48 3.73
C VAL J 105 45.12 26.50 4.69
N VAL J 106 44.28 27.35 5.29
CA VAL J 106 44.84 28.39 6.16
C VAL J 106 45.39 27.78 7.45
N GLN J 107 44.85 26.65 7.89
CA GLN J 107 45.44 25.97 9.04
C GLN J 107 46.82 25.42 8.71
N ARG J 108 46.97 24.82 7.53
CA ARG J 108 48.30 24.36 7.12
C ARG J 108 49.26 25.55 6.97
N GLN J 109 48.75 26.68 6.51
CA GLN J 109 49.60 27.87 6.36
C GLN J 109 50.06 28.38 7.73
N PHE J 110 49.17 28.38 8.72
CA PHE J 110 49.55 28.82 10.05
C PHE J 110 50.40 27.77 10.77
N SER J 111 50.40 26.53 10.29
CA SER J 111 51.25 25.50 10.87
C SER J 111 52.62 25.43 10.23
N GLU J 112 52.77 25.86 8.98
CA GLU J 112 54.03 25.79 8.28
C GLU J 112 54.82 27.10 8.30
N VAL J 113 54.23 28.19 8.81
CA VAL J 113 54.97 29.45 8.88
C VAL J 113 56.12 29.36 9.87
N TRP J 114 56.06 28.43 10.82
CA TRP J 114 57.09 28.29 11.85
C TRP J 114 58.22 27.44 11.30
N LYS J 115 59.35 28.07 11.01
CA LYS J 115 60.54 27.43 10.49
C LYS J 115 61.71 27.68 11.43
N PRO J 116 62.74 26.83 11.39
CA PRO J 116 63.91 27.08 12.25
C PRO J 116 64.77 28.21 11.71
N SER J 117 65.30 29.01 12.63
CA SER J 117 66.26 30.06 12.24
C SER J 117 67.53 29.96 13.09
N PRO J 118 67.45 29.94 14.43
CA PRO J 118 68.64 29.63 15.21
C PRO J 118 68.83 28.13 15.37
N GLN J 119 70.08 27.68 15.27
CA GLN J 119 70.42 26.28 15.46
C GLN J 119 71.69 26.20 16.31
N VAL J 120 72.17 24.98 16.52
CA VAL J 120 73.38 24.78 17.32
C VAL J 120 74.59 25.39 16.60
N THR J 121 74.66 25.21 15.29
CA THR J 121 75.76 25.74 14.49
C THR J 121 75.32 26.89 13.60
N VAL J 122 74.18 27.51 13.89
CA VAL J 122 73.64 28.62 13.12
C VAL J 122 73.19 29.69 14.10
N ARG J 123 73.94 30.78 14.18
CA ARG J 123 73.61 31.85 15.10
C ARG J 123 72.35 32.60 14.63
N PHE J 124 71.66 33.21 15.58
CA PHE J 124 70.50 34.03 15.28
C PHE J 124 70.86 35.06 14.21
N PRO J 125 69.96 35.34 13.26
CA PRO J 125 70.27 36.35 12.22
C PRO J 125 70.68 37.68 12.82
N ASP J 126 71.59 38.36 12.11
CA ASP J 126 72.24 39.54 12.66
C ASP J 126 71.25 40.68 12.91
N SER J 127 70.51 41.07 11.88
CA SER J 127 69.67 42.26 11.97
C SER J 127 68.17 41.97 11.92
N ASP J 128 67.76 40.80 11.46
CA ASP J 128 66.34 40.51 11.32
C ASP J 128 65.68 40.26 12.67
N PHE J 129 64.36 40.32 12.67
CA PHE J 129 63.53 39.94 13.82
C PHE J 129 62.80 38.65 13.51
N LYS J 130 62.46 37.90 14.56
CA LYS J 130 61.73 36.65 14.43
C LYS J 130 60.68 36.55 15.52
N VAL J 131 59.59 35.85 15.21
CA VAL J 131 58.48 35.65 16.13
C VAL J 131 58.56 34.25 16.70
N TYR J 132 58.50 34.14 18.03
CA TYR J 132 58.73 32.90 18.73
C TYR J 132 57.39 32.17 18.91
N ARG J 133 57.34 30.92 18.43
CA ARG J 133 56.09 30.16 18.49
C ARG J 133 55.68 29.88 19.92
N TYR J 134 56.64 29.63 20.80
CA TYR J 134 56.37 29.26 22.18
C TYR J 134 56.60 30.41 23.15
N ASN J 135 56.46 31.65 22.67
CA ASN J 135 56.44 32.80 23.56
C ASN J 135 55.29 32.66 24.55
N ALA J 136 55.49 33.18 25.75
CA ALA J 136 54.52 32.99 26.83
C ALA J 136 53.13 33.53 26.47
N VAL J 137 53.08 34.63 25.71
CA VAL J 137 51.79 35.22 25.37
C VAL J 137 51.25 34.70 24.05
N LEU J 138 52.12 34.43 23.08
CA LEU J 138 51.66 34.01 21.76
C LEU J 138 51.32 32.53 21.69
N ASP J 139 51.92 31.70 22.55
CA ASP J 139 51.66 30.27 22.50
C ASP J 139 50.19 29.93 22.68
N PRO J 140 49.49 30.41 23.72
CA PRO J 140 48.06 30.04 23.83
C PRO J 140 47.22 30.56 22.68
N LEU J 141 47.52 31.75 22.17
CA LEU J 141 46.73 32.32 21.09
C LEU J 141 46.90 31.52 19.80
N VAL J 142 48.15 31.19 19.46
CA VAL J 142 48.39 30.40 18.25
C VAL J 142 47.80 29.00 18.40
N THR J 143 47.88 28.43 19.60
CA THR J 143 47.30 27.10 19.82
C THR J 143 45.79 27.13 19.63
N ALA J 144 45.12 28.09 20.27
CA ALA J 144 43.68 28.20 20.13
C ALA J 144 43.28 28.46 18.68
N LEU J 145 44.07 29.27 17.96
CA LEU J 145 43.76 29.53 16.56
C LEU J 145 43.86 28.26 15.73
N LEU J 146 44.95 27.51 15.88
CA LEU J 146 45.08 26.26 15.15
C LEU J 146 43.98 25.29 15.51
N GLY J 147 43.52 25.30 16.77
CA GLY J 147 42.44 24.42 17.16
C GLY J 147 41.07 24.85 16.68
N ALA J 148 40.91 26.13 16.35
CA ALA J 148 39.61 26.61 15.88
C ALA J 148 39.28 26.08 14.48
N PHE J 149 40.29 25.74 13.67
CA PHE J 149 40.05 25.20 12.34
C PHE J 149 39.61 23.74 12.35
N ASP J 150 39.64 23.08 13.50
CA ASP J 150 39.36 21.64 13.57
C ASP J 150 37.86 21.44 13.81
N THR J 151 37.10 21.41 12.73
CA THR J 151 35.67 21.18 12.79
C THR J 151 35.25 20.28 11.64
N ARG J 152 34.23 19.46 11.89
CA ARG J 152 33.77 18.46 10.93
C ARG J 152 33.11 19.12 9.73
N THR K 13 25.31 11.95 16.96
CA THR K 13 26.32 11.60 17.96
C THR K 13 27.73 11.82 17.41
N ARG K 14 28.22 13.05 17.54
CA ARG K 14 29.54 13.41 17.03
C ARG K 14 30.57 13.18 18.15
N ARG K 15 31.00 11.93 18.28
CA ARG K 15 32.06 11.60 19.21
C ARG K 15 33.42 12.10 18.74
N VAL K 16 33.54 12.46 17.46
CA VAL K 16 34.81 12.98 16.95
C VAL K 16 35.06 14.40 17.45
N ASP K 17 34.02 15.15 17.79
CA ASP K 17 34.19 16.49 18.30
C ASP K 17 34.75 16.51 19.72
N ASP K 18 34.57 15.44 20.48
CA ASP K 18 35.15 15.35 21.82
C ASP K 18 36.54 14.75 21.80
N ALA K 19 36.83 13.86 20.86
CA ALA K 19 38.18 13.30 20.76
C ALA K 19 39.19 14.33 20.31
N THR K 20 38.78 15.28 19.46
CA THR K 20 39.70 16.31 18.99
C THR K 20 40.16 17.20 20.14
N VAL K 21 39.24 17.60 21.02
CA VAL K 21 39.60 18.42 22.17
C VAL K 21 40.59 17.68 23.06
N ALA K 22 40.35 16.39 23.29
CA ALA K 22 41.25 15.61 24.13
C ALA K 22 42.63 15.49 23.49
N ILE K 23 42.67 15.26 22.18
CA ILE K 23 43.96 15.15 21.49
C ILE K 23 44.74 16.45 21.59
N ARG K 24 44.07 17.59 21.36
CA ARG K 24 44.76 18.86 21.40
C ARG K 24 45.23 19.20 22.81
N SER K 25 44.39 18.95 23.81
CA SER K 25 44.79 19.22 25.19
C SER K 25 45.93 18.30 25.63
N ALA K 26 45.97 17.06 25.12
CA ALA K 26 47.08 16.18 25.45
C ALA K 26 48.37 16.65 24.80
N ILE K 27 48.30 17.07 23.54
CA ILE K 27 49.48 17.63 22.88
C ILE K 27 49.99 18.84 23.65
N ASN K 28 49.08 19.70 24.11
CA ASN K 28 49.50 20.89 24.85
C ASN K 28 50.11 20.52 26.20
N ASN K 29 49.51 19.56 26.91
CA ASN K 29 50.06 19.12 28.19
C ASN K 29 51.43 18.50 28.03
N LEU K 30 51.69 17.83 26.90
CA LEU K 30 53.04 17.31 26.67
C LEU K 30 54.01 18.43 26.32
N ILE K 31 53.56 19.39 25.52
CA ILE K 31 54.42 20.52 25.14
C ILE K 31 54.83 21.32 26.37
N VAL K 32 53.93 21.44 27.35
CA VAL K 32 54.24 22.21 28.56
C VAL K 32 55.49 21.66 29.25
N GLU K 33 55.61 20.34 29.33
CA GLU K 33 56.78 19.76 29.98
C GLU K 33 57.97 19.65 29.04
N LEU K 34 57.73 19.48 27.73
CA LEU K 34 58.85 19.51 26.79
C LEU K 34 59.53 20.86 26.75
N ILE K 35 58.76 21.94 26.97
CA ILE K 35 59.35 23.28 27.00
C ILE K 35 60.31 23.42 28.18
N ARG K 36 59.92 22.88 29.33
CA ARG K 36 60.77 22.91 30.51
C ARG K 36 61.99 22.01 30.40
N GLY K 37 62.04 21.12 29.42
CA GLY K 37 63.16 20.22 29.27
C GLY K 37 63.09 18.99 30.14
N THR K 38 62.05 18.84 30.95
CA THR K 38 61.94 17.70 31.84
C THR K 38 61.89 16.41 31.03
N GLY K 39 62.65 15.42 31.48
CA GLY K 39 62.75 14.16 30.78
C GLY K 39 63.87 14.07 29.77
N SER K 40 64.76 15.06 29.74
CA SER K 40 65.88 15.09 28.81
C SER K 40 67.18 14.81 29.55
N TYR K 41 67.97 13.88 29.03
CA TYR K 41 69.21 13.46 29.68
C TYR K 41 70.37 13.57 28.69
N ASN K 42 71.56 13.79 29.23
CA ASN K 42 72.81 13.62 28.50
C ASN K 42 73.54 12.42 29.09
N ARG K 43 74.79 12.21 28.64
CA ARG K 43 75.56 11.08 29.15
C ARG K 43 75.72 11.15 30.65
N SER K 44 76.06 12.33 31.17
CA SER K 44 76.29 12.50 32.60
C SER K 44 75.02 12.18 33.40
N SER K 45 73.92 12.84 33.07
CA SER K 45 72.69 12.64 33.83
C SER K 45 72.13 11.23 33.64
N PHE K 46 72.26 10.66 32.45
CA PHE K 46 71.80 9.30 32.23
C PHE K 46 72.56 8.31 33.10
N GLU K 47 73.89 8.33 33.02
CA GLU K 47 74.69 7.40 33.81
C GLU K 47 74.61 7.70 35.31
N SER K 48 74.23 8.93 35.69
CA SER K 48 74.07 9.23 37.10
C SER K 48 72.74 8.69 37.65
N SER K 49 71.64 8.96 36.95
CA SER K 49 70.32 8.61 37.46
C SER K 49 69.96 7.16 37.21
N SER K 50 70.56 6.51 36.20
CA SER K 50 70.24 5.12 35.91
C SER K 50 71.11 4.13 36.69
N GLY K 51 72.23 4.58 37.23
CA GLY K 51 73.13 3.71 37.96
C GLY K 51 74.04 2.87 37.09
N LEU K 52 73.92 2.96 35.76
CA LEU K 52 74.77 2.18 34.87
C LEU K 52 76.18 2.76 34.85
N VAL K 53 77.18 1.90 34.98
CA VAL K 53 78.58 2.29 34.95
C VAL K 53 79.22 1.72 33.70
N TRP K 54 79.87 2.58 32.93
CA TRP K 54 80.54 2.19 31.69
C TRP K 54 81.98 1.77 32.00
N THR K 55 82.31 0.51 31.71
CA THR K 55 83.66 0.00 31.87
C THR K 55 84.36 0.05 30.52
N SER K 56 85.37 0.92 30.40
CA SER K 56 86.06 1.17 29.13
C SER K 56 87.08 0.06 28.90
N GLY K 57 86.58 -1.11 28.51
CA GLY K 57 87.41 -2.23 28.20
C GLY K 57 88.27 -2.00 26.96
N PRO K 58 89.34 -2.78 26.82
CA PRO K 58 90.17 -2.68 25.61
C PRO K 58 89.49 -3.34 24.42
N ALA K 59 89.65 -2.72 23.25
CA ALA K 59 90.39 -1.48 23.12
C ALA K 59 89.47 -0.34 22.68
N GLY K 60 88.63 -0.60 21.67
CA GLY K 60 87.71 0.41 21.20
C GLY K 60 86.27 0.15 21.57
N GLU K 61 86.00 -0.97 22.24
CA GLU K 61 84.67 -1.32 22.70
C GLU K 61 84.56 -1.17 24.22
N GLY K 62 83.34 -1.34 24.70
CA GLY K 62 83.08 -1.27 26.13
C GLY K 62 81.67 -1.74 26.42
N SER K 63 81.28 -1.61 27.68
CA SER K 63 79.95 -2.07 28.06
C SER K 63 79.53 -1.45 29.39
N TYR K 64 78.22 -1.38 29.57
CA TYR K 64 77.63 -1.01 30.84
C TYR K 64 77.54 -2.22 31.76
N SER K 65 77.66 -1.98 33.06
CA SER K 65 77.56 -3.04 34.07
C SER K 65 76.14 -3.02 34.63
N ILE K 66 75.38 -4.08 34.32
CA ILE K 66 74.00 -4.19 34.75
C ILE K 66 73.97 -4.78 36.15
N THR K 67 73.46 -4.01 37.11
CA THR K 67 73.39 -4.44 38.50
C THR K 67 71.99 -4.88 38.91
N THR K 68 70.95 -4.24 38.40
CA THR K 68 69.57 -4.61 38.67
C THR K 68 68.78 -4.67 37.37
N PRO K 69 67.77 -5.54 37.30
CA PRO K 69 67.00 -5.66 36.05
C PRO K 69 66.18 -4.43 35.70
N SER K 70 65.84 -3.59 36.68
CA SER K 70 65.07 -2.38 36.40
C SER K 70 65.80 -1.44 35.45
N GLN K 71 67.10 -1.65 35.25
CA GLN K 71 67.89 -0.83 34.34
C GLN K 71 67.69 -1.23 32.88
N PHE K 72 67.03 -2.36 32.61
CA PHE K 72 66.84 -2.78 31.22
C PHE K 72 65.89 -1.87 30.45
N VAL K 73 65.10 -1.06 31.15
CA VAL K 73 64.23 -0.12 30.46
C VAL K 73 65.06 0.97 29.79
N PHE K 74 66.19 1.35 30.41
CA PHE K 74 67.03 2.41 29.87
C PHE K 74 67.69 2.01 28.56
N LEU K 75 67.91 0.72 28.35
CA LEU K 75 68.59 0.21 27.16
C LEU K 75 67.61 -0.29 26.11
N SER K 76 66.33 0.06 26.23
CA SER K 76 65.32 -0.37 25.27
C SER K 76 65.17 0.70 24.20
N SER K 77 64.05 0.69 23.47
CA SER K 77 63.77 1.68 22.43
C SER K 77 62.88 2.76 23.05
N ALA K 78 63.51 3.69 23.78
CA ALA K 78 62.76 4.66 24.56
C ALA K 78 63.43 6.03 24.56
N TRP K 79 64.08 6.40 23.46
CA TRP K 79 64.81 7.66 23.39
C TRP K 79 64.49 8.37 22.09
N ALA K 80 64.43 9.70 22.16
CA ALA K 80 64.13 10.52 21.00
C ALA K 80 64.90 11.83 21.09
N ASP K 81 65.14 12.43 19.94
CA ASP K 81 65.79 13.73 19.90
C ASP K 81 64.80 14.81 20.35
N PRO K 82 65.20 15.74 21.22
CA PRO K 82 64.25 16.75 21.69
C PRO K 82 63.71 17.63 20.58
N ILE K 83 64.58 18.09 19.68
CA ILE K 83 64.15 18.98 18.60
C ILE K 83 63.15 18.27 17.69
N GLU K 84 63.46 17.01 17.33
CA GLU K 84 62.55 16.26 16.48
C GLU K 84 61.19 16.06 17.15
N LEU K 85 61.18 15.81 18.45
CA LEU K 85 59.92 15.57 19.16
C LEU K 85 59.09 16.85 19.23
N ILE K 86 59.71 17.97 19.60
CA ILE K 86 58.94 19.21 19.67
C ILE K 86 58.50 19.66 18.28
N ASN K 87 59.25 19.30 17.24
CA ASN K 87 58.80 19.59 15.87
C ASN K 87 57.61 18.73 15.50
N LEU K 88 57.62 17.46 15.90
CA LEU K 88 56.44 16.62 15.73
C LEU K 88 55.23 17.25 16.40
N CYS K 89 55.41 17.79 17.61
CA CYS K 89 54.29 18.42 18.31
C CYS K 89 53.79 19.65 17.57
N THR K 90 54.70 20.53 17.16
CA THR K 90 54.29 21.78 16.53
C THR K 90 53.63 21.54 15.17
N ASN K 91 54.08 20.52 14.43
CA ASN K 91 53.41 20.20 13.17
C ASN K 91 52.12 19.42 13.38
N ALA K 92 52.03 18.66 14.49
CA ALA K 92 50.81 17.91 14.75
C ALA K 92 49.67 18.82 15.17
N LEU K 93 49.97 19.90 15.88
CA LEU K 93 48.90 20.84 16.26
C LEU K 93 48.23 21.49 15.05
N GLY K 94 48.80 21.36 13.85
CA GLY K 94 48.19 21.94 12.66
C GLY K 94 47.59 20.93 11.71
N ASN K 95 47.03 19.85 12.24
CA ASN K 95 46.42 18.81 11.44
C ASN K 95 44.91 18.77 11.68
N GLN K 96 44.21 18.19 10.71
CA GLN K 96 42.75 18.04 10.79
C GLN K 96 42.45 16.73 11.50
N PHE K 97 42.35 16.80 12.83
CA PHE K 97 42.06 15.62 13.64
C PHE K 97 40.61 15.18 13.55
N GLN K 98 39.79 15.85 12.74
CA GLN K 98 38.46 15.34 12.45
C GLN K 98 38.51 14.10 11.57
N THR K 99 39.59 13.92 10.81
CA THR K 99 39.73 12.78 9.93
C THR K 99 40.51 11.66 10.63
N GLN K 100 40.23 10.42 10.22
CA GLN K 100 40.92 9.27 10.80
C GLN K 100 42.34 9.15 10.28
N HIS K 101 42.57 9.53 9.01
CA HIS K 101 43.91 9.43 8.43
C HIS K 101 44.93 10.20 9.26
N ALA K 102 44.59 11.42 9.67
CA ALA K 102 45.54 12.21 10.46
C ALA K 102 45.74 11.61 11.84
N ARG K 103 44.66 11.17 12.50
CA ARG K 103 44.78 10.56 13.82
C ARG K 103 45.61 9.29 13.77
N THR K 104 45.67 8.63 12.62
CA THR K 104 46.51 7.45 12.48
C THR K 104 47.96 7.84 12.20
N VAL K 105 48.16 8.78 11.29
CA VAL K 105 49.52 9.15 10.87
C VAL K 105 50.28 9.78 12.02
N VAL K 106 49.68 10.75 12.72
CA VAL K 106 50.42 11.42 13.78
C VAL K 106 50.61 10.49 14.98
N GLN K 107 49.68 9.54 15.18
CA GLN K 107 49.89 8.54 16.23
C GLN K 107 51.08 7.64 15.89
N ARG K 108 51.19 7.21 14.63
CA ARG K 108 52.36 6.44 14.22
C ARG K 108 53.64 7.26 14.37
N GLN K 109 53.57 8.56 14.09
CA GLN K 109 54.74 9.41 14.23
C GLN K 109 55.17 9.54 15.69
N PHE K 110 54.20 9.69 16.60
CA PHE K 110 54.53 9.76 18.02
C PHE K 110 54.91 8.41 18.61
N SER K 111 54.58 7.32 17.92
CA SER K 111 54.97 6.00 18.39
C SER K 111 56.32 5.55 17.85
N GLU K 112 56.75 6.07 16.70
CA GLU K 112 58.02 5.66 16.11
C GLU K 112 59.17 6.62 16.42
N VAL K 113 58.89 7.76 17.06
CA VAL K 113 59.96 8.68 17.41
C VAL K 113 60.91 8.10 18.46
N TRP K 114 60.44 7.12 19.22
CA TRP K 114 61.25 6.52 20.29
C TRP K 114 62.13 5.43 19.71
N LYS K 115 63.42 5.70 19.62
CA LYS K 115 64.40 4.78 19.08
C LYS K 115 65.47 4.51 20.14
N PRO K 116 66.19 3.38 20.03
CA PRO K 116 67.25 3.11 21.00
C PRO K 116 68.50 3.94 20.71
N SER K 117 69.14 4.39 21.79
CA SER K 117 70.41 5.08 21.67
C SER K 117 71.45 4.46 22.61
N PRO K 118 71.16 4.28 23.90
CA PRO K 118 72.08 3.51 24.74
C PRO K 118 71.79 2.02 24.62
N GLN K 119 72.86 1.24 24.56
CA GLN K 119 72.76 -0.22 24.52
C GLN K 119 73.82 -0.81 25.44
N VAL K 120 73.88 -2.14 25.47
CA VAL K 120 74.85 -2.81 26.34
C VAL K 120 76.28 -2.52 25.89
N THR K 121 76.52 -2.54 24.57
CA THR K 121 77.84 -2.29 24.01
C THR K 121 77.92 -0.96 23.27
N VAL K 122 76.98 -0.05 23.53
CA VAL K 122 76.94 1.26 22.88
C VAL K 122 76.69 2.30 23.97
N ARG K 123 77.71 3.08 24.30
CA ARG K 123 77.57 4.08 25.34
C ARG K 123 76.67 5.23 24.89
N PHE K 124 76.05 5.89 25.86
CA PHE K 124 75.23 7.06 25.61
C PHE K 124 76.02 8.07 24.77
N PRO K 125 75.38 8.75 23.81
CA PRO K 125 76.11 9.72 22.98
C PRO K 125 76.85 10.75 23.83
N ASP K 126 78.00 11.19 23.30
CA ASP K 126 78.92 12.01 24.08
C ASP K 126 78.31 13.35 24.45
N SER K 127 77.87 14.12 23.46
CA SER K 127 77.44 15.49 23.69
C SER K 127 75.95 15.73 23.47
N ASP K 128 75.26 14.85 22.75
CA ASP K 128 73.84 15.07 22.46
C ASP K 128 72.99 14.81 23.69
N PHE K 129 71.75 15.31 23.63
CA PHE K 129 70.73 15.04 24.62
C PHE K 129 69.65 14.12 24.03
N LYS K 130 68.99 13.38 24.91
CA LYS K 130 67.93 12.47 24.52
C LYS K 130 66.77 12.59 25.50
N VAL K 131 65.57 12.33 25.00
CA VAL K 131 64.34 12.41 25.78
C VAL K 131 63.91 10.98 26.15
N TYR K 132 63.64 10.75 27.43
CA TYR K 132 63.37 9.42 27.94
C TYR K 132 61.86 9.15 27.90
N ARG K 133 61.48 8.07 27.22
CA ARG K 133 60.06 7.75 27.04
C ARG K 133 59.39 7.44 28.38
N TYR K 134 60.10 6.78 29.29
CA TYR K 134 59.54 6.34 30.56
C TYR K 134 59.98 7.22 31.72
N ASN K 135 60.31 8.48 31.46
CA ASN K 135 60.51 9.44 32.53
C ASN K 135 59.24 9.59 33.36
N ALA K 136 59.41 9.89 34.65
CA ALA K 136 58.28 9.92 35.57
C ALA K 136 57.22 10.92 35.13
N VAL K 137 57.61 12.03 34.51
CA VAL K 137 56.63 13.03 34.09
C VAL K 137 56.15 12.79 32.66
N LEU K 138 57.03 12.32 31.79
CA LEU K 138 56.68 12.18 30.39
C LEU K 138 55.88 10.90 30.12
N ASP K 139 56.06 9.87 30.95
CA ASP K 139 55.33 8.62 30.72
C ASP K 139 53.82 8.83 30.73
N PRO K 140 53.21 9.44 31.76
CA PRO K 140 51.74 9.61 31.71
C PRO K 140 51.28 10.49 30.58
N LEU K 141 52.02 11.56 30.27
CA LEU K 141 51.59 12.48 29.22
C LEU K 141 51.65 11.81 27.85
N VAL K 142 52.76 11.14 27.54
CA VAL K 142 52.88 10.45 26.26
C VAL K 142 51.88 9.32 26.16
N THR K 143 51.62 8.61 27.26
CA THR K 143 50.63 7.54 27.23
C THR K 143 49.24 8.09 26.94
N ALA K 144 48.85 9.15 27.66
CA ALA K 144 47.54 9.76 27.43
C ALA K 144 47.43 10.29 26.01
N LEU K 145 48.51 10.86 25.49
CA LEU K 145 48.49 11.38 24.12
C LEU K 145 48.27 10.25 23.11
N LEU K 146 49.06 9.18 23.23
CA LEU K 146 48.91 8.04 22.32
C LEU K 146 47.53 7.42 22.44
N GLY K 147 46.95 7.41 23.65
CA GLY K 147 45.62 6.87 23.82
C GLY K 147 44.51 7.79 23.35
N ALA K 148 44.78 9.09 23.23
CA ALA K 148 43.76 10.02 22.77
C ALA K 148 43.45 9.85 21.29
N PHE K 149 44.38 9.30 20.51
CA PHE K 149 44.14 9.06 19.09
C PHE K 149 43.25 7.85 18.84
N ASP K 150 42.92 7.08 19.87
CA ASP K 150 42.18 5.82 19.71
C ASP K 150 40.69 6.13 19.76
N THR K 151 40.13 6.47 18.60
CA THR K 151 38.70 6.75 18.48
C THR K 151 38.18 6.14 17.17
N ARG K 152 36.94 5.70 17.20
CA ARG K 152 36.34 5.02 16.06
C ARG K 152 36.05 5.99 14.92
N THR L 13 4.35 32.15 0.71
CA THR L 13 5.24 33.18 1.21
C THR L 13 5.77 34.04 0.06
N ARG L 14 5.01 35.06 -0.32
CA ARG L 14 5.39 35.94 -1.42
C ARG L 14 6.15 37.14 -0.85
N ARG L 15 7.45 36.92 -0.62
CA ARG L 15 8.34 38.00 -0.20
C ARG L 15 8.62 38.97 -1.34
N VAL L 16 8.32 38.60 -2.59
CA VAL L 16 8.56 39.49 -3.71
C VAL L 16 7.54 40.63 -3.74
N ASP L 17 6.35 40.40 -3.16
CA ASP L 17 5.34 41.45 -3.14
C ASP L 17 5.66 42.57 -2.15
N ASP L 18 6.50 42.29 -1.16
CA ASP L 18 6.93 43.32 -0.23
C ASP L 18 8.18 44.06 -0.70
N ALA L 19 9.06 43.36 -1.43
CA ALA L 19 10.26 44.01 -1.96
C ALA L 19 9.90 45.02 -3.05
N THR L 20 8.86 44.74 -3.84
CA THR L 20 8.46 45.68 -4.88
C THR L 20 8.01 47.01 -4.30
N VAL L 21 7.22 46.98 -3.23
CA VAL L 21 6.76 48.21 -2.59
C VAL L 21 7.95 49.01 -2.07
N ALA L 22 8.92 48.32 -1.46
CA ALA L 22 10.10 49.01 -0.93
C ALA L 22 10.92 49.62 -2.05
N ILE L 23 11.10 48.91 -3.15
CA ILE L 23 11.87 49.44 -4.29
C ILE L 23 11.18 50.68 -4.84
N ARG L 24 9.86 50.62 -5.02
CA ARG L 24 9.14 51.75 -5.60
C ARG L 24 9.16 52.95 -4.66
N SER L 25 8.98 52.72 -3.35
CA SER L 25 9.03 53.82 -2.40
C SER L 25 10.43 54.42 -2.31
N ALA L 26 11.47 53.61 -2.48
CA ALA L 26 12.82 54.15 -2.46
C ALA L 26 13.08 54.98 -3.71
N ILE L 27 12.63 54.51 -4.87
CA ILE L 27 12.76 55.31 -6.09
C ILE L 27 12.03 56.63 -5.94
N ASN L 28 10.84 56.61 -5.34
CA ASN L 28 10.08 57.84 -5.16
C ASN L 28 10.77 58.79 -4.17
N ASN L 29 11.30 58.25 -3.08
CA ASN L 29 12.01 59.08 -2.11
C ASN L 29 13.25 59.71 -2.73
N LEU L 30 13.91 59.01 -3.66
CA LEU L 30 15.05 59.59 -4.35
C LEU L 30 14.60 60.66 -5.34
N ILE L 31 13.50 60.41 -6.06
CA ILE L 31 12.98 61.38 -7.02
C ILE L 31 12.58 62.66 -6.32
N VAL L 32 12.05 62.56 -5.09
CA VAL L 32 11.63 63.74 -4.34
C VAL L 32 12.79 64.71 -4.18
N GLU L 33 13.98 64.20 -3.86
CA GLU L 33 15.13 65.07 -3.69
C GLU L 33 15.80 65.42 -5.00
N LEU L 34 15.74 64.53 -6.01
CA LEU L 34 16.28 64.88 -7.32
C LEU L 34 15.51 66.03 -7.95
N ILE L 35 14.20 66.11 -7.68
CA ILE L 35 13.40 67.23 -8.19
C ILE L 35 13.86 68.54 -7.56
N ARG L 36 14.15 68.52 -6.25
CA ARG L 36 14.59 69.72 -5.55
C ARG L 36 16.00 70.15 -5.96
N GLY L 37 16.75 69.29 -6.64
CA GLY L 37 18.10 69.63 -7.05
C GLY L 37 19.15 69.39 -6.00
N THR L 38 18.78 68.94 -4.80
CA THR L 38 19.74 68.75 -3.73
C THR L 38 20.79 67.70 -4.12
N GLY L 39 22.05 68.01 -3.82
CA GLY L 39 23.14 67.13 -4.17
C GLY L 39 23.78 67.39 -5.52
N SER L 40 23.42 68.48 -6.19
CA SER L 40 23.96 68.81 -7.51
C SER L 40 24.91 69.99 -7.39
N TYR L 41 26.10 69.85 -7.97
CA TYR L 41 27.13 70.86 -7.90
C TYR L 41 27.60 71.23 -9.31
N ASN L 42 28.07 72.47 -9.45
CA ASN L 42 28.84 72.92 -10.60
C ASN L 42 30.27 73.17 -10.13
N ARG L 43 31.09 73.74 -11.02
CA ARG L 43 32.49 73.99 -10.66
C ARG L 43 32.60 74.88 -9.43
N SER L 44 31.83 75.96 -9.39
CA SER L 44 31.90 76.90 -8.28
C SER L 44 31.53 76.23 -6.97
N SER L 45 30.34 75.61 -6.92
CA SER L 45 29.87 75.02 -5.67
C SER L 45 30.73 73.83 -5.26
N PHE L 46 31.21 73.04 -6.24
CA PHE L 46 32.09 71.92 -5.91
C PHE L 46 33.38 72.41 -5.27
N GLU L 47 34.08 73.33 -5.92
CA GLU L 47 35.33 73.83 -5.38
C GLU L 47 35.14 74.64 -4.11
N SER L 48 33.92 75.17 -3.88
CA SER L 48 33.65 75.90 -2.64
C SER L 48 33.41 74.93 -1.47
N SER L 49 32.57 73.93 -1.67
CA SER L 49 32.18 73.05 -0.58
C SER L 49 33.21 71.96 -0.30
N SER L 50 34.04 71.60 -1.29
CA SER L 50 35.04 70.57 -1.10
C SER L 50 36.36 71.09 -0.55
N GLY L 51 36.60 72.40 -0.64
CA GLY L 51 37.85 72.97 -0.19
C GLY L 51 39.00 72.85 -1.16
N LEU L 52 38.80 72.16 -2.29
CA LEU L 52 39.86 71.98 -3.27
C LEU L 52 40.11 73.28 -4.03
N VAL L 53 41.37 73.65 -4.17
CA VAL L 53 41.78 74.83 -4.91
C VAL L 53 42.56 74.39 -6.14
N TRP L 54 42.13 74.87 -7.31
CA TRP L 54 42.78 74.55 -8.58
C TRP L 54 43.88 75.57 -8.86
N THR L 55 45.12 75.08 -8.96
CA THR L 55 46.26 75.93 -9.29
C THR L 55 46.56 75.76 -10.78
N SER L 56 46.36 76.84 -11.54
CA SER L 56 46.49 76.81 -13.00
C SER L 56 47.97 76.88 -13.37
N GLY L 57 48.65 75.75 -13.20
CA GLY L 57 50.04 75.64 -13.56
C GLY L 57 50.26 75.76 -15.05
N PRO L 58 51.50 76.05 -15.46
CA PRO L 58 51.81 76.10 -16.89
C PRO L 58 51.91 74.70 -17.49
N ALA L 59 51.42 74.55 -18.71
CA ALA L 59 50.78 75.64 -19.43
C ALA L 59 49.30 75.33 -19.66
N GLY L 60 49.01 74.12 -20.12
CA GLY L 60 47.64 73.71 -20.36
C GLY L 60 47.11 72.73 -19.35
N GLU L 61 47.94 72.34 -18.38
CA GLU L 61 47.56 71.42 -17.32
C GLU L 61 47.43 72.16 -16.00
N GLY L 62 46.94 71.44 -14.99
CA GLY L 62 46.81 71.99 -13.67
C GLY L 62 46.47 70.89 -12.69
N SER L 63 46.21 71.30 -11.45
CA SER L 63 45.92 70.31 -10.42
C SER L 63 45.21 70.96 -9.24
N TYR L 64 44.46 70.12 -8.52
CA TYR L 64 43.88 70.51 -7.25
C TYR L 64 44.89 70.32 -6.13
N SER L 65 44.79 71.17 -5.12
CA SER L 65 45.67 71.10 -3.95
C SER L 65 44.93 70.36 -2.85
N ILE L 66 45.40 69.16 -2.53
CA ILE L 66 44.77 68.33 -1.50
C ILE L 66 45.30 68.74 -0.14
N THR L 67 44.40 69.23 0.71
CA THR L 67 44.76 69.69 2.05
C THR L 67 44.44 68.69 3.14
N THR L 68 43.34 67.95 3.00
CA THR L 68 42.95 66.92 3.95
C THR L 68 42.56 65.66 3.19
N PRO L 69 42.77 64.48 3.80
CA PRO L 69 42.43 63.24 3.09
C PRO L 69 40.95 63.06 2.84
N SER L 70 40.09 63.71 3.64
CA SER L 70 38.65 63.59 3.44
C SER L 70 38.20 64.07 2.07
N GLN L 71 39.06 64.81 1.37
CA GLN L 71 38.75 65.31 0.04
C GLN L 71 38.90 64.25 -1.04
N PHE L 72 39.48 63.08 -0.73
CA PHE L 72 39.67 62.05 -1.74
C PHE L 72 38.36 61.44 -2.21
N VAL L 73 37.27 61.64 -1.47
CA VAL L 73 35.97 61.12 -1.89
C VAL L 73 35.46 61.87 -3.11
N PHE L 74 35.74 63.18 -3.17
CA PHE L 74 35.26 64.01 -4.28
C PHE L 74 35.88 63.63 -5.61
N LEU L 75 37.08 63.06 -5.60
CA LEU L 75 37.80 62.72 -6.82
C LEU L 75 37.65 61.25 -7.20
N SER L 76 36.68 60.55 -6.63
CA SER L 76 36.47 59.15 -6.92
C SER L 76 35.44 59.00 -8.05
N SER L 77 34.84 57.82 -8.18
CA SER L 77 33.80 57.55 -9.18
C SER L 77 32.45 57.71 -8.49
N ALA L 78 32.04 58.98 -8.33
CA ALA L 78 30.86 59.28 -7.53
C ALA L 78 30.06 60.44 -8.12
N TRP L 79 30.02 60.57 -9.44
CA TRP L 79 29.35 61.68 -10.09
C TRP L 79 28.50 61.17 -11.25
N ALA L 80 27.34 61.81 -11.46
CA ALA L 80 26.43 61.41 -12.52
C ALA L 80 25.75 62.65 -13.09
N ASP L 81 25.34 62.54 -14.35
CA ASP L 81 24.59 63.61 -14.99
C ASP L 81 23.16 63.64 -14.44
N PRO L 82 22.63 64.82 -14.10
CA PRO L 82 21.27 64.86 -13.53
C PRO L 82 20.20 64.35 -14.48
N ILE L 83 20.27 64.72 -15.76
CA ILE L 83 19.26 64.28 -16.72
C ILE L 83 19.31 62.77 -16.87
N GLU L 84 20.52 62.21 -17.00
CA GLU L 84 20.66 60.77 -17.16
C GLU L 84 20.12 60.03 -15.93
N LEU L 85 20.38 60.57 -14.73
CA LEU L 85 19.92 59.93 -13.50
C LEU L 85 18.40 59.95 -13.40
N ILE L 86 17.79 61.12 -13.63
CA ILE L 86 16.34 61.20 -13.53
C ILE L 86 15.67 60.40 -14.64
N ASN L 87 16.34 60.24 -15.80
CA ASN L 87 15.79 59.38 -16.84
C ASN L 87 15.88 57.91 -16.44
N LEU L 88 16.96 57.51 -15.79
CA LEU L 88 17.03 56.17 -15.22
C LEU L 88 15.88 55.95 -14.26
N CYS L 89 15.57 56.94 -13.43
CA CYS L 89 14.46 56.80 -12.48
C CYS L 89 13.13 56.65 -13.20
N THR L 90 12.87 57.53 -14.18
CA THR L 90 11.56 57.51 -14.85
C THR L 90 11.38 56.23 -15.65
N ASN L 91 12.45 55.69 -16.25
CA ASN L 91 12.33 54.42 -16.96
C ASN L 91 12.30 53.22 -16.02
N ALA L 92 12.90 53.35 -14.83
CA ALA L 92 12.89 52.25 -13.88
C ALA L 92 11.51 52.09 -13.25
N LEU L 93 10.81 53.20 -13.03
CA LEU L 93 9.46 53.09 -12.45
C LEU L 93 8.49 52.32 -13.34
N GLY L 94 8.85 52.05 -14.59
CA GLY L 94 7.98 51.30 -15.47
C GLY L 94 8.48 49.90 -15.78
N ASN L 95 9.08 49.25 -14.79
CA ASN L 95 9.62 47.91 -14.96
C ASN L 95 8.84 46.90 -14.11
N GLN L 96 8.95 45.63 -14.49
CA GLN L 96 8.31 44.53 -13.78
C GLN L 96 9.26 44.05 -12.69
N PHE L 97 9.18 44.68 -11.51
CA PHE L 97 10.04 44.31 -10.40
C PHE L 97 9.62 43.00 -9.73
N GLN L 98 8.60 42.31 -10.24
CA GLN L 98 8.31 40.96 -9.78
C GLN L 98 9.37 39.97 -10.26
N THR L 99 10.08 40.28 -11.33
CA THR L 99 11.09 39.40 -11.89
C THR L 99 12.48 39.76 -11.35
N GLN L 100 13.35 38.75 -11.31
CA GLN L 100 14.72 38.95 -10.85
C GLN L 100 15.57 39.67 -11.90
N HIS L 101 15.31 39.41 -13.18
CA HIS L 101 16.09 40.02 -14.25
C HIS L 101 16.04 41.54 -14.17
N ALA L 102 14.85 42.11 -13.96
CA ALA L 102 14.73 43.56 -13.87
C ALA L 102 15.41 44.11 -12.63
N ARG L 103 15.21 43.45 -11.48
CA ARG L 103 15.83 43.90 -10.24
C ARG L 103 17.36 43.86 -10.35
N THR L 104 17.91 43.00 -11.21
CA THR L 104 19.34 42.98 -11.42
C THR L 104 19.78 44.06 -12.39
N VAL L 105 19.06 44.20 -13.51
CA VAL L 105 19.46 45.13 -14.55
C VAL L 105 19.40 46.57 -14.05
N VAL L 106 18.28 46.96 -13.44
CA VAL L 106 18.15 48.35 -13.01
C VAL L 106 19.07 48.63 -11.83
N GLN L 107 19.38 47.62 -11.02
CA GLN L 107 20.37 47.81 -9.96
C GLN L 107 21.75 48.09 -10.56
N ARG L 108 22.13 47.33 -11.59
CA ARG L 108 23.39 47.60 -12.27
C ARG L 108 23.40 48.99 -12.91
N GLN L 109 22.24 49.42 -13.43
CA GLN L 109 22.16 50.76 -14.03
C GLN L 109 22.33 51.85 -12.97
N PHE L 110 21.73 51.66 -11.79
CA PHE L 110 21.89 52.63 -10.71
C PHE L 110 23.26 52.55 -10.05
N SER L 111 23.99 51.45 -10.24
CA SER L 111 25.34 51.35 -9.70
C SER L 111 26.41 51.84 -10.66
N GLU L 112 26.15 51.82 -11.97
CA GLU L 112 27.13 52.23 -12.97
C GLU L 112 26.96 53.67 -13.44
N VAL L 113 25.90 54.35 -13.02
CA VAL L 113 25.71 55.74 -13.42
C VAL L 113 26.75 56.66 -12.78
N TRP L 114 27.34 56.23 -11.66
CA TRP L 114 28.32 57.05 -10.94
C TRP L 114 29.70 56.84 -11.57
N LYS L 115 30.17 57.85 -12.28
CA LYS L 115 31.47 57.85 -12.95
C LYS L 115 32.30 59.02 -12.44
N PRO L 116 33.62 58.96 -12.55
CA PRO L 116 34.45 60.09 -12.15
C PRO L 116 34.38 61.23 -13.15
N SER L 117 34.36 62.45 -12.65
CA SER L 117 34.45 63.63 -13.49
C SER L 117 35.57 64.55 -13.00
N PRO L 118 35.61 64.93 -11.72
CA PRO L 118 36.80 65.63 -11.21
C PRO L 118 37.89 64.64 -10.83
N GLN L 119 39.13 64.98 -11.17
CA GLN L 119 40.29 64.17 -10.81
C GLN L 119 41.40 65.11 -10.34
N VAL L 120 42.56 64.53 -10.01
CA VAL L 120 43.69 65.32 -9.55
C VAL L 120 44.18 66.24 -10.65
N THR L 121 44.26 65.73 -11.88
CA THR L 121 44.74 66.49 -13.03
C THR L 121 43.60 66.80 -14.01
N VAL L 122 42.36 66.71 -13.57
CA VAL L 122 41.20 67.00 -14.42
C VAL L 122 40.25 67.88 -13.60
N ARG L 123 40.16 69.15 -13.97
CA ARG L 123 39.31 70.07 -13.23
C ARG L 123 37.83 69.76 -13.49
N PHE L 124 37.00 70.15 -12.53
CA PHE L 124 35.55 70.00 -12.67
C PHE L 124 35.10 70.63 -13.98
N PRO L 125 34.14 70.01 -14.69
CA PRO L 125 33.66 70.60 -15.95
C PRO L 125 33.22 72.05 -15.77
N ASP L 126 33.44 72.83 -16.82
CA ASP L 126 33.28 74.29 -16.73
C ASP L 126 31.83 74.68 -16.45
N SER L 127 30.91 74.24 -17.31
CA SER L 127 29.53 74.70 -17.24
C SER L 127 28.53 73.64 -16.84
N ASP L 128 28.90 72.37 -16.90
CA ASP L 128 27.95 71.30 -16.59
C ASP L 128 27.70 71.22 -15.09
N PHE L 129 26.61 70.54 -14.73
CA PHE L 129 26.32 70.19 -13.35
C PHE L 129 26.48 68.69 -13.16
N LYS L 130 26.79 68.29 -11.93
CA LYS L 130 26.97 66.90 -11.60
C LYS L 130 26.31 66.60 -10.26
N VAL L 131 25.85 65.36 -10.11
CA VAL L 131 25.19 64.90 -8.90
C VAL L 131 26.17 64.09 -8.07
N TYR L 132 26.29 64.42 -6.79
CA TYR L 132 27.29 63.84 -5.91
C TYR L 132 26.71 62.60 -5.22
N ARG L 133 27.39 61.46 -5.39
CA ARG L 133 26.90 60.21 -4.84
C ARG L 133 26.89 60.22 -3.32
N TYR L 134 27.88 60.85 -2.70
CA TYR L 134 28.01 60.86 -1.25
C TYR L 134 27.59 62.18 -0.63
N ASN L 135 26.68 62.90 -1.29
CA ASN L 135 26.04 64.05 -0.68
C ASN L 135 25.31 63.63 0.60
N ALA L 136 25.25 64.55 1.56
CA ALA L 136 24.70 64.20 2.87
C ALA L 136 23.25 63.74 2.77
N VAL L 137 22.48 64.30 1.84
CA VAL L 137 21.08 63.93 1.71
C VAL L 137 20.87 62.79 0.72
N LEU L 138 21.66 62.72 -0.34
CA LEU L 138 21.47 61.70 -1.37
C LEU L 138 22.08 60.36 -0.98
N ASP L 139 23.11 60.36 -0.12
CA ASP L 139 23.76 59.11 0.25
C ASP L 139 22.79 58.11 0.88
N PRO L 140 22.00 58.46 1.90
CA PRO L 140 21.08 57.45 2.47
C PRO L 140 20.04 56.97 1.48
N LEU L 141 19.53 57.87 0.63
CA LEU L 141 18.50 57.47 -0.32
C LEU L 141 19.06 56.51 -1.37
N VAL L 142 20.22 56.84 -1.93
CA VAL L 142 20.84 55.96 -2.92
C VAL L 142 21.23 54.62 -2.29
N THR L 143 21.71 54.64 -1.05
CA THR L 143 22.07 53.39 -0.38
C THR L 143 20.84 52.51 -0.16
N ALA L 144 19.76 53.09 0.37
CA ALA L 144 18.54 52.33 0.60
C ALA L 144 17.99 51.80 -0.71
N LEU L 145 18.05 52.60 -1.78
CA LEU L 145 17.54 52.16 -3.07
C LEU L 145 18.34 50.99 -3.61
N LEU L 146 19.68 51.11 -3.60
CA LEU L 146 20.52 50.01 -4.07
C LEU L 146 20.31 48.76 -3.23
N GLY L 147 20.06 48.91 -1.93
CA GLY L 147 19.80 47.76 -1.09
C GLY L 147 18.42 47.16 -1.25
N ALA L 148 17.47 47.93 -1.77
CA ALA L 148 16.11 47.41 -1.96
C ALA L 148 16.04 46.37 -3.06
N PHE L 149 16.96 46.37 -4.02
CA PHE L 149 16.98 45.37 -5.08
C PHE L 149 17.52 44.02 -4.62
N ASP L 150 18.03 43.93 -3.39
CA ASP L 150 18.70 42.73 -2.91
C ASP L 150 17.68 41.82 -2.24
N THR L 151 17.02 40.99 -3.04
CA THR L 151 16.04 40.04 -2.55
C THR L 151 16.20 38.71 -3.28
N ARG L 152 15.91 37.62 -2.57
CA ARG L 152 16.09 36.28 -3.13
C ARG L 152 15.05 35.98 -4.21
N THR M 13 21.73 -9.67 22.64
CA THR M 13 22.02 -10.78 23.54
C THR M 13 23.37 -11.40 23.21
N ARG M 14 24.44 -10.83 23.76
CA ARG M 14 25.80 -11.32 23.51
C ARG M 14 26.15 -12.36 24.57
N ARG M 15 25.71 -13.59 24.32
CA ARG M 15 26.09 -14.70 25.20
C ARG M 15 27.57 -15.07 25.02
N VAL M 16 28.21 -14.60 23.95
CA VAL M 16 29.62 -14.90 23.75
C VAL M 16 30.50 -14.07 24.67
N ASP M 17 30.02 -12.90 25.11
CA ASP M 17 30.81 -12.06 26.01
C ASP M 17 30.90 -12.64 27.42
N ASP M 18 29.96 -13.49 27.81
CA ASP M 18 30.01 -14.14 29.12
C ASP M 18 30.78 -15.46 29.07
N ALA M 19 30.76 -16.16 27.93
CA ALA M 19 31.51 -17.40 27.82
C ALA M 19 33.01 -17.18 27.84
N THR M 20 33.47 -16.05 27.29
CA THR M 20 34.90 -15.76 27.30
C THR M 20 35.43 -15.61 28.72
N VAL M 21 34.68 -14.90 29.58
CA VAL M 21 35.09 -14.73 30.97
C VAL M 21 35.18 -16.09 31.67
N ALA M 22 34.21 -16.96 31.42
CA ALA M 22 34.23 -18.27 32.05
C ALA M 22 35.40 -19.12 31.56
N ILE M 23 35.67 -19.08 30.26
CA ILE M 23 36.81 -19.82 29.71
C ILE M 23 38.11 -19.34 30.33
N ARG M 24 38.30 -18.02 30.40
CA ARG M 24 39.55 -17.49 30.93
C ARG M 24 39.69 -17.79 32.42
N SER M 25 38.59 -17.67 33.18
CA SER M 25 38.66 -17.97 34.60
C SER M 25 38.92 -19.46 34.84
N ALA M 26 38.40 -20.34 33.97
CA ALA M 26 38.69 -21.75 34.11
C ALA M 26 40.15 -22.06 33.80
N ILE M 27 40.69 -21.45 32.75
CA ILE M 27 42.11 -21.62 32.45
C ILE M 27 42.96 -21.15 33.63
N ASN M 28 42.58 -20.03 34.24
CA ASN M 28 43.34 -19.52 35.38
C ASN M 28 43.22 -20.45 36.58
N ASN M 29 42.03 -20.96 36.85
CA ASN M 29 41.85 -21.88 37.97
C ASN M 29 42.65 -23.16 37.78
N LEU M 30 42.81 -23.61 36.53
CA LEU M 30 43.64 -24.78 36.28
C LEU M 30 45.13 -24.45 36.42
N ILE M 31 45.54 -23.27 35.94
CA ILE M 31 46.94 -22.86 36.04
C ILE M 31 47.36 -22.72 37.49
N VAL M 32 46.44 -22.26 38.35
CA VAL M 32 46.78 -22.09 39.76
C VAL M 32 47.27 -23.40 40.37
N GLU M 33 46.61 -24.51 40.03
CA GLU M 33 47.02 -25.79 40.59
C GLU M 33 48.16 -26.43 39.79
N LEU M 34 48.24 -26.18 38.48
CA LEU M 34 49.37 -26.66 37.72
C LEU M 34 50.68 -26.05 38.20
N ILE M 35 50.64 -24.80 38.66
CA ILE M 35 51.84 -24.17 39.22
C ILE M 35 52.27 -24.90 40.49
N ARG M 36 51.31 -25.28 41.33
CA ARG M 36 51.62 -25.99 42.56
C ARG M 36 52.11 -27.41 42.32
N GLY M 37 51.93 -27.94 41.11
CA GLY M 37 52.36 -29.29 40.79
C GLY M 37 51.38 -30.38 41.18
N THR M 38 50.26 -30.05 41.80
CA THR M 38 49.30 -31.05 42.25
C THR M 38 48.76 -31.87 41.08
N GLY M 39 48.71 -33.19 41.26
CA GLY M 39 48.25 -34.08 40.23
C GLY M 39 49.34 -34.65 39.34
N SER M 40 50.60 -34.41 39.67
CA SER M 40 51.72 -34.91 38.87
C SER M 40 52.42 -36.03 39.62
N TYR M 41 52.65 -37.15 38.93
CA TYR M 41 53.23 -38.33 39.53
C TYR M 41 54.46 -38.77 38.73
N ASN M 42 55.38 -39.43 39.44
CA ASN M 42 56.47 -40.18 38.83
C ASN M 42 56.19 -41.67 39.07
N ARG M 43 57.17 -42.51 38.71
CA ARG M 43 56.99 -43.95 38.89
C ARG M 43 56.71 -44.30 40.34
N SER M 44 57.49 -43.73 41.26
CA SER M 44 57.34 -44.03 42.68
C SER M 44 55.95 -43.64 43.18
N SER M 45 55.57 -42.38 43.00
CA SER M 45 54.30 -41.91 43.53
C SER M 45 53.12 -42.57 42.83
N PHE M 46 53.25 -42.84 41.53
CA PHE M 46 52.17 -43.52 40.80
C PHE M 46 51.95 -44.92 41.36
N GLU M 47 53.00 -45.74 41.42
CA GLU M 47 52.87 -47.09 41.92
C GLU M 47 52.55 -47.14 43.40
N SER M 48 52.84 -46.07 44.15
CA SER M 48 52.49 -46.03 45.56
C SER M 48 51.01 -45.72 45.76
N SER M 49 50.50 -44.68 45.08
CA SER M 49 49.14 -44.22 45.30
C SER M 49 48.11 -45.05 44.54
N SER M 50 48.51 -45.71 43.45
CA SER M 50 47.57 -46.51 42.69
C SER M 50 47.46 -47.95 43.18
N GLY M 51 48.43 -48.41 43.96
CA GLY M 51 48.44 -49.77 44.45
C GLY M 51 48.95 -50.81 43.46
N LEU M 52 49.27 -50.39 42.24
CA LEU M 52 49.75 -51.33 41.23
C LEU M 52 51.18 -51.76 41.55
N VAL M 53 51.44 -53.06 41.49
CA VAL M 53 52.75 -53.63 41.73
C VAL M 53 53.27 -54.21 40.43
N TRP M 54 54.48 -53.83 40.05
CA TRP M 54 55.11 -54.30 38.83
C TRP M 54 55.87 -55.60 39.11
N THR M 55 55.46 -56.68 38.47
CA THR M 55 56.13 -57.97 38.60
C THR M 55 57.08 -58.13 37.41
N SER M 56 58.38 -58.13 37.68
CA SER M 56 59.41 -58.14 36.64
C SER M 56 59.60 -59.58 36.17
N GLY M 57 58.65 -60.05 35.36
CA GLY M 57 58.72 -61.36 34.78
C GLY M 57 59.86 -61.47 33.79
N PRO M 58 60.28 -62.70 33.49
CA PRO M 58 61.33 -62.89 32.49
C PRO M 58 60.80 -62.69 31.08
N ALA M 59 61.62 -62.07 30.23
CA ALA M 59 62.93 -61.57 30.64
C ALA M 59 63.00 -60.05 30.53
N GLY M 60 62.53 -59.51 29.41
CA GLY M 60 62.55 -58.08 29.21
C GLY M 60 61.18 -57.44 29.30
N GLU M 61 60.15 -58.24 29.52
CA GLU M 61 58.79 -57.76 29.67
C GLU M 61 58.33 -57.89 31.11
N GLY M 62 57.17 -57.33 31.38
CA GLY M 62 56.58 -57.40 32.70
C GLY M 62 55.15 -56.91 32.67
N SER M 63 54.56 -56.80 33.86
CA SER M 63 53.17 -56.37 33.95
C SER M 63 52.86 -55.90 35.36
N TYR M 64 51.83 -55.05 35.44
CA TYR M 64 51.25 -54.66 36.72
C TYR M 64 50.24 -55.69 37.18
N SER M 65 50.12 -55.83 38.50
CA SER M 65 49.18 -56.76 39.11
C SER M 65 47.91 -55.99 39.47
N ILE M 66 46.82 -56.32 38.77
CA ILE M 66 45.55 -55.64 38.99
C ILE M 66 44.82 -56.32 40.14
N THR M 67 44.58 -55.56 41.21
CA THR M 67 43.92 -56.09 42.40
C THR M 67 42.45 -55.68 42.48
N THR M 68 42.12 -54.47 42.05
CA THR M 68 40.74 -53.99 42.01
C THR M 68 40.48 -53.33 40.67
N PRO M 69 39.22 -53.37 40.19
CA PRO M 69 38.93 -52.77 38.88
C PRO M 69 39.08 -51.25 38.86
N SER M 70 38.98 -50.58 40.01
CA SER M 70 39.13 -49.13 40.06
C SER M 70 40.50 -48.68 39.56
N GLN M 71 41.47 -49.60 39.49
CA GLN M 71 42.81 -49.27 39.00
C GLN M 71 42.86 -49.17 37.48
N PHE M 72 41.81 -49.57 36.77
CA PHE M 72 41.84 -49.50 35.31
C PHE M 72 41.81 -48.07 34.80
N VAL M 73 41.44 -47.10 35.65
CA VAL M 73 41.46 -45.71 35.23
C VAL M 73 42.88 -45.23 35.04
N PHE M 74 43.81 -45.73 35.87
CA PHE M 74 45.20 -45.29 35.80
C PHE M 74 45.86 -45.74 34.49
N LEU M 75 45.40 -46.84 33.90
CA LEU M 75 45.98 -47.41 32.70
C LEU M 75 45.25 -46.99 31.43
N SER M 76 44.41 -45.97 31.51
CA SER M 76 43.67 -45.50 30.35
C SER M 76 44.46 -44.37 29.68
N SER M 77 43.80 -43.56 28.84
CA SER M 77 44.44 -42.44 28.17
C SER M 77 44.14 -41.18 28.97
N ALA M 78 44.90 -41.00 30.06
CA ALA M 78 44.61 -39.93 31.01
C ALA M 78 45.87 -39.28 31.57
N TRP M 79 46.93 -39.21 30.76
CA TRP M 79 48.22 -38.69 31.21
C TRP M 79 48.77 -37.70 30.20
N ALA M 80 49.46 -36.67 30.71
CA ALA M 80 50.03 -35.63 29.86
C ALA M 80 51.33 -35.14 30.48
N ASP M 81 52.20 -34.62 29.63
CA ASP M 81 53.45 -34.02 30.10
C ASP M 81 53.14 -32.68 30.76
N PRO M 82 53.72 -32.39 31.93
CA PRO M 82 53.40 -31.11 32.60
C PRO M 82 53.78 -29.90 31.76
N ILE M 83 54.96 -29.94 31.15
CA ILE M 83 55.41 -28.81 30.33
C ILE M 83 54.47 -28.59 29.16
N GLU M 84 54.09 -29.69 28.48
CA GLU M 84 53.18 -29.58 27.35
C GLU M 84 51.84 -29.00 27.76
N LEU M 85 51.31 -29.43 28.90
CA LEU M 85 50.00 -28.95 29.35
C LEU M 85 50.05 -27.47 29.72
N ILE M 86 51.06 -27.08 30.50
CA ILE M 86 51.14 -25.68 30.90
C ILE M 86 51.44 -24.79 29.69
N ASN M 87 52.13 -25.33 28.67
CA ASN M 87 52.34 -24.57 27.45
C ASN M 87 51.05 -24.42 26.66
N LEU M 88 50.23 -25.47 26.63
CA LEU M 88 48.89 -25.33 26.06
C LEU M 88 48.12 -24.22 26.75
N CYS M 89 48.23 -24.15 28.08
CA CYS M 89 47.53 -23.08 28.81
C CYS M 89 48.07 -21.70 28.46
N THR M 90 49.40 -21.54 28.44
CA THR M 90 49.97 -20.22 28.19
C THR M 90 49.68 -19.75 26.77
N ASN M 91 49.65 -20.67 25.79
CA ASN M 91 49.29 -20.29 24.43
C ASN M 91 47.78 -20.12 24.26
N ALA M 92 46.98 -20.81 25.07
CA ALA M 92 45.53 -20.67 24.97
C ALA M 92 45.07 -19.33 25.52
N LEU M 93 45.74 -18.82 26.56
CA LEU M 93 45.36 -17.52 27.08
C LEU M 93 45.53 -16.39 26.06
N GLY M 94 46.20 -16.63 24.94
CA GLY M 94 46.37 -15.61 23.93
C GLY M 94 45.57 -15.84 22.66
N ASN M 95 44.37 -16.39 22.79
CA ASN M 95 43.49 -16.65 21.66
C ASN M 95 42.25 -15.79 21.73
N GLN M 96 41.61 -15.60 20.58
CA GLN M 96 40.38 -14.83 20.47
C GLN M 96 39.20 -15.75 20.71
N PHE M 97 38.81 -15.88 21.98
CA PHE M 97 37.69 -16.74 22.33
C PHE M 97 36.34 -16.14 21.96
N GLN M 98 36.33 -14.97 21.33
CA GLN M 98 35.09 -14.46 20.74
C GLN M 98 34.68 -15.27 19.53
N THR M 99 35.62 -15.94 18.88
CA THR M 99 35.35 -16.75 17.69
C THR M 99 35.12 -18.21 18.08
N GLN M 100 34.32 -18.89 17.25
CA GLN M 100 34.03 -20.31 17.48
C GLN M 100 35.22 -21.18 17.10
N HIS M 101 35.96 -20.80 16.05
CA HIS M 101 37.10 -21.58 15.59
C HIS M 101 38.11 -21.80 16.72
N ALA M 102 38.43 -20.75 17.48
CA ALA M 102 39.39 -20.88 18.56
C ALA M 102 38.84 -21.73 19.69
N ARG M 103 37.57 -21.52 20.06
CA ARG M 103 36.97 -22.31 21.12
C ARG M 103 36.91 -23.78 20.76
N THR M 104 36.88 -24.09 19.45
CA THR M 104 36.91 -25.49 19.03
C THR M 104 38.33 -26.05 19.03
N VAL M 105 39.28 -25.28 18.49
CA VAL M 105 40.64 -25.77 18.35
C VAL M 105 41.28 -25.99 19.72
N VAL M 106 41.19 -25.01 20.61
CA VAL M 106 41.85 -25.15 21.90
C VAL M 106 41.14 -26.18 22.76
N GLN M 107 39.83 -26.37 22.56
CA GLN M 107 39.13 -27.45 23.25
C GLN M 107 39.63 -28.81 22.79
N ARG M 108 39.82 -28.97 21.48
CA ARG M 108 40.41 -30.22 20.98
C ARG M 108 41.82 -30.42 21.51
N GLN M 109 42.58 -29.33 21.66
CA GLN M 109 43.93 -29.45 22.20
C GLN M 109 43.91 -29.88 23.66
N PHE M 110 42.98 -29.34 24.45
CA PHE M 110 42.88 -29.75 25.85
C PHE M 110 42.25 -31.12 26.00
N SER M 111 41.58 -31.62 24.96
CA SER M 111 41.03 -32.96 25.01
C SER M 111 41.98 -34.03 24.50
N GLU M 112 42.94 -33.66 23.65
CA GLU M 112 43.88 -34.62 23.08
C GLU M 112 45.22 -34.65 23.80
N VAL M 113 45.45 -33.76 24.77
CA VAL M 113 46.71 -33.77 25.51
C VAL M 113 46.82 -35.02 26.39
N TRP M 114 45.69 -35.64 26.74
CA TRP M 114 45.69 -36.80 27.61
C TRP M 114 45.94 -38.05 26.77
N LYS M 115 47.13 -38.63 26.91
CA LYS M 115 47.55 -39.82 26.21
C LYS M 115 47.94 -40.89 27.22
N PRO M 116 47.91 -42.16 26.83
CA PRO M 116 48.33 -43.21 27.78
C PRO M 116 49.85 -43.25 27.93
N SER M 117 50.28 -43.50 29.16
CA SER M 117 51.69 -43.73 29.43
C SER M 117 51.87 -45.02 30.23
N PRO M 118 51.17 -45.24 31.34
CA PRO M 118 51.19 -46.57 31.96
C PRO M 118 50.16 -47.48 31.32
N GLN M 119 50.55 -48.73 31.10
CA GLN M 119 49.65 -49.74 30.56
C GLN M 119 49.84 -51.04 31.33
N VAL M 120 49.12 -52.08 30.90
CA VAL M 120 49.23 -53.37 31.56
C VAL M 120 50.62 -53.97 31.33
N THR M 121 51.14 -53.85 30.11
CA THR M 121 52.46 -54.38 29.77
C THR M 121 53.48 -53.29 29.52
N VAL M 122 53.22 -52.07 29.99
CA VAL M 122 54.13 -50.93 29.81
C VAL M 122 54.22 -50.20 31.15
N ARG M 123 55.36 -50.31 31.82
CA ARG M 123 55.54 -49.68 33.12
C ARG M 123 55.61 -48.17 32.98
N PHE M 124 55.24 -47.48 34.06
CA PHE M 124 55.37 -46.03 34.13
C PHE M 124 56.79 -45.61 33.77
N PRO M 125 56.97 -44.51 33.04
CA PRO M 125 58.32 -44.07 32.68
C PRO M 125 59.23 -43.92 33.90
N ASP M 126 60.51 -44.20 33.69
CA ASP M 126 61.46 -44.30 34.79
C ASP M 126 61.61 -42.96 35.52
N SER M 127 61.99 -41.91 34.78
CA SER M 127 62.34 -40.64 35.40
C SER M 127 61.37 -39.51 35.11
N ASP M 128 60.53 -39.65 34.08
CA ASP M 128 59.64 -38.57 33.70
C ASP M 128 58.49 -38.42 34.69
N PHE M 129 57.84 -37.27 34.63
CA PHE M 129 56.62 -36.99 35.38
C PHE M 129 55.43 -36.92 34.42
N LYS M 130 54.25 -37.26 34.94
CA LYS M 130 53.03 -37.20 34.16
C LYS M 130 51.92 -36.62 35.03
N VAL M 131 50.97 -35.95 34.38
CA VAL M 131 49.84 -35.31 35.05
C VAL M 131 48.61 -36.20 34.87
N TYR M 132 47.92 -36.48 35.97
CA TYR M 132 46.82 -37.44 35.98
C TYR M 132 45.51 -36.71 35.70
N ARG M 133 44.81 -37.15 34.66
CA ARG M 133 43.58 -36.47 34.23
C ARG M 133 42.50 -36.56 35.31
N TYR M 134 42.41 -37.69 36.01
CA TYR M 134 41.35 -37.92 36.98
C TYR M 134 41.83 -37.76 38.41
N ASN M 135 42.86 -36.94 38.63
CA ASN M 135 43.26 -36.55 39.97
C ASN M 135 42.11 -35.86 40.68
N ALA M 136 42.07 -36.03 42.01
CA ALA M 136 40.94 -35.52 42.79
C ALA M 136 40.78 -34.02 42.66
N VAL M 137 41.89 -33.28 42.54
CA VAL M 137 41.81 -31.83 42.45
C VAL M 137 41.73 -31.35 41.00
N LEU M 138 42.39 -32.05 40.07
CA LEU M 138 42.43 -31.60 38.68
C LEU M 138 41.19 -31.99 37.90
N ASP M 139 40.48 -33.06 38.30
CA ASP M 139 39.31 -33.49 37.55
C ASP M 139 38.24 -32.41 37.45
N PRO M 140 37.78 -31.78 38.54
CA PRO M 140 36.73 -30.76 38.37
C PRO M 140 37.19 -29.56 37.55
N LEU M 141 38.44 -29.14 37.72
CA LEU M 141 38.93 -27.98 36.98
C LEU M 141 39.03 -28.27 35.49
N VAL M 142 39.60 -29.42 35.12
CA VAL M 142 39.71 -29.77 33.71
C VAL M 142 38.34 -29.99 33.10
N THR M 143 37.41 -30.57 33.87
CA THR M 143 36.05 -30.77 33.36
C THR M 143 35.36 -29.44 33.10
N ALA M 144 35.42 -28.53 34.07
CA ALA M 144 34.82 -27.21 33.90
C ALA M 144 35.46 -26.47 32.73
N LEU M 145 36.78 -26.61 32.57
CA LEU M 145 37.46 -25.94 31.46
C LEU M 145 36.98 -26.48 30.12
N LEU M 146 36.94 -27.81 29.98
CA LEU M 146 36.45 -28.40 28.74
C LEU M 146 35.00 -28.01 28.46
N GLY M 147 34.19 -27.87 29.52
CA GLY M 147 32.81 -27.45 29.34
C GLY M 147 32.64 -25.98 29.05
N ALA M 148 33.63 -25.15 29.40
CA ALA M 148 33.53 -23.72 29.16
C ALA M 148 33.62 -23.36 27.68
N PHE M 149 34.24 -24.21 26.86
CA PHE M 149 34.31 -23.98 25.43
C PHE M 149 33.01 -24.30 24.71
N ASP M 150 32.02 -24.86 25.40
CA ASP M 150 30.78 -25.32 24.77
C ASP M 150 29.78 -24.18 24.77
N THR M 151 29.84 -23.34 23.74
CA THR M 151 28.91 -22.22 23.58
C THR M 151 28.55 -22.10 22.11
N ARG M 152 27.30 -21.69 21.87
CA ARG M 152 26.76 -21.58 20.51
C ARG M 152 27.39 -20.42 19.75
N THR N 13 13.84 28.84 6.43
CA THR N 13 14.95 29.44 7.15
C THR N 13 15.87 30.20 6.20
N ARG N 14 15.53 31.45 5.91
CA ARG N 14 16.32 32.27 5.00
C ARG N 14 17.35 33.06 5.82
N ARG N 15 18.47 32.39 6.11
CA ARG N 15 19.57 33.08 6.75
C ARG N 15 20.28 34.05 5.81
N VAL N 16 20.03 33.95 4.50
CA VAL N 16 20.65 34.86 3.55
C VAL N 16 20.02 36.25 3.63
N ASP N 17 18.77 36.33 4.09
CA ASP N 17 18.12 37.63 4.21
C ASP N 17 18.68 38.45 5.37
N ASP N 18 19.29 37.80 6.36
CA ASP N 18 19.92 38.50 7.47
C ASP N 18 21.37 38.86 7.18
N ALA N 19 22.07 38.04 6.39
CA ALA N 19 23.46 38.34 6.05
C ALA N 19 23.55 39.56 5.13
N THR N 20 22.58 39.75 4.25
CA THR N 20 22.60 40.90 3.36
C THR N 20 22.52 42.21 4.12
N VAL N 21 21.64 42.29 5.12
CA VAL N 21 21.51 43.50 5.93
C VAL N 21 22.83 43.80 6.64
N ALA N 22 23.46 42.76 7.20
CA ALA N 22 24.73 42.97 7.92
C ALA N 22 25.83 43.41 6.97
N ILE N 23 25.91 42.81 5.78
CA ILE N 23 26.92 43.21 4.81
C ILE N 23 26.74 44.66 4.41
N ARG N 24 25.49 45.05 4.11
CA ARG N 24 25.24 46.42 3.67
C ARG N 24 25.51 47.42 4.79
N SER N 25 25.10 47.10 6.02
CA SER N 25 25.37 47.99 7.14
C SER N 25 26.86 48.10 7.43
N ALA N 26 27.62 47.02 7.22
CA ALA N 26 29.07 47.10 7.41
C ALA N 26 29.72 47.96 6.34
N ILE N 27 29.29 47.81 5.09
CA ILE N 27 29.80 48.67 4.03
C ILE N 27 29.49 50.13 4.35
N ASN N 28 28.30 50.40 4.86
CA ASN N 28 27.93 51.78 5.21
C ASN N 28 28.77 52.30 6.36
N ASN N 29 28.99 51.47 7.39
CA ASN N 29 29.82 51.88 8.52
C ASN N 29 31.25 52.17 8.09
N LEU N 30 31.75 51.43 7.10
CA LEU N 30 33.09 51.71 6.58
C LEU N 30 33.10 53.00 5.77
N ILE N 31 32.07 53.21 4.94
CA ILE N 31 31.98 54.42 4.13
C ILE N 31 31.92 55.66 5.01
N VAL N 32 31.24 55.55 6.15
CA VAL N 32 31.11 56.70 7.06
C VAL N 32 32.48 57.22 7.47
N GLU N 33 33.42 56.32 7.77
CA GLU N 33 34.75 56.75 8.19
C GLU N 33 35.65 57.05 7.00
N LEU N 34 35.45 56.37 5.87
CA LEU N 34 36.22 56.69 4.67
C LEU N 34 35.91 58.11 4.18
N ILE N 35 34.68 58.57 4.35
CA ILE N 35 34.33 59.93 3.95
C ILE N 35 35.08 60.96 4.79
N ARG N 36 35.19 60.71 6.10
CA ARG N 36 35.91 61.62 6.99
C ARG N 36 37.41 61.61 6.75
N GLY N 37 37.93 60.63 6.01
CA GLY N 37 39.35 60.53 5.76
C GLY N 37 40.14 59.85 6.85
N THR N 38 39.50 59.42 7.95
CA THR N 38 40.20 58.79 9.05
C THR N 38 40.90 57.52 8.60
N GLY N 39 42.15 57.36 9.03
CA GLY N 39 42.94 56.21 8.65
C GLY N 39 43.77 56.39 7.40
N SER N 40 43.85 57.60 6.86
CA SER N 40 44.62 57.88 5.66
C SER N 40 45.87 58.66 6.04
N TYR N 41 47.02 58.20 5.56
CA TYR N 41 48.30 58.79 5.89
C TYR N 41 49.06 59.14 4.63
N ASN N 42 49.89 60.17 4.74
CA ASN N 42 50.93 60.48 3.76
C ASN N 42 52.29 60.21 4.41
N ARG N 43 53.37 60.59 3.72
CA ARG N 43 54.70 60.34 4.24
C ARG N 43 54.89 60.99 5.61
N SER N 44 54.47 62.25 5.74
CA SER N 44 54.66 62.98 6.99
C SER N 44 53.94 62.28 8.14
N SER N 45 52.63 62.06 8.00
CA SER N 45 51.86 61.48 9.10
C SER N 45 52.27 60.04 9.38
N PHE N 46 52.61 59.27 8.34
CA PHE N 46 53.07 57.91 8.54
C PHE N 46 54.35 57.87 9.37
N GLU N 47 55.38 58.59 8.92
CA GLU N 47 56.64 58.60 9.65
C GLU N 47 56.53 59.29 11.00
N SER N 48 55.52 60.14 11.20
CA SER N 48 55.32 60.76 12.51
C SER N 48 54.67 59.79 13.49
N SER N 49 53.58 59.13 13.07
CA SER N 49 52.81 58.29 13.99
C SER N 49 53.43 56.91 14.18
N SER N 50 54.22 56.42 13.22
CA SER N 50 54.82 55.10 13.35
C SER N 50 56.17 55.14 14.05
N GLY N 51 56.80 56.31 14.15
CA GLY N 51 58.11 56.41 14.77
C GLY N 51 59.27 56.04 13.88
N LEU N 52 59.01 55.59 12.66
CA LEU N 52 60.08 55.20 11.75
C LEU N 52 60.81 56.42 11.22
N VAL N 53 62.14 56.36 11.25
CA VAL N 53 63.00 57.42 10.74
C VAL N 53 63.76 56.89 9.53
N TRP N 54 63.67 57.62 8.43
CA TRP N 54 64.34 57.24 7.18
C TRP N 54 65.74 57.84 7.15
N THR N 55 66.75 56.98 7.09
CA THR N 55 68.15 57.41 6.99
C THR N 55 68.56 57.37 5.53
N SER N 56 68.82 58.54 4.96
CA SER N 56 69.11 58.66 3.53
C SER N 56 70.58 58.32 3.30
N GLY N 57 70.87 57.03 3.33
CA GLY N 57 72.20 56.53 3.08
C GLY N 57 72.64 56.76 1.65
N PRO N 58 73.95 56.71 1.40
CA PRO N 58 74.44 56.84 0.02
C PRO N 58 74.21 55.57 -0.77
N ALA N 59 73.85 55.74 -2.04
CA ALA N 59 73.64 57.05 -2.63
C ALA N 59 72.17 57.25 -3.01
N GLY N 60 71.59 56.24 -3.65
CA GLY N 60 70.20 56.32 -4.06
C GLY N 60 69.27 55.43 -3.26
N GLU N 61 69.81 54.68 -2.31
CA GLU N 61 69.02 53.81 -1.46
C GLU N 61 68.95 54.38 -0.04
N GLY N 62 68.13 53.74 0.78
CA GLY N 62 68.00 54.13 2.17
C GLY N 62 67.18 53.10 2.92
N SER N 63 66.89 53.41 4.18
CA SER N 63 66.16 52.45 4.99
C SER N 63 65.53 53.15 6.19
N TYR N 64 64.47 52.53 6.71
CA TYR N 64 63.88 52.94 7.97
C TYR N 64 64.61 52.30 9.13
N SER N 65 64.67 53.00 10.25
CA SER N 65 65.33 52.51 11.46
C SER N 65 64.27 51.91 12.37
N ILE N 66 64.33 50.58 12.55
CA ILE N 66 63.35 49.87 13.36
C ILE N 66 63.81 49.91 14.82
N THR N 67 63.02 50.54 15.67
CA THR N 67 63.34 50.69 17.09
C THR N 67 62.58 49.71 17.97
N THR N 68 61.33 49.40 17.63
CA THR N 68 60.51 48.45 18.36
C THR N 68 59.84 47.50 17.38
N PRO N 69 59.57 46.25 17.80
CA PRO N 69 58.94 45.30 16.87
C PRO N 69 57.52 45.68 16.49
N SER N 70 56.83 46.48 17.31
CA SER N 70 55.47 46.89 16.99
C SER N 70 55.39 47.68 15.70
N GLN N 71 56.52 48.18 15.20
CA GLN N 71 56.55 48.91 13.93
C GLN N 71 56.53 48.01 12.71
N PHE N 72 56.67 46.68 12.88
CA PHE N 72 56.67 45.79 11.73
C PHE N 72 55.32 45.72 11.04
N VAL N 73 54.24 46.16 11.70
CA VAL N 73 52.93 46.14 11.07
C VAL N 73 52.85 47.18 9.95
N PHE N 74 53.51 48.33 10.12
CA PHE N 74 53.45 49.39 9.13
C PHE N 74 54.13 49.00 7.83
N LEU N 75 55.11 48.10 7.87
CA LEU N 75 55.85 47.70 6.69
C LEU N 75 55.32 46.42 6.05
N SER N 76 54.11 46.00 6.44
CA SER N 76 53.50 44.79 5.90
C SER N 76 52.63 45.14 4.70
N SER N 77 51.70 44.24 4.34
CA SER N 77 50.78 44.46 3.23
C SER N 77 49.45 44.94 3.82
N ALA N 78 49.40 46.24 4.15
CA ALA N 78 48.27 46.80 4.87
C ALA N 78 47.92 48.20 4.39
N TRP N 79 48.12 48.48 3.10
CA TRP N 79 47.92 49.81 2.55
C TRP N 79 47.11 49.73 1.27
N ALA N 80 46.27 50.74 1.04
CA ALA N 80 45.43 50.78 -0.15
C ALA N 80 45.25 52.23 -0.58
N ASP N 81 45.00 52.42 -1.87
CA ASP N 81 44.73 53.75 -2.39
C ASP N 81 43.32 54.18 -1.97
N PRO N 82 43.13 55.41 -1.49
CA PRO N 82 41.79 55.82 -1.02
C PRO N 82 40.74 55.78 -2.12
N ILE N 83 41.07 56.25 -3.32
CA ILE N 83 40.09 56.26 -4.41
C ILE N 83 39.70 54.84 -4.79
N GLU N 84 40.68 53.94 -4.90
CA GLU N 84 40.39 52.56 -5.25
C GLU N 84 39.50 51.90 -4.19
N LEU N 85 39.75 52.18 -2.91
CA LEU N 85 38.97 51.58 -1.84
C LEU N 85 37.53 52.11 -1.86
N ILE N 86 37.35 53.42 -1.97
CA ILE N 86 36.00 53.96 -1.97
C ILE N 86 35.27 53.54 -3.25
N ASN N 87 35.99 53.31 -4.35
CA ASN N 87 35.36 52.81 -5.56
C ASN N 87 34.93 51.36 -5.39
N LEU N 88 35.75 50.55 -4.71
CA LEU N 88 35.33 49.20 -4.36
C LEU N 88 34.04 49.23 -3.55
N CYS N 89 33.95 50.16 -2.59
CA CYS N 89 32.73 50.25 -1.78
C CYS N 89 31.52 50.66 -2.62
N THR N 90 31.68 51.69 -3.46
CA THR N 90 30.54 52.19 -4.23
C THR N 90 30.06 51.16 -5.25
N ASN N 91 30.99 50.37 -5.83
CA ASN N 91 30.57 49.32 -6.74
C ASN N 91 30.05 48.09 -6.01
N ALA N 92 30.50 47.85 -4.78
CA ALA N 92 30.02 46.72 -4.02
C ALA N 92 28.60 46.91 -3.53
N LEU N 93 28.22 48.16 -3.20
CA LEU N 93 26.84 48.39 -2.77
C LEU N 93 25.81 48.06 -3.84
N GLY N 94 26.24 47.85 -5.09
CA GLY N 94 25.30 47.52 -6.15
C GLY N 94 25.38 46.08 -6.63
N ASN N 95 25.62 45.16 -5.71
CA ASN N 95 25.73 43.74 -6.02
C ASN N 95 24.58 42.96 -5.41
N GLN N 96 24.33 41.78 -5.98
CA GLN N 96 23.28 40.89 -5.49
C GLN N 96 23.90 39.99 -4.41
N PHE N 97 23.88 40.48 -3.17
CA PHE N 97 24.44 39.72 -2.06
C PHE N 97 23.56 38.55 -1.63
N GLN N 98 22.45 38.31 -2.31
CA GLN N 98 21.69 37.09 -2.11
C GLN N 98 22.44 35.88 -2.65
N THR N 99 23.35 36.07 -3.59
CA THR N 99 24.12 35.00 -4.20
C THR N 99 25.47 34.83 -3.49
N GLN N 100 25.98 33.60 -3.52
CA GLN N 100 27.27 33.30 -2.92
C GLN N 100 28.43 33.82 -3.76
N HIS N 101 28.29 33.80 -5.08
CA HIS N 101 29.35 34.27 -5.96
C HIS N 101 29.75 35.70 -5.65
N ALA N 102 28.76 36.58 -5.45
CA ALA N 102 29.08 37.98 -5.15
C ALA N 102 29.72 38.12 -3.79
N ARG N 103 29.18 37.43 -2.77
CA ARG N 103 29.76 37.51 -1.44
C ARG N 103 31.19 37.00 -1.42
N THR N 104 31.55 36.12 -2.34
CA THR N 104 32.93 35.66 -2.42
C THR N 104 33.81 36.64 -3.19
N VAL N 105 33.31 37.13 -4.32
CA VAL N 105 34.13 38.00 -5.18
C VAL N 105 34.43 39.32 -4.47
N VAL N 106 33.41 39.97 -3.91
CA VAL N 106 33.66 41.27 -3.29
C VAL N 106 34.46 41.09 -2.00
N GLN N 107 34.34 39.95 -1.33
CA GLN N 107 35.19 39.69 -0.18
C GLN N 107 36.65 39.55 -0.60
N ARG N 108 36.91 38.83 -1.68
CA ARG N 108 38.28 38.75 -2.20
C ARG N 108 38.80 40.11 -2.62
N GLN N 109 37.92 40.96 -3.18
CA GLN N 109 38.32 42.29 -3.58
C GLN N 109 38.67 43.16 -2.37
N PHE N 110 37.90 43.06 -1.29
CA PHE N 110 38.23 43.81 -0.08
C PHE N 110 39.40 43.20 0.68
N SER N 111 39.76 41.96 0.38
CA SER N 111 40.93 41.34 1.00
C SER N 111 42.21 41.59 0.23
N GLU N 112 42.13 41.82 -1.08
CA GLU N 112 43.31 42.02 -1.91
C GLU N 112 43.65 43.48 -2.15
N VAL N 113 42.78 44.42 -1.73
CA VAL N 113 43.09 45.84 -1.91
C VAL N 113 44.26 46.27 -1.04
N TRP N 114 44.55 45.53 0.03
CA TRP N 114 45.63 45.89 0.94
C TRP N 114 46.94 45.34 0.40
N LYS N 115 47.78 46.23 -0.10
CA LYS N 115 49.09 45.90 -0.66
C LYS N 115 50.17 46.67 0.10
N PRO N 116 51.41 46.19 0.06
CA PRO N 116 52.49 46.92 0.74
C PRO N 116 52.91 48.15 -0.06
N SER N 117 53.21 49.22 0.67
CA SER N 117 53.76 50.43 0.05
C SER N 117 55.04 50.85 0.77
N PRO N 118 55.04 51.02 2.10
CA PRO N 118 56.33 51.21 2.79
C PRO N 118 56.98 49.88 3.11
N GLN N 119 58.30 49.84 2.94
CA GLN N 119 59.09 48.66 3.27
C GLN N 119 60.36 49.11 3.98
N VAL N 120 61.22 48.13 4.30
CA VAL N 120 62.47 48.45 4.98
C VAL N 120 63.37 49.26 4.07
N THR N 121 63.44 48.90 2.79
CA THR N 121 64.27 49.60 1.81
C THR N 121 63.45 50.40 0.80
N VAL N 122 62.19 50.68 1.12
CA VAL N 122 61.30 51.43 0.24
C VAL N 122 60.58 52.47 1.08
N ARG N 123 60.95 53.73 0.93
CA ARG N 123 60.34 54.80 1.71
C ARG N 123 58.89 55.02 1.26
N PHE N 124 58.08 55.54 2.20
CA PHE N 124 56.71 55.90 1.89
C PHE N 124 56.67 56.79 0.66
N PRO N 125 55.68 56.62 -0.22
CA PRO N 125 55.58 57.47 -1.41
C PRO N 125 55.59 58.94 -1.06
N ASP N 126 56.19 59.74 -1.94
CA ASP N 126 56.47 61.14 -1.65
C ASP N 126 55.19 61.95 -1.44
N SER N 127 54.30 61.92 -2.43
CA SER N 127 53.13 62.79 -2.42
C SER N 127 51.80 62.04 -2.26
N ASP N 128 51.78 60.73 -2.49
CA ASP N 128 50.54 59.98 -2.44
C ASP N 128 50.04 59.81 -1.01
N PHE N 129 48.77 59.46 -0.89
CA PHE N 129 48.16 59.06 0.37
C PHE N 129 47.83 57.57 0.32
N LYS N 130 47.80 56.95 1.51
CA LYS N 130 47.47 55.54 1.63
C LYS N 130 46.59 55.33 2.85
N VAL N 131 45.74 54.30 2.78
CA VAL N 131 44.82 53.95 3.85
C VAL N 131 45.39 52.76 4.62
N TYR N 132 45.44 52.89 5.95
CA TYR N 132 46.10 51.92 6.80
C TYR N 132 45.09 50.86 7.25
N ARG N 133 45.39 49.59 6.96
CA ARG N 133 44.47 48.51 7.26
C ARG N 133 44.25 48.36 8.77
N TYR N 134 45.31 48.58 9.56
CA TYR N 134 45.25 48.38 11.00
C TYR N 134 45.15 49.70 11.76
N ASN N 135 44.60 50.73 11.12
CA ASN N 135 44.26 51.96 11.81
C ASN N 135 43.28 51.68 12.95
N ALA N 136 43.38 52.48 14.01
CA ALA N 136 42.60 52.23 15.22
C ALA N 136 41.09 52.23 14.93
N VAL N 137 40.64 53.08 14.00
CA VAL N 137 39.22 53.14 13.71
C VAL N 137 38.83 52.21 12.57
N LEU N 138 39.71 52.02 11.58
CA LEU N 138 39.37 51.22 10.41
C LEU N 138 39.51 49.72 10.65
N ASP N 139 40.37 49.30 11.59
CA ASP N 139 40.55 47.87 11.82
C ASP N 139 39.26 47.16 12.21
N PRO N 140 38.51 47.61 13.22
CA PRO N 140 37.26 46.87 13.56
C PRO N 140 36.25 46.89 12.44
N LEU N 141 36.13 48.01 11.73
CA LEU N 141 35.13 48.10 10.67
C LEU N 141 35.47 47.17 9.51
N VAL N 142 36.73 47.18 9.07
CA VAL N 142 37.14 46.29 7.99
C VAL N 142 37.04 44.83 8.41
N THR N 143 37.36 44.54 9.68
CA THR N 143 37.26 43.16 10.16
C THR N 143 35.82 42.68 10.15
N ALA N 144 34.90 43.50 10.69
CA ALA N 144 33.49 43.14 10.68
C ALA N 144 32.97 42.98 9.26
N LEU N 145 33.41 43.86 8.35
CA LEU N 145 32.98 43.77 6.97
C LEU N 145 33.42 42.48 6.32
N LEU N 146 34.72 42.15 6.45
CA LEU N 146 35.22 40.90 5.89
C LEU N 146 34.53 39.70 6.51
N GLY N 147 34.17 39.77 7.79
CA GLY N 147 33.47 38.67 8.43
C GLY N 147 32.01 38.56 8.07
N ALA N 148 31.40 39.64 7.60
CA ALA N 148 29.99 39.63 7.23
C ALA N 148 29.73 38.80 5.97
N PHE N 149 30.73 38.63 5.11
CA PHE N 149 30.57 37.83 3.91
C PHE N 149 30.61 36.33 4.19
N ASP N 150 30.91 35.93 5.41
CA ASP N 150 31.10 34.51 5.74
C ASP N 150 29.76 33.92 6.15
N THR N 151 29.00 33.45 5.17
CA THR N 151 27.71 32.82 5.41
C THR N 151 27.55 31.63 4.47
N ARG N 152 26.87 30.60 4.95
CA ARG N 152 26.69 29.36 4.22
C ARG N 152 25.75 29.54 3.03
N THR O 13 14.67 -18.91 22.40
CA THR O 13 14.51 -20.16 23.12
C THR O 13 15.66 -21.12 22.79
N ARG O 14 16.77 -20.99 23.52
CA ARG O 14 17.94 -21.83 23.29
C ARG O 14 17.84 -23.06 24.19
N ARG O 15 17.08 -24.05 23.70
CA ARG O 15 16.98 -25.32 24.41
C ARG O 15 18.28 -26.12 24.30
N VAL O 16 19.17 -25.77 23.38
CA VAL O 16 20.43 -26.48 23.24
C VAL O 16 21.39 -26.14 24.38
N ASP O 17 21.23 -24.97 25.00
CA ASP O 17 22.11 -24.58 26.10
C ASP O 17 21.81 -25.37 27.37
N ASP O 18 20.61 -25.91 27.51
CA ASP O 18 20.27 -26.74 28.66
C ASP O 18 20.60 -28.22 28.43
N ALA O 19 20.50 -28.67 27.18
CA ALA O 19 20.84 -30.06 26.88
C ALA O 19 22.33 -30.32 27.05
N THR O 20 23.16 -29.33 26.74
CA THR O 20 24.60 -29.49 26.90
C THR O 20 24.98 -29.69 28.36
N VAL O 21 24.37 -28.91 29.26
CA VAL O 21 24.63 -29.05 30.68
C VAL O 21 24.23 -30.44 31.16
N ALA O 22 23.08 -30.94 30.70
CA ALA O 22 22.63 -32.26 31.11
C ALA O 22 23.56 -33.35 30.59
N ILE O 23 24.01 -33.22 29.33
CA ILE O 23 24.93 -34.21 28.76
C ILE O 23 26.22 -34.24 29.56
N ARG O 24 26.78 -33.07 29.87
CA ARG O 24 28.04 -33.02 30.58
C ARG O 24 27.89 -33.54 32.01
N SER O 25 26.79 -33.19 32.69
CA SER O 25 26.58 -33.69 34.04
C SER O 25 26.37 -35.19 34.05
N ALA O 26 25.75 -35.75 33.00
CA ALA O 26 25.58 -37.19 32.93
C ALA O 26 26.92 -37.88 32.68
N ILE O 27 27.74 -37.33 31.80
CA ILE O 27 29.08 -37.89 31.57
C ILE O 27 29.88 -37.87 32.87
N ASN O 28 29.79 -36.78 33.63
CA ASN O 28 30.53 -36.69 34.88
C ASN O 28 30.01 -37.69 35.91
N ASN O 29 28.68 -37.82 36.02
CA ASN O 29 28.11 -38.78 36.96
C ASN O 29 28.49 -40.21 36.60
N LEU O 30 28.65 -40.50 35.30
CA LEU O 30 29.11 -41.83 34.90
C LEU O 30 30.59 -42.02 35.21
N ILE O 31 31.40 -40.98 34.98
CA ILE O 31 32.83 -41.05 35.25
C ILE O 31 33.07 -41.28 36.74
N VAL O 32 32.24 -40.68 37.60
CA VAL O 32 32.41 -40.83 39.04
C VAL O 32 32.36 -42.31 39.43
N GLU O 33 31.44 -43.07 38.83
CA GLU O 33 31.33 -44.49 39.17
C GLU O 33 32.32 -45.34 38.40
N LEU O 34 32.68 -44.95 37.17
CA LEU O 34 33.71 -45.67 36.44
C LEU O 34 35.06 -45.59 37.14
N ILE O 35 35.34 -44.47 37.81
CA ILE O 35 36.59 -44.33 38.56
C ILE O 35 36.62 -45.33 39.71
N ARG O 36 35.50 -45.50 40.41
CA ARG O 36 35.43 -46.44 41.52
C ARG O 36 35.50 -47.90 41.07
N GLY O 37 35.34 -48.17 39.78
CA GLY O 37 35.39 -49.52 39.28
C GLY O 37 34.08 -50.28 39.37
N THR O 38 33.03 -49.68 39.93
CA THR O 38 31.77 -50.37 40.10
C THR O 38 31.20 -50.81 38.76
N GLY O 39 30.70 -52.05 38.70
CA GLY O 39 30.16 -52.60 37.49
C GLY O 39 31.12 -53.35 36.61
N SER O 40 32.34 -53.61 37.08
CA SER O 40 33.36 -54.32 36.32
C SER O 40 33.54 -55.72 36.88
N TYR O 41 33.51 -56.72 36.01
CA TYR O 41 33.61 -58.12 36.41
C TYR O 41 34.74 -58.83 35.67
N ASN O 42 35.30 -59.85 36.31
CA ASN O 42 36.18 -60.83 35.68
C ASN O 42 35.45 -62.17 35.62
N ARG O 43 36.17 -63.22 35.22
CA ARG O 43 35.54 -64.54 35.12
C ARG O 43 34.99 -64.99 36.46
N SER O 44 35.79 -64.84 37.52
CA SER O 44 35.38 -65.29 38.85
C SER O 44 34.13 -64.56 39.31
N SER O 45 34.17 -63.22 39.32
CA SER O 45 33.04 -62.46 39.84
C SER O 45 31.80 -62.60 38.94
N PHE O 46 32.01 -62.70 37.62
CA PHE O 46 30.88 -62.90 36.72
C PHE O 46 30.18 -64.22 37.00
N GLU O 47 30.93 -65.33 36.97
CA GLU O 47 30.34 -66.64 37.21
C GLU O 47 29.84 -66.80 38.64
N SER O 48 30.35 -65.99 39.58
CA SER O 48 29.87 -66.06 40.95
C SER O 48 28.53 -65.33 41.12
N SER O 49 28.45 -64.09 40.62
CA SER O 49 27.26 -63.27 40.84
C SER O 49 26.14 -63.56 39.85
N SER O 50 26.46 -64.10 38.67
CA SER O 50 25.44 -64.39 37.67
C SER O 50 24.79 -65.76 37.83
N GLY O 51 25.42 -66.66 38.59
CA GLY O 51 24.89 -67.99 38.77
C GLY O 51 25.18 -68.96 37.65
N LEU O 52 25.79 -68.51 36.56
CA LEU O 52 26.12 -69.39 35.45
C LEU O 52 27.31 -70.26 35.81
N VAL O 53 27.19 -71.57 35.55
CA VAL O 53 28.25 -72.53 35.81
C VAL O 53 28.72 -73.10 34.47
N TRP O 54 30.02 -73.05 34.24
CA TRP O 54 30.64 -73.56 33.03
C TRP O 54 30.97 -75.04 33.19
N THR O 55 30.38 -75.88 32.35
CA THR O 55 30.64 -77.32 32.36
C THR O 55 31.66 -77.62 31.27
N SER O 56 32.86 -78.05 31.67
CA SER O 56 33.97 -78.26 30.74
C SER O 56 33.79 -79.62 30.04
N GLY O 57 32.86 -79.64 29.09
CA GLY O 57 32.59 -80.81 28.30
C GLY O 57 33.75 -81.18 27.41
N PRO O 58 33.78 -82.42 26.94
CA PRO O 58 34.83 -82.83 25.98
C PRO O 58 34.55 -82.28 24.60
N ALA O 59 35.61 -81.88 23.91
CA ALA O 59 36.96 -81.88 24.47
C ALA O 59 37.49 -80.47 24.64
N GLY O 60 37.31 -79.65 23.60
CA GLY O 60 37.76 -78.27 23.65
C GLY O 60 36.63 -77.27 23.77
N GLU O 61 35.38 -77.74 23.78
CA GLU O 61 34.22 -76.88 23.92
C GLU O 61 33.60 -77.03 25.30
N GLY O 62 32.62 -76.18 25.56
CA GLY O 62 31.89 -76.22 26.81
C GLY O 62 30.70 -75.29 26.74
N SER O 63 30.02 -75.14 27.86
CA SER O 63 28.82 -74.31 27.87
C SER O 63 28.46 -73.92 29.30
N TYR O 64 27.74 -72.81 29.40
CA TYR O 64 27.12 -72.41 30.66
C TYR O 64 25.79 -73.13 30.82
N SER O 65 25.44 -73.43 32.05
CA SER O 65 24.17 -74.08 32.36
C SER O 65 23.17 -73.03 32.81
N ILE O 66 22.14 -72.80 31.99
CA ILE O 66 21.14 -71.79 32.29
C ILE O 66 20.08 -72.38 33.20
N THR O 67 19.96 -71.82 34.40
CA THR O 67 19.00 -72.30 35.40
C THR O 67 17.74 -71.46 35.47
N THR O 68 17.86 -70.15 35.28
CA THR O 68 16.71 -69.27 35.24
C THR O 68 16.82 -68.35 34.03
N PRO O 69 15.68 -67.92 33.48
CA PRO O 69 15.74 -67.05 32.29
C PRO O 69 16.33 -65.69 32.55
N SER O 70 16.31 -65.20 33.79
CA SER O 70 16.87 -63.90 34.11
C SER O 70 18.36 -63.83 33.80
N GLN O 71 19.02 -64.97 33.63
CA GLN O 71 20.43 -65.00 33.29
C GLN O 71 20.71 -64.71 31.82
N PHE O 72 19.69 -64.64 30.96
CA PHE O 72 19.92 -64.39 29.55
C PHE O 72 20.42 -62.97 29.29
N VAL O 73 20.28 -62.06 30.25
CA VAL O 73 20.79 -60.71 30.07
C VAL O 73 22.32 -60.72 30.07
N PHE O 74 22.91 -61.61 30.86
CA PHE O 74 24.37 -61.67 30.98
C PHE O 74 25.03 -62.11 29.67
N LEU O 75 24.33 -62.91 28.86
CA LEU O 75 24.89 -63.45 27.63
C LEU O 75 24.49 -62.64 26.40
N SER O 76 23.98 -61.43 26.58
CA SER O 76 23.58 -60.59 25.47
C SER O 76 24.75 -59.70 25.06
N SER O 77 24.46 -58.60 24.35
CA SER O 77 25.48 -57.65 23.92
C SER O 77 25.48 -56.49 24.92
N ALA O 78 26.14 -56.72 26.06
CA ALA O 78 26.09 -55.76 27.17
C ALA O 78 27.42 -55.65 27.90
N TRP O 79 28.54 -55.79 27.19
CA TRP O 79 29.86 -55.79 27.80
C TRP O 79 30.81 -54.88 27.03
N ALA O 80 31.70 -54.21 27.76
CA ALA O 80 32.68 -53.32 27.15
C ALA O 80 33.96 -53.36 27.95
N ASP O 81 35.06 -53.06 27.28
CA ASP O 81 36.35 -52.97 27.96
C ASP O 81 36.40 -51.70 28.80
N PRO O 82 36.86 -51.77 30.05
CA PRO O 82 36.85 -50.56 30.89
C PRO O 82 37.69 -49.42 30.34
N ILE O 83 38.89 -49.73 29.83
CA ILE O 83 39.76 -48.69 29.28
C ILE O 83 39.09 -48.01 28.08
N GLU O 84 38.51 -48.81 27.19
CA GLU O 84 37.85 -48.25 26.02
C GLU O 84 36.70 -47.35 26.41
N LEU O 85 35.91 -47.74 27.42
CA LEU O 85 34.76 -46.94 27.83
C LEU O 85 35.19 -45.64 28.48
N ILE O 86 36.16 -45.69 29.40
CA ILE O 86 36.59 -44.46 30.05
C ILE O 86 37.32 -43.56 29.06
N ASN O 87 37.95 -44.14 28.03
CA ASN O 87 38.57 -43.31 26.99
C ASN O 87 37.50 -42.64 26.14
N LEU O 88 36.41 -43.35 25.84
CA LEU O 88 35.27 -42.72 25.19
C LEU O 88 34.78 -41.53 26.01
N CYS O 89 34.73 -41.68 27.33
CA CYS O 89 34.30 -40.57 28.19
C CYS O 89 35.27 -39.40 28.13
N THR O 90 36.57 -39.67 28.24
CA THR O 90 37.54 -38.58 28.28
C THR O 90 37.60 -37.85 26.93
N ASN O 91 37.42 -38.56 25.82
CA ASN O 91 37.38 -37.89 24.53
C ASN O 91 36.03 -37.22 24.27
N ALA O 92 34.95 -37.73 24.87
CA ALA O 92 33.64 -37.13 24.69
C ALA O 92 33.52 -35.81 25.42
N LEU O 93 34.15 -35.67 26.58
CA LEU O 93 34.08 -34.41 27.30
C LEU O 93 34.67 -33.23 26.51
N GLY O 94 35.39 -33.50 25.43
CA GLY O 94 35.98 -32.43 24.63
C GLY O 94 35.32 -32.22 23.28
N ASN O 95 34.00 -32.39 23.21
CA ASN O 95 33.25 -32.22 21.97
C ASN O 95 32.33 -31.01 22.06
N GLN O 96 31.97 -30.50 20.89
CA GLN O 96 31.07 -29.34 20.78
C GLN O 96 29.63 -29.86 20.75
N PHE O 97 29.05 -30.03 21.94
CA PHE O 97 27.69 -30.54 22.03
C PHE O 97 26.63 -29.51 21.67
N GLN O 98 27.03 -28.30 21.26
CA GLN O 98 26.08 -27.37 20.68
C GLN O 98 25.61 -27.82 19.29
N THR O 99 26.40 -28.66 18.63
CA THR O 99 26.06 -29.16 17.30
C THR O 99 25.35 -30.50 17.40
N GLN O 100 24.51 -30.78 16.40
CA GLN O 100 23.79 -32.04 16.35
C GLN O 100 24.70 -33.19 15.92
N HIS O 101 25.67 -32.90 15.04
CA HIS O 101 26.59 -33.93 14.57
C HIS O 101 27.32 -34.61 15.71
N ALA O 102 27.82 -33.82 16.67
CA ALA O 102 28.54 -34.39 17.81
C ALA O 102 27.61 -35.18 18.71
N ARG O 103 26.42 -34.64 18.99
CA ARG O 103 25.46 -35.34 19.84
C ARG O 103 25.03 -36.66 19.21
N THR O 104 25.10 -36.76 17.89
CA THR O 104 24.78 -38.03 17.23
C THR O 104 25.98 -38.98 17.26
N VAL O 105 27.16 -38.48 16.95
CA VAL O 105 28.34 -39.34 16.85
C VAL O 105 28.69 -39.94 18.20
N VAL O 106 28.77 -39.11 19.24
CA VAL O 106 29.19 -39.65 20.54
C VAL O 106 28.09 -40.51 21.14
N GLN O 107 26.83 -40.25 20.81
CA GLN O 107 25.76 -41.15 21.25
C GLN O 107 25.89 -42.52 20.59
N ARG O 108 26.20 -42.55 19.29
CA ARG O 108 26.43 -43.83 18.63
C ARG O 108 27.65 -44.53 19.23
N GLN O 109 28.67 -43.76 19.62
CA GLN O 109 29.85 -44.37 20.23
C GLN O 109 29.51 -44.98 21.59
N PHE O 110 28.69 -44.31 22.38
CA PHE O 110 28.27 -44.85 23.68
C PHE O 110 27.25 -45.97 23.52
N SER O 111 26.61 -46.09 22.37
CA SER O 111 25.68 -47.18 22.14
C SER O 111 26.34 -48.42 21.54
N GLU O 112 27.45 -48.25 20.83
CA GLU O 112 28.12 -49.36 20.16
C GLU O 112 29.29 -49.93 20.96
N VAL O 113 29.69 -49.30 22.07
CA VAL O 113 30.77 -49.84 22.88
C VAL O 113 30.36 -51.15 23.55
N TRP O 114 29.06 -51.39 23.72
CA TRP O 114 28.58 -52.58 24.40
C TRP O 114 28.50 -53.73 23.41
N LYS O 115 29.43 -54.68 23.53
CA LYS O 115 29.52 -55.85 22.68
C LYS O 115 29.41 -57.12 23.52
N PRO O 116 29.04 -58.24 22.90
CA PRO O 116 28.97 -59.50 23.65
C PRO O 116 30.36 -60.07 23.91
N SER O 117 30.53 -60.65 25.10
CA SER O 117 31.76 -61.36 25.42
C SER O 117 31.44 -62.75 25.96
N PRO O 118 30.58 -62.90 26.97
CA PRO O 118 30.13 -64.24 27.34
C PRO O 118 28.96 -64.68 26.48
N GLN O 119 28.97 -65.94 26.07
CA GLN O 119 27.89 -66.53 25.31
C GLN O 119 27.61 -67.93 25.87
N VAL O 120 26.66 -68.62 25.23
CA VAL O 120 26.31 -69.97 25.68
C VAL O 120 27.48 -70.92 25.47
N THR O 121 28.16 -70.82 24.33
CA THR O 121 29.29 -71.68 24.01
C THR O 121 30.62 -70.95 24.05
N VAL O 122 30.67 -69.78 24.70
CA VAL O 122 31.89 -68.99 24.81
C VAL O 122 32.00 -68.52 26.25
N ARG O 123 32.96 -69.09 26.99
CA ARG O 123 33.14 -68.73 28.39
C ARG O 123 33.68 -67.31 28.51
N PHE O 124 33.41 -66.70 29.67
CA PHE O 124 33.96 -65.39 29.99
C PHE O 124 35.47 -65.39 29.80
N PRO O 125 36.05 -64.32 29.27
CA PRO O 125 37.51 -64.28 29.07
C PRO O 125 38.28 -64.60 30.34
N ASP O 126 39.44 -65.24 30.15
CA ASP O 126 40.20 -65.77 31.28
C ASP O 126 40.69 -64.66 32.20
N SER O 127 41.42 -63.69 31.64
CA SER O 127 42.09 -62.68 32.45
C SER O 127 41.54 -61.27 32.30
N ASP O 128 40.78 -61.00 31.24
CA ASP O 128 40.29 -59.65 30.99
C ASP O 128 39.16 -59.28 31.95
N PHE O 129 38.91 -57.99 32.06
CA PHE O 129 37.75 -57.45 32.77
C PHE O 129 36.78 -56.86 31.76
N LYS O 130 35.50 -56.83 32.13
CA LYS O 130 34.46 -56.27 31.29
C LYS O 130 33.50 -55.47 32.17
N VAL O 131 32.88 -54.46 31.58
CA VAL O 131 31.92 -53.60 32.27
C VAL O 131 30.52 -54.02 31.86
N TYR O 132 29.65 -54.22 32.85
CA TYR O 132 28.31 -54.76 32.62
C TYR O 132 27.33 -53.62 32.39
N ARG O 133 26.66 -53.64 31.24
CA ARG O 133 25.76 -52.54 30.88
C ARG O 133 24.58 -52.44 31.84
N TYR O 134 24.07 -53.58 32.32
CA TYR O 134 22.87 -53.62 33.14
C TYR O 134 23.19 -53.83 34.62
N ASN O 135 24.38 -53.43 35.06
CA ASN O 135 24.67 -53.39 36.49
C ASN O 135 23.71 -52.43 37.19
N ALA O 136 23.42 -52.74 38.46
CA ALA O 136 22.41 -51.97 39.20
C ALA O 136 22.77 -50.50 39.29
N VAL O 137 24.05 -50.17 39.42
CA VAL O 137 24.45 -48.78 39.58
C VAL O 137 24.73 -48.10 38.24
N LEU O 138 25.28 -48.83 37.26
CA LEU O 138 25.63 -48.21 36.00
C LEU O 138 24.43 -48.08 35.05
N ASP O 139 23.42 -48.93 35.21
CA ASP O 139 22.27 -48.88 34.31
C ASP O 139 21.57 -47.51 34.29
N PRO O 140 21.19 -46.93 35.44
CA PRO O 140 20.51 -45.62 35.36
C PRO O 140 21.40 -44.53 34.78
N LEU O 141 22.70 -44.55 35.10
CA LEU O 141 23.61 -43.52 34.61
C LEU O 141 23.78 -43.62 33.10
N VAL O 142 24.01 -44.83 32.59
CA VAL O 142 24.16 -45.01 31.14
C VAL O 142 22.85 -44.69 30.43
N THR O 143 21.71 -45.03 31.03
CA THR O 143 20.43 -44.71 30.40
C THR O 143 20.23 -43.21 30.31
N ALA O 144 20.46 -42.50 31.43
CA ALA O 144 20.32 -41.05 31.42
C ALA O 144 21.28 -40.40 30.44
N LEU O 145 22.51 -40.93 30.35
CA LEU O 145 23.49 -40.38 29.42
C LEU O 145 23.03 -40.54 27.98
N LEU O 146 22.61 -41.75 27.61
CA LEU O 146 22.11 -41.98 26.25
C LEU O 146 20.90 -41.12 25.95
N GLY O 147 20.05 -40.87 26.96
CA GLY O 147 18.89 -40.02 26.75
C GLY O 147 19.18 -38.53 26.69
N ALA O 148 20.32 -38.11 27.24
CA ALA O 148 20.67 -36.69 27.23
C ALA O 148 21.02 -36.18 25.84
N PHE O 149 21.46 -37.06 24.93
CA PHE O 149 21.77 -36.66 23.57
C PHE O 149 20.55 -36.46 22.70
N ASP O 150 19.35 -36.78 23.19
CA ASP O 150 18.14 -36.76 22.38
C ASP O 150 17.52 -35.37 22.49
N THR O 151 17.97 -34.45 21.64
CA THR O 151 17.44 -33.10 21.60
C THR O 151 17.32 -32.65 20.15
N ARG O 152 16.32 -31.81 19.89
CA ARG O 152 16.03 -31.35 18.53
C ARG O 152 17.10 -30.37 18.05
N THR P 13 25.45 1.07 20.65
CA THR P 13 26.15 0.28 21.65
C THR P 13 27.61 0.07 21.25
N ARG P 14 28.46 1.04 21.59
CA ARG P 14 29.88 0.98 21.26
C ARG P 14 30.63 0.31 22.40
N ARG P 15 30.61 -1.02 22.38
CA ARG P 15 31.39 -1.79 23.35
C ARG P 15 32.89 -1.71 23.08
N VAL P 16 33.29 -1.27 21.88
CA VAL P 16 34.71 -1.15 21.58
C VAL P 16 35.32 0.04 22.28
N ASP P 17 34.52 1.06 22.62
CA ASP P 17 35.04 2.23 23.32
C ASP P 17 35.41 1.92 24.76
N ASP P 18 34.81 0.88 25.36
CA ASP P 18 35.17 0.46 26.71
C ASP P 18 36.30 -0.54 26.73
N ALA P 19 36.41 -1.38 25.69
CA ALA P 19 37.51 -2.34 25.62
C ALA P 19 38.85 -1.66 25.41
N THR P 20 38.87 -0.56 24.66
CA THR P 20 40.12 0.16 24.42
C THR P 20 40.70 0.71 25.72
N VAL P 21 39.85 1.29 26.57
CA VAL P 21 40.30 1.80 27.85
C VAL P 21 40.89 0.67 28.71
N ALA P 22 40.23 -0.49 28.70
CA ALA P 22 40.73 -1.62 29.49
C ALA P 22 42.08 -2.11 28.96
N ILE P 23 42.22 -2.20 27.63
CA ILE P 23 43.48 -2.64 27.04
C ILE P 23 44.60 -1.67 27.41
N ARG P 24 44.35 -0.37 27.28
CA ARG P 24 45.39 0.61 27.57
C ARG P 24 45.75 0.62 29.05
N SER P 25 44.74 0.54 29.93
CA SER P 25 45.03 0.51 31.36
C SER P 25 45.77 -0.76 31.75
N ALA P 26 45.49 -1.88 31.08
CA ALA P 26 46.22 -3.11 31.37
C ALA P 26 47.67 -3.01 30.92
N ILE P 27 47.91 -2.44 29.73
CA ILE P 27 49.28 -2.22 29.28
C ILE P 27 50.03 -1.32 30.26
N ASN P 28 49.36 -0.28 30.76
CA ASN P 28 50.00 0.63 31.70
C ASN P 28 50.30 -0.06 33.03
N ASN P 29 49.35 -0.87 33.52
CA ASN P 29 49.57 -1.59 34.77
C ASN P 29 50.72 -2.58 34.64
N LEU P 30 50.91 -3.16 33.46
CA LEU P 30 52.05 -4.04 33.24
C LEU P 30 53.35 -3.25 33.15
N ILE P 31 53.31 -2.08 32.47
CA ILE P 31 54.50 -1.25 32.35
C ILE P 31 54.98 -0.79 33.72
N VAL P 32 54.04 -0.52 34.63
CA VAL P 32 54.41 -0.05 35.97
C VAL P 32 55.33 -1.05 36.65
N GLU P 33 55.03 -2.35 36.51
CA GLU P 33 55.86 -3.37 37.15
C GLU P 33 57.09 -3.72 36.32
N LEU P 34 57.00 -3.63 34.99
CA LEU P 34 58.18 -3.86 34.16
C LEU P 34 59.26 -2.81 34.42
N ILE P 35 58.85 -1.57 34.72
CA ILE P 35 59.82 -0.53 35.04
C ILE P 35 60.56 -0.86 36.33
N ARG P 36 59.84 -1.37 37.33
CA ARG P 36 60.45 -1.73 38.60
C ARG P 36 61.35 -2.95 38.50
N GLY P 37 61.29 -3.70 37.40
CA GLY P 37 62.11 -4.87 37.23
C GLY P 37 61.56 -6.14 37.85
N THR P 38 60.41 -6.07 38.51
CA THR P 38 59.84 -7.23 39.18
C THR P 38 59.52 -8.33 38.16
N GLY P 39 59.88 -9.57 38.52
CA GLY P 39 59.66 -10.70 37.65
C GLY P 39 60.80 -11.04 36.73
N SER P 40 61.96 -10.41 36.89
CA SER P 40 63.12 -10.66 36.06
C SER P 40 64.17 -11.42 36.86
N TYR P 41 64.68 -12.50 36.28
CA TYR P 41 65.65 -13.36 36.94
C TYR P 41 66.89 -13.52 36.08
N ASN P 42 68.02 -13.75 36.73
CA ASN P 42 69.23 -14.23 36.09
C ASN P 42 69.48 -15.67 36.52
N ARG P 43 70.66 -16.21 36.17
CA ARG P 43 70.96 -17.59 36.54
C ARG P 43 70.93 -17.78 38.04
N SER P 44 71.55 -16.87 38.78
CA SER P 44 71.62 -16.99 40.23
C SER P 44 70.22 -16.98 40.85
N SER P 45 69.44 -15.95 40.55
CA SER P 45 68.12 -15.83 41.17
C SER P 45 67.18 -16.93 40.69
N PHE P 46 67.28 -17.35 39.43
CA PHE P 46 66.45 -18.45 38.94
C PHE P 46 66.74 -19.74 39.69
N GLU P 47 68.01 -20.15 39.72
CA GLU P 47 68.37 -21.38 40.41
C GLU P 47 68.19 -21.29 41.92
N SER P 48 68.16 -20.07 42.48
CA SER P 48 67.91 -19.93 43.91
C SER P 48 66.42 -20.05 44.24
N SER P 49 65.56 -19.34 43.50
CA SER P 49 64.14 -19.29 43.83
C SER P 49 63.38 -20.50 43.30
N SER P 50 63.88 -21.16 42.27
CA SER P 50 63.20 -22.33 41.72
C SER P 50 63.60 -23.63 42.40
N GLY P 51 64.72 -23.64 43.14
CA GLY P 51 65.19 -24.85 43.78
C GLY P 51 65.94 -25.81 42.88
N LEU P 52 66.02 -25.52 41.59
CA LEU P 52 66.71 -26.41 40.67
C LEU P 52 68.22 -26.30 40.86
N VAL P 53 68.89 -27.43 40.92
CA VAL P 53 70.34 -27.50 41.06
C VAL P 53 70.92 -28.09 39.78
N TRP P 54 71.89 -27.40 39.20
CA TRP P 54 72.54 -27.83 37.98
C TRP P 54 73.71 -28.75 38.31
N THR P 55 73.64 -29.99 37.86
CA THR P 55 74.71 -30.96 38.04
C THR P 55 75.55 -31.00 36.77
N SER P 56 76.80 -30.55 36.87
CA SER P 56 77.68 -30.42 35.71
C SER P 56 78.28 -31.78 35.40
N GLY P 57 77.48 -32.63 34.78
CA GLY P 57 77.93 -33.95 34.38
C GLY P 57 78.99 -33.84 33.30
N PRO P 58 79.77 -34.90 33.12
CA PRO P 58 80.78 -34.89 32.05
C PRO P 58 80.12 -35.10 30.69
N ALA P 59 80.64 -34.40 29.69
CA ALA P 59 81.71 -33.43 29.89
C ALA P 59 81.23 -32.01 29.58
N GLY P 60 80.53 -31.85 28.46
CA GLY P 60 80.03 -30.55 28.08
C GLY P 60 78.54 -30.38 28.25
N GLU P 61 77.85 -31.42 28.70
CA GLU P 61 76.42 -31.39 28.96
C GLU P 61 76.15 -31.38 30.46
N GLY P 62 74.88 -31.19 30.80
CA GLY P 62 74.46 -31.23 32.18
C GLY P 62 72.95 -31.21 32.26
N SER P 63 72.46 -31.12 33.49
CA SER P 63 71.01 -31.15 33.69
C SER P 63 70.67 -30.58 35.07
N TYR P 64 69.43 -30.10 35.18
CA TYR P 64 68.88 -29.72 36.46
C TYR P 64 68.30 -30.94 37.16
N SER P 65 68.35 -30.92 38.50
CA SER P 65 67.81 -32.01 39.31
C SER P 65 66.41 -31.63 39.76
N ILE P 66 65.41 -32.34 39.24
CA ILE P 66 64.02 -32.07 39.55
C ILE P 66 63.64 -32.81 40.83
N THR P 67 63.27 -32.04 41.86
CA THR P 67 62.90 -32.61 43.16
C THR P 67 61.39 -32.66 43.38
N THR P 68 60.66 -31.65 42.89
CA THR P 68 59.21 -31.61 42.99
C THR P 68 58.62 -31.25 41.63
N PRO P 69 57.41 -31.73 41.34
CA PRO P 69 56.81 -31.44 40.02
C PRO P 69 56.47 -29.97 39.82
N SER P 70 56.26 -29.21 40.89
CA SER P 70 55.96 -27.79 40.76
C SER P 70 57.06 -27.02 40.05
N GLN P 71 58.25 -27.61 39.93
CA GLN P 71 59.36 -26.97 39.23
C GLN P 71 59.26 -27.07 37.72
N PHE P 72 58.32 -27.87 37.19
CA PHE P 72 58.20 -28.01 35.74
C PHE P 72 57.70 -26.73 35.06
N VAL P 73 57.12 -25.80 35.81
CA VAL P 73 56.66 -24.56 35.20
C VAL P 73 57.84 -23.72 34.75
N PHE P 74 58.95 -23.77 35.51
CA PHE P 74 60.12 -22.96 35.19
C PHE P 74 60.77 -23.39 33.88
N LEU P 75 60.63 -24.65 33.49
CA LEU P 75 61.26 -25.18 32.29
C LEU P 75 60.32 -25.20 31.09
N SER P 76 59.19 -24.49 31.17
CA SER P 76 58.21 -24.44 30.10
C SER P 76 58.52 -23.24 29.19
N SER P 77 57.54 -22.81 28.40
CA SER P 77 57.70 -21.66 27.51
C SER P 77 57.13 -20.43 28.22
N ALA P 78 57.93 -19.87 29.11
CA ALA P 78 57.44 -18.80 29.98
C ALA P 78 58.50 -17.74 30.23
N TRP P 79 59.37 -17.48 29.26
CA TRP P 79 60.46 -16.53 29.44
C TRP P 79 60.56 -15.60 28.23
N ALA P 80 60.92 -14.35 28.49
CA ALA P 80 61.04 -13.34 27.44
C ALA P 80 62.16 -12.38 27.79
N ASP P 81 62.72 -11.77 26.76
CA ASP P 81 63.74 -10.75 26.97
C ASP P 81 63.08 -9.48 27.51
N PRO P 82 63.64 -8.86 28.56
CA PRO P 82 62.99 -7.66 29.12
C PRO P 82 62.89 -6.52 28.12
N ILE P 83 63.96 -6.28 27.36
CA ILE P 83 63.96 -5.20 26.38
C ILE P 83 62.92 -5.47 25.30
N GLU P 84 62.86 -6.71 24.80
CA GLU P 84 61.89 -7.06 23.77
C GLU P 84 60.46 -6.87 24.27
N LEU P 85 60.20 -7.26 25.53
CA LEU P 85 58.85 -7.13 26.07
C LEU P 85 58.46 -5.67 26.25
N ILE P 86 59.34 -4.87 26.83
CA ILE P 86 59.00 -3.46 27.02
C ILE P 86 58.89 -2.75 25.68
N ASN P 87 59.63 -3.22 24.66
CA ASN P 87 59.48 -2.65 23.33
C ASN P 87 58.14 -3.03 22.72
N LEU P 88 57.69 -4.26 22.93
CA LEU P 88 56.33 -4.63 22.54
C LEU P 88 55.32 -3.71 23.19
N CYS P 89 55.52 -3.38 24.48
CA CYS P 89 54.58 -2.50 25.16
C CYS P 89 54.60 -1.09 24.55
N THR P 90 55.78 -0.53 24.32
CA THR P 90 55.87 0.83 23.82
C THR P 90 55.33 0.94 22.40
N ASN P 91 55.50 -0.09 21.57
CA ASN P 91 54.93 -0.07 20.24
C ASN P 91 53.44 -0.40 20.24
N ALA P 92 52.97 -1.16 21.24
CA ALA P 92 51.55 -1.49 21.31
C ALA P 92 50.72 -0.29 21.75
N LEU P 93 51.27 0.54 22.64
CA LEU P 93 50.51 1.71 23.08
C LEU P 93 50.24 2.69 21.94
N GLY P 94 50.88 2.54 20.78
CA GLY P 94 50.65 3.43 19.67
C GLY P 94 49.88 2.79 18.52
N ASN P 95 48.94 1.90 18.85
CA ASN P 95 48.12 1.21 17.87
C ASN P 95 46.67 1.64 17.98
N GLN P 96 45.93 1.42 16.89
CA GLN P 96 44.50 1.75 16.83
C GLN P 96 43.72 0.54 17.34
N PHE P 97 43.50 0.50 18.65
CA PHE P 97 42.75 -0.60 19.26
C PHE P 97 41.25 -0.51 18.99
N GLN P 98 40.80 0.48 18.23
CA GLN P 98 39.42 0.49 17.75
C GLN P 98 39.20 -0.58 16.70
N THR P 99 40.25 -1.04 16.03
CA THR P 99 40.15 -2.05 15.00
C THR P 99 40.42 -3.44 15.58
N GLN P 100 39.82 -4.45 14.95
CA GLN P 100 40.02 -5.83 15.38
C GLN P 100 41.38 -6.37 14.97
N HIS P 101 41.88 -5.96 13.80
CA HIS P 101 43.17 -6.45 13.32
C HIS P 101 44.28 -6.17 14.33
N ALA P 102 44.30 -4.95 14.89
CA ALA P 102 45.34 -4.61 15.85
C ALA P 102 45.18 -5.39 17.15
N ARG P 103 43.94 -5.51 17.64
CA ARG P 103 43.70 -6.27 18.86
C ARG P 103 44.08 -7.73 18.70
N THR P 104 44.06 -8.24 17.48
CA THR P 104 44.50 -9.61 17.25
C THR P 104 46.01 -9.70 17.13
N VAL P 105 46.62 -8.78 16.37
CA VAL P 105 48.06 -8.85 16.12
C VAL P 105 48.85 -8.64 17.40
N VAL P 106 48.52 -7.58 18.16
CA VAL P 106 49.29 -7.30 19.37
C VAL P 106 49.02 -8.35 20.44
N GLN P 107 47.83 -8.96 20.43
CA GLN P 107 47.57 -10.06 21.34
C GLN P 107 48.45 -11.27 21.01
N ARG P 108 48.57 -11.59 19.72
CA ARG P 108 49.48 -12.66 19.32
C ARG P 108 50.92 -12.33 19.69
N GLN P 109 51.29 -11.05 19.58
CA GLN P 109 52.65 -10.64 19.93
C GLN P 109 52.91 -10.80 21.43
N PHE P 110 51.92 -10.46 22.27
CA PHE P 110 52.07 -10.64 23.70
C PHE P 110 51.93 -12.08 24.13
N SER P 111 51.37 -12.95 23.29
CA SER P 111 51.27 -14.36 23.60
C SER P 111 52.45 -15.16 23.11
N GLU P 112 53.16 -14.69 22.08
CA GLU P 112 54.30 -15.40 21.53
C GLU P 112 55.64 -14.89 22.04
N VAL P 113 55.65 -13.80 22.81
CA VAL P 113 56.90 -13.30 23.36
C VAL P 113 57.49 -14.26 24.38
N TRP P 114 56.67 -15.13 24.96
CA TRP P 114 57.11 -16.07 25.99
C TRP P 114 57.68 -17.31 25.31
N LYS P 115 59.00 -17.46 25.36
CA LYS P 115 59.72 -18.59 24.77
C LYS P 115 60.49 -19.31 25.86
N PRO P 116 60.82 -20.59 25.65
CA PRO P 116 61.63 -21.30 26.65
C PRO P 116 63.09 -20.88 26.58
N SER P 117 63.71 -20.77 27.75
CA SER P 117 65.14 -20.52 27.84
C SER P 117 65.81 -21.55 28.74
N PRO P 118 65.32 -21.79 29.96
CA PRO P 118 65.83 -22.94 30.73
C PRO P 118 65.10 -24.21 30.33
N GLN P 119 65.86 -25.30 30.23
CA GLN P 119 65.32 -26.61 29.93
C GLN P 119 65.98 -27.63 30.83
N VAL P 120 65.61 -28.90 30.63
CA VAL P 120 66.19 -29.97 31.44
C VAL P 120 67.68 -30.13 31.13
N THR P 121 68.05 -30.05 29.86
CA THR P 121 69.45 -30.19 29.44
C THR P 121 70.05 -28.88 28.95
N VAL P 122 69.45 -27.74 29.31
CA VAL P 122 69.91 -26.42 28.89
C VAL P 122 69.88 -25.51 30.12
N ARG P 123 71.06 -25.17 30.65
CA ARG P 123 71.13 -24.33 31.82
C ARG P 123 70.69 -22.90 31.50
N PHE P 124 70.20 -22.21 32.52
CA PHE P 124 69.83 -20.81 32.39
C PHE P 124 71.00 -20.02 31.79
N PRO P 125 70.75 -19.06 30.90
CA PRO P 125 71.84 -18.29 30.30
C PRO P 125 72.74 -17.66 31.35
N ASP P 126 74.03 -17.57 31.01
CA ASP P 126 75.04 -17.18 31.98
C ASP P 126 74.82 -15.77 32.50
N SER P 127 74.78 -14.78 31.59
CA SER P 127 74.76 -13.39 31.99
C SER P 127 73.46 -12.67 31.67
N ASP P 128 72.63 -13.21 30.78
CA ASP P 128 71.42 -12.52 30.39
C ASP P 128 70.37 -12.58 31.51
N PHE P 129 69.38 -11.70 31.40
CA PHE P 129 68.20 -11.71 32.25
C PHE P 129 66.98 -12.15 31.45
N LYS P 130 66.01 -12.72 32.15
CA LYS P 130 64.77 -13.18 31.53
C LYS P 130 63.60 -12.81 32.43
N VAL P 131 62.45 -12.58 31.80
CA VAL P 131 61.21 -12.22 32.50
C VAL P 131 60.33 -13.46 32.60
N TYR P 132 59.85 -13.75 33.80
CA TYR P 132 59.12 -14.98 34.07
C TYR P 132 57.63 -14.74 33.88
N ARG P 133 57.01 -15.54 33.01
CA ARG P 133 55.59 -15.36 32.68
C ARG P 133 54.71 -15.60 33.91
N TYR P 134 55.08 -16.58 34.74
CA TYR P 134 54.26 -16.96 35.89
C TYR P 134 54.82 -16.42 37.20
N ASN P 135 55.54 -15.31 37.16
CA ASN P 135 55.91 -14.61 38.39
C ASN P 135 54.65 -14.19 39.14
N ALA P 136 54.76 -14.17 40.47
CA ALA P 136 53.59 -13.90 41.31
C ALA P 136 52.96 -12.55 41.00
N VAL P 137 53.76 -11.56 40.64
CA VAL P 137 53.23 -10.22 40.39
C VAL P 137 52.88 -10.04 38.90
N LEU P 138 53.65 -10.65 38.00
CA LEU P 138 53.42 -10.44 36.57
C LEU P 138 52.31 -11.33 36.02
N ASP P 139 52.04 -12.48 36.66
CA ASP P 139 51.02 -13.39 36.14
C ASP P 139 49.65 -12.73 36.04
N PRO P 140 49.10 -12.11 37.10
CA PRO P 140 47.77 -11.49 36.94
C PRO P 140 47.74 -10.37 35.92
N LEU P 141 48.81 -9.57 35.85
CA LEU P 141 48.83 -8.45 34.91
C LEU P 141 48.86 -8.95 33.46
N VAL P 142 49.73 -9.91 33.17
CA VAL P 142 49.80 -10.45 31.82
C VAL P 142 48.51 -11.17 31.46
N THR P 143 47.90 -11.86 32.42
CA THR P 143 46.63 -12.54 32.13
C THR P 143 45.53 -11.54 31.81
N ALA P 144 45.39 -10.51 32.63
CA ALA P 144 44.37 -9.50 32.38
C ALA P 144 44.63 -8.79 31.05
N LEU P 145 45.89 -8.52 30.73
CA LEU P 145 46.22 -7.87 29.47
C LEU P 145 45.81 -8.74 28.28
N LEU P 146 46.20 -10.02 28.31
CA LEU P 146 45.81 -10.92 27.22
C LEU P 146 44.29 -11.04 27.12
N GLY P 147 43.58 -10.98 28.25
CA GLY P 147 42.13 -11.06 28.22
C GLY P 147 41.46 -9.79 27.76
N ALA P 148 42.15 -8.65 27.87
CA ALA P 148 41.55 -7.38 27.44
C ALA P 148 41.38 -7.28 25.93
N PHE P 149 42.18 -8.03 25.16
CA PHE P 149 42.06 -8.02 23.71
C PHE P 149 40.88 -8.83 23.20
N ASP P 150 40.19 -9.56 24.08
CA ASP P 150 39.13 -10.49 23.67
C ASP P 150 37.81 -9.74 23.65
N THR P 151 37.51 -9.10 22.52
CA THR P 151 36.26 -8.38 22.34
C THR P 151 35.74 -8.62 20.92
N ARG P 152 34.42 -8.65 20.79
CA ARG P 152 33.76 -8.93 19.52
C ARG P 152 33.93 -7.79 18.53
N THR Q 13 -31.08 9.14 -7.13
CA THR Q 13 -31.88 10.32 -7.46
C THR Q 13 -32.49 10.18 -8.85
N ARG Q 14 -33.66 9.53 -8.93
CA ARG Q 14 -34.34 9.31 -10.20
C ARG Q 14 -35.30 10.46 -10.45
N ARG Q 15 -34.75 11.55 -10.99
CA ARG Q 15 -35.57 12.68 -11.41
C ARG Q 15 -36.39 12.37 -12.65
N VAL Q 16 -36.06 11.29 -13.38
CA VAL Q 16 -36.81 10.92 -14.56
C VAL Q 16 -38.15 10.30 -14.19
N ASP Q 17 -38.26 9.72 -12.99
CA ASP Q 17 -39.52 9.12 -12.56
C ASP Q 17 -40.58 10.17 -12.23
N ASP Q 18 -40.17 11.40 -11.91
CA ASP Q 18 -41.12 12.47 -11.68
C ASP Q 18 -41.47 13.24 -12.94
N ALA Q 19 -40.54 13.33 -13.89
CA ALA Q 19 -40.83 14.02 -15.15
C ALA Q 19 -41.86 13.26 -15.98
N THR Q 20 -41.84 11.93 -15.92
CA THR Q 20 -42.82 11.14 -16.66
C THR Q 20 -44.23 11.40 -16.16
N VAL Q 21 -44.41 11.49 -14.83
CA VAL Q 21 -45.72 11.78 -14.26
C VAL Q 21 -46.22 13.13 -14.74
N ALA Q 22 -45.33 14.14 -14.76
CA ALA Q 22 -45.72 15.47 -15.19
C ALA Q 22 -46.09 15.49 -16.67
N ILE Q 23 -45.31 14.79 -17.49
CA ILE Q 23 -45.60 14.72 -18.93
C ILE Q 23 -46.96 14.08 -19.17
N ARG Q 24 -47.23 12.96 -18.49
CA ARG Q 24 -48.49 12.25 -18.71
C ARG Q 24 -49.67 13.07 -18.19
N SER Q 25 -49.52 13.71 -17.03
CA SER Q 25 -50.61 14.52 -16.51
C SER Q 25 -50.87 15.73 -17.39
N ALA Q 26 -49.83 16.29 -18.02
CA ALA Q 26 -50.03 17.40 -18.94
C ALA Q 26 -50.75 16.94 -20.20
N ILE Q 27 -50.35 15.79 -20.73
CA ILE Q 27 -51.04 15.24 -21.90
C ILE Q 27 -52.51 15.00 -21.59
N ASN Q 28 -52.81 14.48 -20.40
CA ASN Q 28 -54.20 14.22 -20.02
C ASN Q 28 -54.98 15.52 -19.85
N ASN Q 29 -54.37 16.53 -19.21
CA ASN Q 29 -55.05 17.81 -19.03
C ASN Q 29 -55.31 18.47 -20.37
N LEU Q 30 -54.43 18.27 -21.37
CA LEU Q 30 -54.70 18.79 -22.70
C LEU Q 30 -55.80 18.00 -23.40
N ILE Q 31 -55.79 16.68 -23.25
CA ILE Q 31 -56.81 15.84 -23.89
C ILE Q 31 -58.20 16.19 -23.36
N VAL Q 32 -58.30 16.51 -22.07
CA VAL Q 32 -59.59 16.85 -21.48
C VAL Q 32 -60.23 18.01 -22.22
N GLU Q 33 -59.44 19.03 -22.58
CA GLU Q 33 -59.99 20.18 -23.28
C GLU Q 33 -60.10 19.96 -24.78
N LEU Q 34 -59.21 19.14 -25.35
CA LEU Q 34 -59.35 18.80 -26.77
C LEU Q 34 -60.62 18.02 -27.03
N ILE Q 35 -61.05 17.19 -26.08
CA ILE Q 35 -62.29 16.44 -26.23
C ILE Q 35 -63.49 17.39 -26.27
N ARG Q 36 -63.48 18.41 -25.42
CA ARG Q 36 -64.58 19.38 -25.38
C ARG Q 36 -64.61 20.26 -26.62
N GLY Q 37 -63.55 20.27 -27.43
CA GLY Q 37 -63.50 21.09 -28.61
C GLY Q 37 -63.05 22.52 -28.39
N THR Q 38 -62.76 22.89 -27.15
CA THR Q 38 -62.36 24.26 -26.86
C THR Q 38 -61.09 24.63 -27.61
N GLY Q 39 -61.09 25.82 -28.20
CA GLY Q 39 -59.95 26.29 -28.98
C GLY Q 39 -60.00 25.97 -30.45
N SER Q 40 -61.13 25.47 -30.95
CA SER Q 40 -61.27 25.10 -32.35
C SER Q 40 -62.19 26.10 -33.05
N TYR Q 41 -61.74 26.62 -34.20
CA TYR Q 41 -62.46 27.63 -34.93
C TYR Q 41 -62.67 27.18 -36.37
N ASN Q 42 -63.74 27.69 -36.99
CA ASN Q 42 -63.92 27.63 -38.42
C ASN Q 42 -63.80 29.06 -38.97
N ARG Q 43 -64.12 29.24 -40.26
CA ARG Q 43 -64.00 30.56 -40.86
C ARG Q 43 -64.88 31.58 -40.12
N SER Q 44 -66.13 31.21 -39.83
CA SER Q 44 -67.05 32.12 -39.17
C SER Q 44 -66.54 32.54 -37.80
N SER Q 45 -66.22 31.56 -36.95
CA SER Q 45 -65.81 31.88 -35.59
C SER Q 45 -64.45 32.58 -35.57
N PHE Q 46 -63.54 32.20 -36.47
CA PHE Q 46 -62.25 32.87 -36.54
C PHE Q 46 -62.41 34.35 -36.90
N GLU Q 47 -63.10 34.63 -38.00
CA GLU Q 47 -63.29 36.01 -38.43
C GLU Q 47 -64.19 36.79 -37.46
N SER Q 48 -65.00 36.11 -36.67
CA SER Q 48 -65.83 36.79 -35.68
C SER Q 48 -65.02 37.18 -34.45
N SER Q 49 -64.26 36.24 -33.89
CA SER Q 49 -63.56 36.47 -32.63
C SER Q 49 -62.24 37.23 -32.82
N SER Q 50 -61.63 37.16 -34.00
CA SER Q 50 -60.38 37.87 -34.23
C SER Q 50 -60.59 39.28 -34.74
N GLY Q 51 -61.78 39.61 -35.23
CA GLY Q 51 -62.04 40.93 -35.76
C GLY Q 51 -61.57 41.15 -37.19
N LEU Q 52 -60.92 40.17 -37.80
CA LEU Q 52 -60.42 40.33 -39.16
C LEU Q 52 -61.58 40.29 -40.16
N VAL Q 53 -61.59 41.23 -41.09
CA VAL Q 53 -62.61 41.32 -42.13
C VAL Q 53 -61.95 41.06 -43.47
N TRP Q 54 -62.51 40.11 -44.23
CA TRP Q 54 -61.98 39.75 -45.54
C TRP Q 54 -62.63 40.61 -46.61
N THR Q 55 -61.81 41.38 -47.33
CA THR Q 55 -62.27 42.21 -48.44
C THR Q 55 -62.02 41.45 -49.74
N SER Q 56 -63.10 41.06 -50.41
CA SER Q 56 -63.02 40.22 -51.61
C SER Q 56 -62.70 41.10 -52.82
N GLY Q 57 -61.43 41.50 -52.90
CA GLY Q 57 -60.95 42.27 -54.01
C GLY Q 57 -60.94 41.50 -55.31
N PRO Q 58 -60.92 42.21 -56.43
CA PRO Q 58 -60.81 41.54 -57.73
C PRO Q 58 -59.40 41.05 -57.99
N ALA Q 59 -59.30 39.88 -58.63
CA ALA Q 59 -60.47 39.09 -59.00
C ALA Q 59 -60.48 37.76 -58.24
N GLY Q 60 -59.34 37.09 -58.21
CA GLY Q 60 -59.23 35.83 -57.51
C GLY Q 60 -58.46 35.91 -56.21
N GLU Q 61 -57.97 37.09 -55.88
CA GLU Q 61 -57.24 37.32 -54.64
C GLU Q 61 -58.08 38.15 -53.68
N GLY Q 62 -57.56 38.30 -52.46
CA GLY Q 62 -58.21 39.10 -51.45
C GLY Q 62 -57.27 39.30 -50.28
N SER Q 63 -57.80 39.92 -49.22
CA SER Q 63 -56.96 40.21 -48.06
C SER Q 63 -57.81 40.51 -46.85
N TYR Q 64 -57.23 40.27 -45.68
CA TYR Q 64 -57.81 40.71 -44.42
C TYR Q 64 -57.41 42.15 -44.12
N SER Q 65 -58.31 42.86 -43.46
CA SER Q 65 -58.09 44.25 -43.06
C SER Q 65 -57.63 44.26 -41.61
N ILE Q 66 -56.36 44.62 -41.39
CA ILE Q 66 -55.77 44.63 -40.06
C ILE Q 66 -56.09 45.97 -39.39
N THR Q 67 -56.82 45.91 -38.28
CA THR Q 67 -57.23 47.10 -37.54
C THR Q 67 -56.36 47.38 -36.32
N THR Q 68 -55.92 46.33 -35.63
CA THR Q 68 -55.03 46.45 -34.48
C THR Q 68 -53.88 45.44 -34.61
N PRO Q 69 -52.71 45.77 -34.06
CA PRO Q 69 -51.57 44.83 -34.18
C PRO Q 69 -51.78 43.51 -33.45
N SER Q 70 -52.63 43.48 -32.43
CA SER Q 70 -52.88 42.25 -31.68
C SER Q 70 -53.43 41.15 -32.57
N GLN Q 71 -53.92 41.48 -33.77
CA GLN Q 71 -54.44 40.49 -34.70
C GLN Q 71 -53.35 39.73 -35.45
N PHE Q 72 -52.08 40.17 -35.34
CA PHE Q 72 -51.01 39.48 -36.06
C PHE Q 72 -50.70 38.10 -35.51
N VAL Q 73 -51.17 37.79 -34.29
CA VAL Q 73 -50.95 36.46 -33.75
C VAL Q 73 -51.79 35.43 -34.51
N PHE Q 74 -52.98 35.85 -34.94
CA PHE Q 74 -53.89 34.95 -35.65
C PHE Q 74 -53.33 34.53 -37.00
N LEU Q 75 -52.49 35.36 -37.61
CA LEU Q 75 -51.94 35.09 -38.93
C LEU Q 75 -50.54 34.48 -38.87
N SER Q 76 -50.12 34.00 -37.70
CA SER Q 76 -48.80 33.40 -37.55
C SER Q 76 -48.90 31.89 -37.76
N SER Q 77 -47.91 31.14 -37.29
CA SER Q 77 -47.89 29.69 -37.40
C SER Q 77 -48.41 29.11 -36.08
N ALA Q 78 -49.74 29.09 -35.94
CA ALA Q 78 -50.35 28.73 -34.67
C ALA Q 78 -51.63 27.93 -34.86
N TRP Q 79 -51.71 27.10 -35.91
CA TRP Q 79 -52.91 26.35 -36.22
C TRP Q 79 -52.57 24.89 -36.52
N ALA Q 80 -53.46 23.99 -36.11
CA ALA Q 80 -53.26 22.56 -36.32
C ALA Q 80 -54.61 21.90 -36.57
N ASP Q 81 -54.57 20.79 -37.27
CA ASP Q 81 -55.80 20.01 -37.49
C ASP Q 81 -56.18 19.30 -36.20
N PRO Q 82 -57.46 19.34 -35.81
CA PRO Q 82 -57.85 18.69 -34.54
C PRO Q 82 -57.56 17.20 -34.52
N ILE Q 83 -57.87 16.50 -35.61
CA ILE Q 83 -57.65 15.06 -35.67
C ILE Q 83 -56.17 14.75 -35.55
N GLU Q 84 -55.32 15.49 -36.28
CA GLU Q 84 -53.89 15.27 -36.21
C GLU Q 84 -53.35 15.51 -34.80
N LEU Q 85 -53.84 16.55 -34.13
CA LEU Q 85 -53.37 16.87 -32.79
C LEU Q 85 -53.77 15.80 -31.79
N ILE Q 86 -55.05 15.40 -31.81
CA ILE Q 86 -55.49 14.38 -30.85
C ILE Q 86 -54.85 13.04 -31.17
N ASN Q 87 -54.51 12.77 -32.44
CA ASN Q 87 -53.78 11.55 -32.76
C ASN Q 87 -52.35 11.61 -32.24
N LEU Q 88 -51.71 12.79 -32.33
CA LEU Q 88 -50.42 12.96 -31.69
C LEU Q 88 -50.51 12.66 -30.20
N CYS Q 89 -51.58 13.10 -29.55
CA CYS Q 89 -51.75 12.83 -28.13
C CYS Q 89 -51.91 11.34 -27.86
N THR Q 90 -52.79 10.67 -28.62
CA THR Q 90 -53.07 9.26 -28.37
C THR Q 90 -51.86 8.39 -28.65
N ASN Q 91 -51.04 8.76 -29.65
CA ASN Q 91 -49.81 8.00 -29.89
C ASN Q 91 -48.70 8.37 -28.91
N ALA Q 92 -48.72 9.60 -28.39
CA ALA Q 92 -47.70 10.00 -27.42
C ALA Q 92 -47.93 9.33 -26.07
N LEU Q 93 -49.18 9.10 -25.69
CA LEU Q 93 -49.44 8.42 -24.43
C LEU Q 93 -48.90 6.99 -24.40
N GLY Q 94 -48.48 6.44 -25.54
CA GLY Q 94 -47.94 5.11 -25.58
C GLY Q 94 -46.44 5.05 -25.85
N ASN Q 95 -45.70 6.03 -25.33
CA ASN Q 95 -44.25 6.10 -25.51
C ASN Q 95 -43.54 5.88 -24.19
N GLN Q 96 -42.26 5.49 -24.29
CA GLN Q 96 -41.40 5.28 -23.12
C GLN Q 96 -40.74 6.60 -22.78
N PHE Q 97 -41.42 7.40 -21.96
CA PHE Q 97 -40.88 8.70 -21.57
C PHE Q 97 -39.74 8.60 -20.55
N GLN Q 98 -39.33 7.38 -20.18
CA GLN Q 98 -38.11 7.21 -19.41
C GLN Q 98 -36.87 7.52 -20.23
N THR Q 99 -36.97 7.42 -21.55
CA THR Q 99 -35.85 7.69 -22.44
C THR Q 99 -35.88 9.12 -22.93
N GLN Q 100 -34.69 9.65 -23.24
CA GLN Q 100 -34.57 11.01 -23.75
C GLN Q 100 -35.00 11.13 -25.20
N HIS Q 101 -34.74 10.08 -25.99
CA HIS Q 101 -35.11 10.11 -27.41
C HIS Q 101 -36.60 10.38 -27.59
N ALA Q 102 -37.44 9.71 -26.80
CA ALA Q 102 -38.88 9.92 -26.92
C ALA Q 102 -39.28 11.31 -26.45
N ARG Q 103 -38.72 11.77 -25.32
CA ARG Q 103 -39.04 13.10 -24.82
C ARG Q 103 -38.63 14.19 -25.80
N THR Q 104 -37.63 13.91 -26.65
CA THR Q 104 -37.26 14.87 -27.69
C THR Q 104 -38.17 14.76 -28.91
N VAL Q 105 -38.44 13.53 -29.35
CA VAL Q 105 -39.21 13.34 -30.58
C VAL Q 105 -40.64 13.85 -30.41
N VAL Q 106 -41.32 13.45 -29.32
CA VAL Q 106 -42.70 13.87 -29.18
C VAL Q 106 -42.80 15.35 -28.86
N GLN Q 107 -41.78 15.93 -28.24
CA GLN Q 107 -41.76 17.38 -28.04
C GLN Q 107 -41.65 18.09 -29.38
N ARG Q 108 -40.79 17.61 -30.27
CA ARG Q 108 -40.70 18.18 -31.61
C ARG Q 108 -42.01 18.01 -32.37
N GLN Q 109 -42.70 16.88 -32.16
CA GLN Q 109 -43.98 16.67 -32.83
C GLN Q 109 -45.04 17.64 -32.32
N PHE Q 110 -45.07 17.89 -31.01
CA PHE Q 110 -46.02 18.85 -30.46
C PHE Q 110 -45.63 20.29 -30.76
N SER Q 111 -44.38 20.53 -31.16
CA SER Q 111 -43.97 21.86 -31.56
C SER Q 111 -44.15 22.13 -33.05
N GLU Q 112 -44.17 21.09 -33.88
CA GLU Q 112 -44.31 21.24 -35.32
C GLU Q 112 -45.72 21.06 -35.84
N VAL Q 113 -46.66 20.64 -34.98
CA VAL Q 113 -48.03 20.49 -35.44
C VAL Q 113 -48.67 21.83 -35.75
N TRP Q 114 -48.15 22.91 -35.18
CA TRP Q 114 -48.71 24.25 -35.37
C TRP Q 114 -48.14 24.86 -36.64
N LYS Q 115 -48.96 24.95 -37.68
CA LYS Q 115 -48.61 25.52 -38.96
C LYS Q 115 -49.56 26.66 -39.30
N PRO Q 116 -49.15 27.59 -40.17
CA PRO Q 116 -50.04 28.68 -40.53
C PRO Q 116 -51.13 28.22 -41.50
N SER Q 117 -52.33 28.76 -41.31
CA SER Q 117 -53.43 28.52 -42.24
C SER Q 117 -54.02 29.85 -42.70
N PRO Q 118 -54.41 30.76 -41.79
CA PRO Q 118 -54.80 32.11 -42.26
C PRO Q 118 -53.57 32.99 -42.43
N GLN Q 119 -53.59 33.78 -43.50
CA GLN Q 119 -52.54 34.76 -43.77
C GLN Q 119 -53.19 36.05 -44.26
N VAL Q 120 -52.35 37.03 -44.59
CA VAL Q 120 -52.86 38.30 -45.06
C VAL Q 120 -53.58 38.14 -46.39
N THR Q 121 -53.00 37.34 -47.29
CA THR Q 121 -53.58 37.10 -48.62
C THR Q 121 -54.12 35.68 -48.76
N VAL Q 122 -54.38 34.99 -47.65
CA VAL Q 122 -54.92 33.63 -47.66
C VAL Q 122 -56.05 33.57 -46.65
N ARG Q 123 -57.29 33.50 -47.13
CA ARG Q 123 -58.44 33.48 -46.24
C ARG Q 123 -58.51 32.15 -45.48
N PHE Q 124 -59.12 32.20 -44.31
CA PHE Q 124 -59.33 31.01 -43.52
C PHE Q 124 -60.03 29.95 -44.37
N PRO Q 125 -59.66 28.67 -44.23
CA PRO Q 125 -60.33 27.62 -45.01
C PRO Q 125 -61.83 27.66 -44.83
N ASP Q 126 -62.54 27.31 -45.90
CA ASP Q 126 -64.00 27.49 -45.95
C ASP Q 126 -64.70 26.60 -44.92
N SER Q 127 -64.47 25.29 -44.98
CA SER Q 127 -65.23 24.36 -44.16
C SER Q 127 -64.44 23.67 -43.07
N ASP Q 128 -63.12 23.68 -43.14
CA ASP Q 128 -62.33 22.96 -42.15
C ASP Q 128 -62.36 23.69 -40.81
N PHE Q 129 -61.98 22.95 -39.76
CA PHE Q 129 -61.78 23.52 -38.43
C PHE Q 129 -60.29 23.52 -38.12
N LYS Q 130 -59.88 24.46 -37.27
CA LYS Q 130 -58.49 24.58 -36.88
C LYS Q 130 -58.41 24.85 -35.39
N VAL Q 131 -57.32 24.39 -34.79
CA VAL Q 131 -57.07 24.56 -33.36
C VAL Q 131 -56.06 25.69 -33.17
N TYR Q 132 -56.39 26.65 -32.30
CA TYR Q 132 -55.60 27.86 -32.14
C TYR Q 132 -54.57 27.65 -31.03
N ARG Q 133 -53.30 27.84 -31.35
CA ARG Q 133 -52.23 27.60 -30.39
C ARG Q 133 -52.32 28.54 -29.20
N TYR Q 134 -52.71 29.79 -29.44
CA TYR Q 134 -52.73 30.81 -28.39
C TYR Q 134 -54.14 31.11 -27.89
N ASN Q 135 -55.04 30.13 -27.98
CA ASN Q 135 -56.34 30.23 -27.33
C ASN Q 135 -56.16 30.34 -25.82
N ALA Q 136 -57.07 31.06 -25.17
CA ALA Q 136 -56.93 31.37 -23.76
C ALA Q 136 -56.88 30.11 -22.90
N VAL Q 137 -57.60 29.06 -23.28
CA VAL Q 137 -57.64 27.85 -22.46
C VAL Q 137 -56.55 26.85 -22.88
N LEU Q 138 -56.23 26.77 -24.17
CA LEU Q 138 -55.25 25.81 -24.63
C LEU Q 138 -53.81 26.29 -24.44
N ASP Q 139 -53.60 27.60 -24.41
CA ASP Q 139 -52.23 28.13 -24.28
C ASP Q 139 -51.52 27.63 -23.03
N PRO Q 140 -52.08 27.75 -21.81
CA PRO Q 140 -51.34 27.25 -20.64
C PRO Q 140 -51.09 25.76 -20.70
N LEU Q 141 -52.06 24.99 -21.21
CA LEU Q 141 -51.90 23.54 -21.27
C LEU Q 141 -50.79 23.14 -22.23
N VAL Q 142 -50.78 23.73 -23.43
CA VAL Q 142 -49.74 23.43 -24.40
C VAL Q 142 -48.38 23.90 -23.90
N THR Q 143 -48.34 25.04 -23.22
CA THR Q 143 -47.07 25.54 -22.69
C THR Q 143 -46.52 24.59 -21.63
N ALA Q 144 -47.37 24.19 -20.67
CA ALA Q 144 -46.93 23.26 -19.64
C ALA Q 144 -46.51 21.92 -20.24
N LEU Q 145 -47.23 21.46 -21.26
CA LEU Q 145 -46.88 20.19 -21.89
C LEU Q 145 -45.52 20.27 -22.56
N LEU Q 146 -45.30 21.31 -23.38
CA LEU Q 146 -44.00 21.46 -24.03
C LEU Q 146 -42.88 21.63 -23.01
N GLY Q 147 -43.15 22.28 -21.89
CA GLY Q 147 -42.13 22.43 -20.87
C GLY Q 147 -41.88 21.18 -20.05
N ALA Q 148 -42.84 20.26 -20.01
CA ALA Q 148 -42.67 19.03 -19.26
C ALA Q 148 -41.63 18.10 -19.88
N PHE Q 149 -41.40 18.20 -21.19
CA PHE Q 149 -40.40 17.37 -21.85
C PHE Q 149 -38.98 17.86 -21.60
N ASP Q 150 -38.81 19.01 -20.97
CA ASP Q 150 -37.49 19.63 -20.79
C ASP Q 150 -36.91 19.13 -19.48
N THR Q 151 -36.25 17.98 -19.53
CA THR Q 151 -35.60 17.40 -18.37
C THR Q 151 -34.27 16.79 -18.78
N ARG Q 152 -33.30 16.84 -17.87
CA ARG Q 152 -31.94 16.38 -18.16
C ARG Q 152 -31.87 14.86 -18.29
#